data_5XNV
# 
_entry.id   5XNV 
# 
_audit_conform.dict_name       mmcif_pdbx.dic 
_audit_conform.dict_version    5.397 
_audit_conform.dict_location   http://mmcif.pdb.org/dictionaries/ascii/mmcif_pdbx.dic 
# 
loop_
_database_2.database_id 
_database_2.database_code 
_database_2.pdbx_database_accession 
_database_2.pdbx_DOI 
PDB   5XNV         pdb_00005xnv 10.2210/pdb5xnv/pdb 
WWPDB D_1300003854 ?            ?                   
# 
loop_
_pdbx_audit_revision_history.ordinal 
_pdbx_audit_revision_history.data_content_type 
_pdbx_audit_revision_history.major_revision 
_pdbx_audit_revision_history.minor_revision 
_pdbx_audit_revision_history.revision_date 
1 'Structure model' 1 0 2017-11-01 
2 'Structure model' 1 1 2023-11-22 
3 'Structure model' 1 2 2024-10-16 
# 
_pdbx_audit_revision_details.ordinal             1 
_pdbx_audit_revision_details.revision_ordinal    1 
_pdbx_audit_revision_details.data_content_type   'Structure model' 
_pdbx_audit_revision_details.provider            repository 
_pdbx_audit_revision_details.type                'Initial release' 
_pdbx_audit_revision_details.description         ? 
_pdbx_audit_revision_details.details             ? 
# 
loop_
_pdbx_audit_revision_group.ordinal 
_pdbx_audit_revision_group.revision_ordinal 
_pdbx_audit_revision_group.data_content_type 
_pdbx_audit_revision_group.group 
1 2 'Structure model' 'Data collection'        
2 2 'Structure model' 'Database references'    
3 2 'Structure model' 'Refinement description' 
4 3 'Structure model' 'Structure summary'      
# 
loop_
_pdbx_audit_revision_category.ordinal 
_pdbx_audit_revision_category.revision_ordinal 
_pdbx_audit_revision_category.data_content_type 
_pdbx_audit_revision_category.category 
1 2 'Structure model' chem_comp_atom                
2 2 'Structure model' chem_comp_bond                
3 2 'Structure model' database_2                    
4 2 'Structure model' pdbx_initial_refinement_model 
5 3 'Structure model' pdbx_entry_details            
6 3 'Structure model' pdbx_modification_feature     
# 
loop_
_pdbx_audit_revision_item.ordinal 
_pdbx_audit_revision_item.revision_ordinal 
_pdbx_audit_revision_item.data_content_type 
_pdbx_audit_revision_item.item 
1 2 'Structure model' '_database_2.pdbx_DOI'                
2 2 'Structure model' '_database_2.pdbx_database_accession' 
# 
_pdbx_database_status.status_code                     REL 
_pdbx_database_status.status_code_sf                  REL 
_pdbx_database_status.status_code_mr                  ? 
_pdbx_database_status.entry_id                        5XNV 
_pdbx_database_status.recvd_initial_deposition_date   2017-05-24 
_pdbx_database_status.SG_entry                        N 
_pdbx_database_status.deposit_site                    PDBJ 
_pdbx_database_status.process_site                    PDBJ 
_pdbx_database_status.status_code_cs                  ? 
_pdbx_database_status.methods_development_category    ? 
_pdbx_database_status.pdb_format_compatible           Y 
_pdbx_database_status.status_code_nmr_data            ? 
# 
loop_
_audit_author.name 
_audit_author.pdbx_ordinal 
_audit_author.identifier_ORCID 
'Li, H.T.'   1 ? 
'Guan, H.P.' 2 ? 
'Zhao, D.'   3 ? 
# 
_citation.abstract                  ? 
_citation.abstract_id_CAS           ? 
_citation.book_id_ISBN              ? 
_citation.book_publisher            ? 
_citation.book_publisher_city       ? 
_citation.book_title                ? 
_citation.coordinate_linkage        ? 
_citation.country                   UK 
_citation.database_id_Medline       ? 
_citation.details                   ? 
_citation.id                        primary 
_citation.journal_abbrev            'Nat Commun' 
_citation.journal_id_ASTM           ? 
_citation.journal_id_CSD            ? 
_citation.journal_id_ISSN           2041-1723 
_citation.journal_full              ? 
_citation.journal_issue             ? 
_citation.journal_volume            8 
_citation.language                  ? 
_citation.page_first                1088 
_citation.page_last                 1088 
_citation.title                     'YEATS2 links histone acetylation to tumorigenesis of non-small cell lung cancer.' 
_citation.year                      2017 
_citation.database_id_CSD           ? 
_citation.pdbx_database_id_DOI      10.1038/s41467-017-01173-4 
_citation.pdbx_database_id_PubMed   29057918 
_citation.unpublished_flag          ? 
# 
loop_
_citation_author.citation_id 
_citation_author.name 
_citation_author.ordinal 
_citation_author.identifier_ORCID 
primary 'Mi, W.'            1  ? 
primary 'Guan, H.'          2  ? 
primary 'Lyu, J.'           3  ? 
primary 'Zhao, D.'          4  ? 
primary 'Xi, Y.'            5  ? 
primary 'Jiang, S.'         6  ? 
primary 'Andrews, F.H.'     7  ? 
primary 'Wang, X.'          8  ? 
primary 'Gagea, M.'         9  ? 
primary 'Wen, H.'           10 ? 
primary 'Tora, L.'          11 ? 
primary 'Dent, S.Y.R.'      12 ? 
primary 'Kutateladze, T.G.' 13 ? 
primary 'Li, W.'            14 ? 
primary 'Li, H.'            15 ? 
primary 'Shi, X.'           16 ? 
# 
loop_
_entity.id 
_entity.type 
_entity.src_method 
_entity.pdbx_description 
_entity.formula_weight 
_entity.pdbx_number_of_molecules 
_entity.pdbx_ec 
_entity.pdbx_mutation 
_entity.pdbx_fragment 
_entity.details 
1 polymer     man 'YEATS domain-containing protein 2' 15818.110 1  ? ? 'UNP RESIDUES 201-332' ? 
2 polymer     syn ALA-ALA-ARG-ALY-SER-ALA-PRO-ALA     813.922   1  ? ? ?                      ? 
3 non-polymer syn 'AMMONIUM ION'                      18.038    3  ? ? ?                      ? 
4 non-polymer syn 'CHLORIDE ION'                      35.453    1  ? ? ?                      ? 
5 water       nat water                               18.015    13 ? ? ?                      ? 
# 
loop_
_entity_poly.entity_id 
_entity_poly.type 
_entity_poly.nstd_linkage 
_entity_poly.nstd_monomer 
_entity_poly.pdbx_seq_one_letter_code 
_entity_poly.pdbx_seq_one_letter_code_can 
_entity_poly.pdbx_strand_id 
_entity_poly.pdbx_target_identifier 
1 'polypeptide(L)' no no  
;STSRLFVKKTIVVGNVSKYIPPDKREENDQSTHKWMVYVRGSRREPSINHFVKKVWFFLHPSYKPNDLVEVREPPFHLTR
RGWGEFPVRVQVHFKDSQNKRIDIIHNLKLDRTYTGLQTLGAETVVDVELHRH
;
;STSRLFVKKTIVVGNVSKYIPPDKREENDQSTHKWMVYVRGSRREPSINHFVKKVWFFLHPSYKPNDLVEVREPPFHLTR
RGWGEFPVRVQVHFKDSQNKRIDIIHNLKLDRTYTGLQTLGAETVVDVELHRH
;
A ? 
2 'polypeptide(L)' no yes 'AAR(ALY)SAPA' AARKSAPA B ? 
# 
loop_
_pdbx_entity_nonpoly.entity_id 
_pdbx_entity_nonpoly.name 
_pdbx_entity_nonpoly.comp_id 
3 'AMMONIUM ION' NH4 
4 'CHLORIDE ION' CL  
5 water          HOH 
# 
loop_
_entity_poly_seq.entity_id 
_entity_poly_seq.num 
_entity_poly_seq.mon_id 
_entity_poly_seq.hetero 
1 1   SER n 
1 2   THR n 
1 3   SER n 
1 4   ARG n 
1 5   LEU n 
1 6   PHE n 
1 7   VAL n 
1 8   LYS n 
1 9   LYS n 
1 10  THR n 
1 11  ILE n 
1 12  VAL n 
1 13  VAL n 
1 14  GLY n 
1 15  ASN n 
1 16  VAL n 
1 17  SER n 
1 18  LYS n 
1 19  TYR n 
1 20  ILE n 
1 21  PRO n 
1 22  PRO n 
1 23  ASP n 
1 24  LYS n 
1 25  ARG n 
1 26  GLU n 
1 27  GLU n 
1 28  ASN n 
1 29  ASP n 
1 30  GLN n 
1 31  SER n 
1 32  THR n 
1 33  HIS n 
1 34  LYS n 
1 35  TRP n 
1 36  MET n 
1 37  VAL n 
1 38  TYR n 
1 39  VAL n 
1 40  ARG n 
1 41  GLY n 
1 42  SER n 
1 43  ARG n 
1 44  ARG n 
1 45  GLU n 
1 46  PRO n 
1 47  SER n 
1 48  ILE n 
1 49  ASN n 
1 50  HIS n 
1 51  PHE n 
1 52  VAL n 
1 53  LYS n 
1 54  LYS n 
1 55  VAL n 
1 56  TRP n 
1 57  PHE n 
1 58  PHE n 
1 59  LEU n 
1 60  HIS n 
1 61  PRO n 
1 62  SER n 
1 63  TYR n 
1 64  LYS n 
1 65  PRO n 
1 66  ASN n 
1 67  ASP n 
1 68  LEU n 
1 69  VAL n 
1 70  GLU n 
1 71  VAL n 
1 72  ARG n 
1 73  GLU n 
1 74  PRO n 
1 75  PRO n 
1 76  PHE n 
1 77  HIS n 
1 78  LEU n 
1 79  THR n 
1 80  ARG n 
1 81  ARG n 
1 82  GLY n 
1 83  TRP n 
1 84  GLY n 
1 85  GLU n 
1 86  PHE n 
1 87  PRO n 
1 88  VAL n 
1 89  ARG n 
1 90  VAL n 
1 91  GLN n 
1 92  VAL n 
1 93  HIS n 
1 94  PHE n 
1 95  LYS n 
1 96  ASP n 
1 97  SER n 
1 98  GLN n 
1 99  ASN n 
1 100 LYS n 
1 101 ARG n 
1 102 ILE n 
1 103 ASP n 
1 104 ILE n 
1 105 ILE n 
1 106 HIS n 
1 107 ASN n 
1 108 LEU n 
1 109 LYS n 
1 110 LEU n 
1 111 ASP n 
1 112 ARG n 
1 113 THR n 
1 114 TYR n 
1 115 THR n 
1 116 GLY n 
1 117 LEU n 
1 118 GLN n 
1 119 THR n 
1 120 LEU n 
1 121 GLY n 
1 122 ALA n 
1 123 GLU n 
1 124 THR n 
1 125 VAL n 
1 126 VAL n 
1 127 ASP n 
1 128 VAL n 
1 129 GLU n 
1 130 LEU n 
1 131 HIS n 
1 132 ARG n 
1 133 HIS n 
2 1   ALA n 
2 2   ALA n 
2 3   ARG n 
2 4   ALY n 
2 5   SER n 
2 6   ALA n 
2 7   PRO n 
2 8   ALA n 
# 
_entity_src_gen.entity_id                          1 
_entity_src_gen.pdbx_src_id                        1 
_entity_src_gen.pdbx_alt_source_flag               sample 
_entity_src_gen.pdbx_seq_type                      'Biological sequence' 
_entity_src_gen.pdbx_beg_seq_num                   1 
_entity_src_gen.pdbx_end_seq_num                   133 
_entity_src_gen.gene_src_common_name               Human 
_entity_src_gen.gene_src_genus                     ? 
_entity_src_gen.pdbx_gene_src_gene                 'YEATS2, KIAA1197' 
_entity_src_gen.gene_src_species                   ? 
_entity_src_gen.gene_src_strain                    ? 
_entity_src_gen.gene_src_tissue                    ? 
_entity_src_gen.gene_src_tissue_fraction           ? 
_entity_src_gen.gene_src_details                   ? 
_entity_src_gen.pdbx_gene_src_fragment             ? 
_entity_src_gen.pdbx_gene_src_scientific_name      'Homo sapiens' 
_entity_src_gen.pdbx_gene_src_ncbi_taxonomy_id     9606 
_entity_src_gen.pdbx_gene_src_variant              ? 
_entity_src_gen.pdbx_gene_src_cell_line            ? 
_entity_src_gen.pdbx_gene_src_atcc                 ? 
_entity_src_gen.pdbx_gene_src_organ                ? 
_entity_src_gen.pdbx_gene_src_organelle            ? 
_entity_src_gen.pdbx_gene_src_cell                 ? 
_entity_src_gen.pdbx_gene_src_cellular_location    ? 
_entity_src_gen.host_org_common_name               ? 
_entity_src_gen.pdbx_host_org_scientific_name      'Escherichia coli K-12' 
_entity_src_gen.pdbx_host_org_ncbi_taxonomy_id     83333 
_entity_src_gen.host_org_genus                     ? 
_entity_src_gen.pdbx_host_org_gene                 ? 
_entity_src_gen.pdbx_host_org_organ                ? 
_entity_src_gen.host_org_species                   ? 
_entity_src_gen.pdbx_host_org_tissue               ? 
_entity_src_gen.pdbx_host_org_tissue_fraction      ? 
_entity_src_gen.pdbx_host_org_strain               K-12 
_entity_src_gen.pdbx_host_org_variant              ? 
_entity_src_gen.pdbx_host_org_cell_line            ? 
_entity_src_gen.pdbx_host_org_atcc                 ? 
_entity_src_gen.pdbx_host_org_culture_collection   ? 
_entity_src_gen.pdbx_host_org_cell                 ? 
_entity_src_gen.pdbx_host_org_organelle            ? 
_entity_src_gen.pdbx_host_org_cellular_location    ? 
_entity_src_gen.pdbx_host_org_vector_type          ? 
_entity_src_gen.pdbx_host_org_vector               ? 
_entity_src_gen.host_org_details                   ? 
_entity_src_gen.expression_system_id               ? 
_entity_src_gen.plasmid_name                       ? 
_entity_src_gen.plasmid_details                    ? 
_entity_src_gen.pdbx_description                   ? 
# 
_pdbx_entity_src_syn.entity_id              2 
_pdbx_entity_src_syn.pdbx_src_id            1 
_pdbx_entity_src_syn.pdbx_alt_source_flag   sample 
_pdbx_entity_src_syn.pdbx_beg_seq_num       1 
_pdbx_entity_src_syn.pdbx_end_seq_num       8 
_pdbx_entity_src_syn.organism_scientific    'Homo sapiens' 
_pdbx_entity_src_syn.organism_common_name   ? 
_pdbx_entity_src_syn.ncbi_taxonomy_id       9606 
_pdbx_entity_src_syn.details                ? 
# 
loop_
_chem_comp.id 
_chem_comp.type 
_chem_comp.mon_nstd_flag 
_chem_comp.name 
_chem_comp.pdbx_synonyms 
_chem_comp.formula 
_chem_comp.formula_weight 
ALA 'L-peptide linking' y ALANINE             ? 'C3 H7 N O2'     89.093  
ALY 'L-peptide linking' n 'N(6)-ACETYLLYSINE' ? 'C8 H16 N2 O3'   188.224 
ARG 'L-peptide linking' y ARGININE            ? 'C6 H15 N4 O2 1' 175.209 
ASN 'L-peptide linking' y ASPARAGINE          ? 'C4 H8 N2 O3'    132.118 
ASP 'L-peptide linking' y 'ASPARTIC ACID'     ? 'C4 H7 N O4'     133.103 
CL  non-polymer         . 'CHLORIDE ION'      ? 'Cl -1'          35.453  
GLN 'L-peptide linking' y GLUTAMINE           ? 'C5 H10 N2 O3'   146.144 
GLU 'L-peptide linking' y 'GLUTAMIC ACID'     ? 'C5 H9 N O4'     147.129 
GLY 'peptide linking'   y GLYCINE             ? 'C2 H5 N O2'     75.067  
HIS 'L-peptide linking' y HISTIDINE           ? 'C6 H10 N3 O2 1' 156.162 
HOH non-polymer         . WATER               ? 'H2 O'           18.015  
ILE 'L-peptide linking' y ISOLEUCINE          ? 'C6 H13 N O2'    131.173 
LEU 'L-peptide linking' y LEUCINE             ? 'C6 H13 N O2'    131.173 
LYS 'L-peptide linking' y LYSINE              ? 'C6 H15 N2 O2 1' 147.195 
MET 'L-peptide linking' y METHIONINE          ? 'C5 H11 N O2 S'  149.211 
NH4 non-polymer         . 'AMMONIUM ION'      ? 'H4 N 1'         18.038  
PHE 'L-peptide linking' y PHENYLALANINE       ? 'C9 H11 N O2'    165.189 
PRO 'L-peptide linking' y PROLINE             ? 'C5 H9 N O2'     115.130 
SER 'L-peptide linking' y SERINE              ? 'C3 H7 N O3'     105.093 
THR 'L-peptide linking' y THREONINE           ? 'C4 H9 N O3'     119.119 
TRP 'L-peptide linking' y TRYPTOPHAN          ? 'C11 H12 N2 O2'  204.225 
TYR 'L-peptide linking' y TYROSINE            ? 'C9 H11 N O3'    181.189 
VAL 'L-peptide linking' y VALINE              ? 'C5 H11 N O2'    117.146 
# 
loop_
_pdbx_poly_seq_scheme.asym_id 
_pdbx_poly_seq_scheme.entity_id 
_pdbx_poly_seq_scheme.seq_id 
_pdbx_poly_seq_scheme.mon_id 
_pdbx_poly_seq_scheme.ndb_seq_num 
_pdbx_poly_seq_scheme.pdb_seq_num 
_pdbx_poly_seq_scheme.auth_seq_num 
_pdbx_poly_seq_scheme.pdb_mon_id 
_pdbx_poly_seq_scheme.auth_mon_id 
_pdbx_poly_seq_scheme.pdb_strand_id 
_pdbx_poly_seq_scheme.pdb_ins_code 
_pdbx_poly_seq_scheme.hetero 
A 1 1   SER 1   200 ?   ?   ?   A . n 
A 1 2   THR 2   201 201 THR THR A . n 
A 1 3   SER 3   202 202 SER SER A . n 
A 1 4   ARG 4   203 203 ARG ARG A . n 
A 1 5   LEU 5   204 204 LEU LEU A . n 
A 1 6   PHE 6   205 205 PHE PHE A . n 
A 1 7   VAL 7   206 206 VAL VAL A . n 
A 1 8   LYS 8   207 207 LYS LYS A . n 
A 1 9   LYS 9   208 208 LYS LYS A . n 
A 1 10  THR 10  209 209 THR THR A . n 
A 1 11  ILE 11  210 210 ILE ILE A . n 
A 1 12  VAL 12  211 211 VAL VAL A . n 
A 1 13  VAL 13  212 212 VAL VAL A . n 
A 1 14  GLY 14  213 213 GLY GLY A . n 
A 1 15  ASN 15  214 214 ASN ASN A . n 
A 1 16  VAL 16  215 215 VAL VAL A . n 
A 1 17  SER 17  216 216 SER SER A . n 
A 1 18  LYS 18  217 217 LYS LYS A . n 
A 1 19  TYR 19  218 218 TYR TYR A . n 
A 1 20  ILE 20  219 219 ILE ILE A . n 
A 1 21  PRO 21  220 220 PRO PRO A . n 
A 1 22  PRO 22  221 221 PRO PRO A . n 
A 1 23  ASP 23  222 222 ASP ASP A . n 
A 1 24  LYS 24  223 223 LYS LYS A . n 
A 1 25  ARG 25  224 224 ARG ARG A . n 
A 1 26  GLU 26  225 225 GLU GLU A . n 
A 1 27  GLU 27  226 226 GLU GLU A . n 
A 1 28  ASN 28  227 227 ASN ASN A . n 
A 1 29  ASP 29  228 228 ASP ASP A . n 
A 1 30  GLN 30  229 229 GLN GLN A . n 
A 1 31  SER 31  230 230 SER SER A . n 
A 1 32  THR 32  231 231 THR THR A . n 
A 1 33  HIS 33  232 232 HIS HIS A . n 
A 1 34  LYS 34  233 233 LYS LYS A . n 
A 1 35  TRP 35  234 234 TRP TRP A . n 
A 1 36  MET 36  235 235 MET MET A . n 
A 1 37  VAL 37  236 236 VAL VAL A . n 
A 1 38  TYR 38  237 237 TYR TYR A . n 
A 1 39  VAL 39  238 238 VAL VAL A . n 
A 1 40  ARG 40  239 239 ARG ARG A . n 
A 1 41  GLY 41  240 240 GLY GLY A . n 
A 1 42  SER 42  241 241 SER SER A . n 
A 1 43  ARG 43  242 242 ARG ARG A . n 
A 1 44  ARG 44  243 243 ARG ARG A . n 
A 1 45  GLU 45  244 244 GLU GLU A . n 
A 1 46  PRO 46  245 245 PRO PRO A . n 
A 1 47  SER 47  246 246 SER SER A . n 
A 1 48  ILE 48  247 247 ILE ILE A . n 
A 1 49  ASN 49  248 248 ASN ASN A . n 
A 1 50  HIS 50  249 249 HIS HIS A . n 
A 1 51  PHE 51  250 250 PHE PHE A . n 
A 1 52  VAL 52  251 251 VAL VAL A . n 
A 1 53  LYS 53  252 252 LYS LYS A . n 
A 1 54  LYS 54  253 253 LYS LYS A . n 
A 1 55  VAL 55  254 254 VAL VAL A . n 
A 1 56  TRP 56  255 255 TRP TRP A . n 
A 1 57  PHE 57  256 256 PHE PHE A . n 
A 1 58  PHE 58  257 257 PHE PHE A . n 
A 1 59  LEU 59  258 258 LEU LEU A . n 
A 1 60  HIS 60  259 259 HIS HIS A . n 
A 1 61  PRO 61  260 260 PRO PRO A . n 
A 1 62  SER 62  261 261 SER SER A . n 
A 1 63  TYR 63  262 262 TYR TYR A . n 
A 1 64  LYS 64  263 263 LYS LYS A . n 
A 1 65  PRO 65  264 264 PRO PRO A . n 
A 1 66  ASN 66  265 265 ASN ASN A . n 
A 1 67  ASP 67  266 266 ASP ASP A . n 
A 1 68  LEU 68  267 267 LEU LEU A . n 
A 1 69  VAL 69  268 268 VAL VAL A . n 
A 1 70  GLU 70  269 269 GLU GLU A . n 
A 1 71  VAL 71  270 270 VAL VAL A . n 
A 1 72  ARG 72  271 271 ARG ARG A . n 
A 1 73  GLU 73  272 272 GLU GLU A . n 
A 1 74  PRO 74  273 273 PRO PRO A . n 
A 1 75  PRO 75  274 274 PRO PRO A . n 
A 1 76  PHE 76  275 275 PHE PHE A . n 
A 1 77  HIS 77  276 276 HIS HIS A . n 
A 1 78  LEU 78  277 277 LEU LEU A . n 
A 1 79  THR 79  278 278 THR THR A . n 
A 1 80  ARG 80  279 279 ARG ARG A . n 
A 1 81  ARG 81  280 280 ARG ARG A . n 
A 1 82  GLY 82  281 281 GLY GLY A . n 
A 1 83  TRP 83  282 282 TRP TRP A . n 
A 1 84  GLY 84  283 283 GLY GLY A . n 
A 1 85  GLU 85  284 284 GLU GLU A . n 
A 1 86  PHE 86  285 285 PHE PHE A . n 
A 1 87  PRO 87  286 286 PRO PRO A . n 
A 1 88  VAL 88  287 287 VAL VAL A . n 
A 1 89  ARG 89  288 288 ARG ARG A . n 
A 1 90  VAL 90  289 289 VAL VAL A . n 
A 1 91  GLN 91  290 290 GLN GLN A . n 
A 1 92  VAL 92  291 291 VAL VAL A . n 
A 1 93  HIS 93  292 292 HIS HIS A . n 
A 1 94  PHE 94  293 293 PHE PHE A . n 
A 1 95  LYS 95  294 294 LYS LYS A . n 
A 1 96  ASP 96  295 295 ASP ASP A . n 
A 1 97  SER 97  296 296 SER SER A . n 
A 1 98  GLN 98  297 297 GLN GLN A . n 
A 1 99  ASN 99  298 298 ASN ASN A . n 
A 1 100 LYS 100 299 299 LYS LYS A . n 
A 1 101 ARG 101 300 300 ARG ARG A . n 
A 1 102 ILE 102 301 301 ILE ILE A . n 
A 1 103 ASP 103 302 302 ASP ASP A . n 
A 1 104 ILE 104 303 303 ILE ILE A . n 
A 1 105 ILE 105 304 304 ILE ILE A . n 
A 1 106 HIS 106 305 305 HIS HIS A . n 
A 1 107 ASN 107 306 306 ASN ASN A . n 
A 1 108 LEU 108 307 307 LEU LEU A . n 
A 1 109 LYS 109 308 308 LYS LYS A . n 
A 1 110 LEU 110 309 309 LEU LEU A . n 
A 1 111 ASP 111 310 310 ASP ASP A . n 
A 1 112 ARG 112 311 311 ARG ARG A . n 
A 1 113 THR 113 312 312 THR THR A . n 
A 1 114 TYR 114 313 313 TYR TYR A . n 
A 1 115 THR 115 314 314 THR THR A . n 
A 1 116 GLY 116 315 315 GLY GLY A . n 
A 1 117 LEU 117 316 316 LEU LEU A . n 
A 1 118 GLN 118 317 317 GLN GLN A . n 
A 1 119 THR 119 318 318 THR THR A . n 
A 1 120 LEU 120 319 319 LEU LEU A . n 
A 1 121 GLY 121 320 320 GLY GLY A . n 
A 1 122 ALA 122 321 321 ALA ALA A . n 
A 1 123 GLU 123 322 322 GLU GLU A . n 
A 1 124 THR 124 323 323 THR THR A . n 
A 1 125 VAL 125 324 324 VAL VAL A . n 
A 1 126 VAL 126 325 325 VAL VAL A . n 
A 1 127 ASP 127 326 326 ASP ASP A . n 
A 1 128 VAL 128 327 327 VAL VAL A . n 
A 1 129 GLU 129 328 328 GLU GLU A . n 
A 1 130 LEU 130 329 329 LEU LEU A . n 
A 1 131 HIS 131 330 330 HIS HIS A . n 
A 1 132 ARG 132 331 331 ARG ARG A . n 
A 1 133 HIS 133 332 332 HIS HIS A . n 
B 2 1   ALA 1   24  24  ALA ALA B . n 
B 2 2   ALA 2   25  25  ALA ALA B . n 
B 2 3   ARG 3   26  26  ARG ARG B . n 
B 2 4   ALY 4   27  27  ALY ALY B . n 
B 2 5   SER 5   28  28  SER SER B . n 
B 2 6   ALA 6   29  29  ALA ALA B . n 
B 2 7   PRO 7   30  30  PRO PRO B . n 
B 2 8   ALA 8   31  31  ALA ALA B . n 
# 
loop_
_pdbx_nonpoly_scheme.asym_id 
_pdbx_nonpoly_scheme.entity_id 
_pdbx_nonpoly_scheme.mon_id 
_pdbx_nonpoly_scheme.ndb_seq_num 
_pdbx_nonpoly_scheme.pdb_seq_num 
_pdbx_nonpoly_scheme.auth_seq_num 
_pdbx_nonpoly_scheme.pdb_mon_id 
_pdbx_nonpoly_scheme.auth_mon_id 
_pdbx_nonpoly_scheme.pdb_strand_id 
_pdbx_nonpoly_scheme.pdb_ins_code 
C 3 NH4 1  401 4  NH4 NH4 A . 
D 3 NH4 1  403 6  NH4 NH4 A . 
E 3 NH4 1  404 7  NH4 NH4 A . 
F 4 CL  1  405 1  CL  CL  A . 
G 5 HOH 1  501 6  HOH HOH A . 
G 5 HOH 2  502 11 HOH HOH A . 
G 5 HOH 3  503 3  HOH HOH A . 
G 5 HOH 4  504 1  HOH HOH A . 
G 5 HOH 5  505 5  HOH HOH A . 
G 5 HOH 6  506 9  HOH HOH A . 
G 5 HOH 7  507 10 HOH HOH A . 
G 5 HOH 8  508 4  HOH HOH A . 
G 5 HOH 9  509 7  HOH HOH A . 
G 5 HOH 10 510 2  HOH HOH A . 
G 5 HOH 11 511 12 HOH HOH A . 
H 5 HOH 1  101 13 HOH HOH B . 
H 5 HOH 2  102 8  HOH HOH B . 
# 
loop_
_software.citation_id 
_software.classification 
_software.compiler_name 
_software.compiler_version 
_software.contact_author 
_software.contact_author_email 
_software.date 
_software.description 
_software.dependencies 
_software.hardware 
_software.language 
_software.location 
_software.mods 
_software.name 
_software.os 
_software.os_version 
_software.type 
_software.version 
_software.pdbx_ordinal 
? refinement        ? ? ? ? ? ? ? ? ? ? ? PHENIX   ? ? ? 1.9_1692 1 
? 'data processing' ? ? ? ? ? ? ? ? ? ? ? HKL-2000 ? ? ? .        2 
? 'data scaling'    ? ? ? ? ? ? ? ? ? ? ? HKL-2000 ? ? ? .        3 
? phasing           ? ? ? ? ? ? ? ? ? ? ? PHENIX   ? ? ? .        4 
# 
_cell.angle_alpha                  90.00 
_cell.angle_alpha_esd              ? 
_cell.angle_beta                   90.00 
_cell.angle_beta_esd               ? 
_cell.angle_gamma                  90.00 
_cell.angle_gamma_esd              ? 
_cell.entry_id                     5XNV 
_cell.details                      ? 
_cell.formula_units_Z              ? 
_cell.length_a                     72.826 
_cell.length_a_esd                 ? 
_cell.length_b                     72.826 
_cell.length_b_esd                 ? 
_cell.length_c                     125.232 
_cell.length_c_esd                 ? 
_cell.volume                       ? 
_cell.volume_esd                   ? 
_cell.Z_PDB                        16 
_cell.reciprocal_angle_alpha       ? 
_cell.reciprocal_angle_beta        ? 
_cell.reciprocal_angle_gamma       ? 
_cell.reciprocal_angle_alpha_esd   ? 
_cell.reciprocal_angle_beta_esd    ? 
_cell.reciprocal_angle_gamma_esd   ? 
_cell.reciprocal_length_a          ? 
_cell.reciprocal_length_b          ? 
_cell.reciprocal_length_c          ? 
_cell.reciprocal_length_a_esd      ? 
_cell.reciprocal_length_b_esd      ? 
_cell.reciprocal_length_c_esd      ? 
_cell.pdbx_unique_axis             ? 
# 
_symmetry.entry_id                         5XNV 
_symmetry.cell_setting                     ? 
_symmetry.Int_Tables_number                97 
_symmetry.space_group_name_Hall            ? 
_symmetry.space_group_name_H-M             'I 4 2 2' 
_symmetry.pdbx_full_space_group_name_H-M   ? 
# 
_exptl.absorpt_coefficient_mu     ? 
_exptl.absorpt_correction_T_max   ? 
_exptl.absorpt_correction_T_min   ? 
_exptl.absorpt_correction_type    ? 
_exptl.absorpt_process_details    ? 
_exptl.entry_id                   5XNV 
_exptl.crystals_number            1 
_exptl.details                    ? 
_exptl.method                     'X-RAY DIFFRACTION' 
_exptl.method_details             ? 
# 
_exptl_crystal.colour                      ? 
_exptl_crystal.density_diffrn              ? 
_exptl_crystal.density_Matthews            2.51 
_exptl_crystal.density_method              ? 
_exptl_crystal.density_percent_sol         50.98 
_exptl_crystal.description                 ? 
_exptl_crystal.F_000                       ? 
_exptl_crystal.id                          1 
_exptl_crystal.preparation                 ? 
_exptl_crystal.size_max                    ? 
_exptl_crystal.size_mid                    ? 
_exptl_crystal.size_min                    ? 
_exptl_crystal.size_rad                    ? 
_exptl_crystal.colour_lustre               ? 
_exptl_crystal.colour_modifier             ? 
_exptl_crystal.colour_primary              ? 
_exptl_crystal.density_meas                ? 
_exptl_crystal.density_meas_esd            ? 
_exptl_crystal.density_meas_gt             ? 
_exptl_crystal.density_meas_lt             ? 
_exptl_crystal.density_meas_temp           ? 
_exptl_crystal.density_meas_temp_esd       ? 
_exptl_crystal.density_meas_temp_gt        ? 
_exptl_crystal.density_meas_temp_lt        ? 
_exptl_crystal.pdbx_crystal_image_url      ? 
_exptl_crystal.pdbx_crystal_image_format   ? 
_exptl_crystal.pdbx_mosaicity              ? 
_exptl_crystal.pdbx_mosaicity_esd          ? 
# 
_exptl_crystal_grow.apparatus       ? 
_exptl_crystal_grow.atmosphere      ? 
_exptl_crystal_grow.crystal_id      1 
_exptl_crystal_grow.details         ? 
_exptl_crystal_grow.method          'VAPOR DIFFUSION, SITTING DROP' 
_exptl_crystal_grow.method_ref      ? 
_exptl_crystal_grow.pH              10 
_exptl_crystal_grow.pressure        ? 
_exptl_crystal_grow.pressure_esd    ? 
_exptl_crystal_grow.seeding         ? 
_exptl_crystal_grow.seeding_ref     ? 
_exptl_crystal_grow.temp            291.0 
_exptl_crystal_grow.temp_details    ? 
_exptl_crystal_grow.temp_esd        ? 
_exptl_crystal_grow.time            ? 
_exptl_crystal_grow.pdbx_details    '0.2 M lithium sulfate, 2.0 M ammonium sulfate, 0.1M CAPS, pH 10' 
_exptl_crystal_grow.pdbx_pH_range   ? 
# 
_diffrn.ambient_environment    ? 
_diffrn.ambient_temp           100 
_diffrn.ambient_temp_details   ? 
_diffrn.ambient_temp_esd       ? 
_diffrn.crystal_id             1 
_diffrn.crystal_support        ? 
_diffrn.crystal_treatment      ? 
_diffrn.details                ? 
_diffrn.id                     1 
_diffrn.ambient_pressure       ? 
_diffrn.ambient_pressure_esd   ? 
_diffrn.ambient_pressure_gt    ? 
_diffrn.ambient_pressure_lt    ? 
_diffrn.ambient_temp_gt        ? 
_diffrn.ambient_temp_lt        ? 
# 
_diffrn_detector.details                      ? 
_diffrn_detector.detector                     CCD 
_diffrn_detector.diffrn_id                    1 
_diffrn_detector.type                         'ADSC QUANTUM 315r' 
_diffrn_detector.area_resol_mean              ? 
_diffrn_detector.dtime                        ? 
_diffrn_detector.pdbx_frames_total            ? 
_diffrn_detector.pdbx_collection_time_total   ? 
_diffrn_detector.pdbx_collection_date         2016-08-16 
# 
_diffrn_radiation.collimation                      ? 
_diffrn_radiation.diffrn_id                        1 
_diffrn_radiation.filter_edge                      ? 
_diffrn_radiation.inhomogeneity                    ? 
_diffrn_radiation.monochromator                    ? 
_diffrn_radiation.polarisn_norm                    ? 
_diffrn_radiation.polarisn_ratio                   ? 
_diffrn_radiation.probe                            ? 
_diffrn_radiation.type                             ? 
_diffrn_radiation.xray_symbol                      ? 
_diffrn_radiation.wavelength_id                    1 
_diffrn_radiation.pdbx_monochromatic_or_laue_m_l   M 
_diffrn_radiation.pdbx_wavelength_list             ? 
_diffrn_radiation.pdbx_wavelength                  ? 
_diffrn_radiation.pdbx_diffrn_protocol             'SINGLE WAVELENGTH' 
_diffrn_radiation.pdbx_analyzer                    ? 
_diffrn_radiation.pdbx_scattering_type             x-ray 
# 
_diffrn_radiation_wavelength.id           1 
_diffrn_radiation_wavelength.wavelength   0.9791 
_diffrn_radiation_wavelength.wt           1.0 
# 
_diffrn_source.current                     ? 
_diffrn_source.details                     ? 
_diffrn_source.diffrn_id                   1 
_diffrn_source.power                       ? 
_diffrn_source.size                        ? 
_diffrn_source.source                      SYNCHROTRON 
_diffrn_source.target                      ? 
_diffrn_source.type                        'SSRF BEAMLINE BL17B1' 
_diffrn_source.voltage                     ? 
_diffrn_source.take-off_angle              ? 
_diffrn_source.pdbx_wavelength_list        0.9791 
_diffrn_source.pdbx_wavelength             ? 
_diffrn_source.pdbx_synchrotron_beamline   BL17B1 
_diffrn_source.pdbx_synchrotron_site       SSRF 
# 
_reflns.B_iso_Wilson_estimate            ? 
_reflns.entry_id                         5XNV 
_reflns.data_reduction_details           ? 
_reflns.data_reduction_method            ? 
_reflns.d_resolution_high                2.696 
_reflns.d_resolution_low                 39.8 
_reflns.details                          ? 
_reflns.limit_h_max                      ? 
_reflns.limit_h_min                      ? 
_reflns.limit_k_max                      ? 
_reflns.limit_k_min                      ? 
_reflns.limit_l_max                      ? 
_reflns.limit_l_min                      ? 
_reflns.number_all                       ? 
_reflns.number_obs                       4915 
_reflns.observed_criterion               ? 
_reflns.observed_criterion_F_max         ? 
_reflns.observed_criterion_F_min         ? 
_reflns.observed_criterion_I_max         ? 
_reflns.observed_criterion_I_min         ? 
_reflns.observed_criterion_sigma_F       ? 
_reflns.observed_criterion_sigma_I       ? 
_reflns.percent_possible_obs             99.5 
_reflns.R_free_details                   ? 
_reflns.Rmerge_F_all                     ? 
_reflns.Rmerge_F_obs                     ? 
_reflns.Friedel_coverage                 ? 
_reflns.number_gt                        ? 
_reflns.threshold_expression             ? 
_reflns.pdbx_redundancy                  3.8 
_reflns.pdbx_Rmerge_I_obs                ? 
_reflns.pdbx_Rmerge_I_all                ? 
_reflns.pdbx_Rsym_value                  ? 
_reflns.pdbx_netI_over_av_sigmaI         ? 
_reflns.pdbx_netI_over_sigmaI            17.53 
_reflns.pdbx_res_netI_over_av_sigmaI_2   ? 
_reflns.pdbx_res_netI_over_sigmaI_2      ? 
_reflns.pdbx_chi_squared                 ? 
_reflns.pdbx_scaling_rejects             ? 
_reflns.pdbx_d_res_high_opt              ? 
_reflns.pdbx_d_res_low_opt               ? 
_reflns.pdbx_d_res_opt_method            ? 
_reflns.phase_calculation_details        ? 
_reflns.pdbx_Rrim_I_all                  ? 
_reflns.pdbx_Rpim_I_all                  ? 
_reflns.pdbx_d_opt                       ? 
_reflns.pdbx_number_measured_all         ? 
_reflns.pdbx_diffrn_id                   1 
_reflns.pdbx_ordinal                     1 
_reflns.pdbx_CC_half                     ? 
_reflns.pdbx_R_split                     ? 
# 
_reflns_shell.d_res_high                  . 
_reflns_shell.d_res_low                   ? 
_reflns_shell.meanI_over_sigI_all         ? 
_reflns_shell.meanI_over_sigI_obs         ? 
_reflns_shell.number_measured_all         ? 
_reflns_shell.number_measured_obs         ? 
_reflns_shell.number_possible             ? 
_reflns_shell.number_unique_all           ? 
_reflns_shell.number_unique_obs           ? 
_reflns_shell.percent_possible_all        ? 
_reflns_shell.percent_possible_obs        ? 
_reflns_shell.Rmerge_F_all                ? 
_reflns_shell.Rmerge_F_obs                ? 
_reflns_shell.Rmerge_I_all                ? 
_reflns_shell.Rmerge_I_obs                ? 
_reflns_shell.meanI_over_sigI_gt          ? 
_reflns_shell.meanI_over_uI_all           ? 
_reflns_shell.meanI_over_uI_gt            ? 
_reflns_shell.number_measured_gt          ? 
_reflns_shell.number_unique_gt            ? 
_reflns_shell.percent_possible_gt         ? 
_reflns_shell.Rmerge_F_gt                 ? 
_reflns_shell.Rmerge_I_gt                 ? 
_reflns_shell.pdbx_redundancy             ? 
_reflns_shell.pdbx_Rsym_value             ? 
_reflns_shell.pdbx_chi_squared            ? 
_reflns_shell.pdbx_netI_over_sigmaI_all   ? 
_reflns_shell.pdbx_netI_over_sigmaI_obs   ? 
_reflns_shell.pdbx_Rrim_I_all             ? 
_reflns_shell.pdbx_Rpim_I_all             ? 
_reflns_shell.pdbx_rejects                ? 
_reflns_shell.pdbx_ordinal                1 
_reflns_shell.pdbx_diffrn_id              1 
_reflns_shell.pdbx_CC_half                ? 
_reflns_shell.pdbx_R_split                ? 
# 
_refine.aniso_B[1][1]                            ? 
_refine.aniso_B[1][2]                            ? 
_refine.aniso_B[1][3]                            ? 
_refine.aniso_B[2][2]                            ? 
_refine.aniso_B[2][3]                            ? 
_refine.aniso_B[3][3]                            ? 
_refine.B_iso_max                                ? 
_refine.B_iso_mean                               ? 
_refine.B_iso_min                                ? 
_refine.correlation_coeff_Fo_to_Fc               ? 
_refine.correlation_coeff_Fo_to_Fc_free          ? 
_refine.details                                  ? 
_refine.diff_density_max                         ? 
_refine.diff_density_max_esd                     ? 
_refine.diff_density_min                         ? 
_refine.diff_density_min_esd                     ? 
_refine.diff_density_rms                         ? 
_refine.diff_density_rms_esd                     ? 
_refine.entry_id                                 5XNV 
_refine.pdbx_refine_id                           'X-RAY DIFFRACTION' 
_refine.ls_abs_structure_details                 ? 
_refine.ls_abs_structure_Flack                   ? 
_refine.ls_abs_structure_Flack_esd               ? 
_refine.ls_abs_structure_Rogers                  ? 
_refine.ls_abs_structure_Rogers_esd              ? 
_refine.ls_d_res_high                            2.696 
_refine.ls_d_res_low                             39.773 
_refine.ls_extinction_coef                       ? 
_refine.ls_extinction_coef_esd                   ? 
_refine.ls_extinction_expression                 ? 
_refine.ls_extinction_method                     ? 
_refine.ls_goodness_of_fit_all                   ? 
_refine.ls_goodness_of_fit_all_esd               ? 
_refine.ls_goodness_of_fit_obs                   ? 
_refine.ls_goodness_of_fit_obs_esd               ? 
_refine.ls_hydrogen_treatment                    ? 
_refine.ls_matrix_type                           ? 
_refine.ls_number_constraints                    ? 
_refine.ls_number_parameters                     ? 
_refine.ls_number_reflns_all                     ? 
_refine.ls_number_reflns_obs                     4914 
_refine.ls_number_reflns_R_free                  465 
_refine.ls_number_reflns_R_work                  ? 
_refine.ls_number_restraints                     ? 
_refine.ls_percent_reflns_obs                    99.43 
_refine.ls_percent_reflns_R_free                 9.46 
_refine.ls_R_factor_all                          ? 
_refine.ls_R_factor_obs                          0.2285 
_refine.ls_R_factor_R_free                       0.2660 
_refine.ls_R_factor_R_free_error                 ? 
_refine.ls_R_factor_R_free_error_details         ? 
_refine.ls_R_factor_R_work                       0.2242 
_refine.ls_R_Fsqd_factor_obs                     ? 
_refine.ls_R_I_factor_obs                        ? 
_refine.ls_redundancy_reflns_all                 ? 
_refine.ls_redundancy_reflns_obs                 ? 
_refine.ls_restrained_S_all                      ? 
_refine.ls_restrained_S_obs                      ? 
_refine.ls_shift_over_esd_max                    ? 
_refine.ls_shift_over_esd_mean                   ? 
_refine.ls_structure_factor_coef                 ? 
_refine.ls_weighting_details                     ? 
_refine.ls_weighting_scheme                      ? 
_refine.ls_wR_factor_all                         ? 
_refine.ls_wR_factor_obs                         ? 
_refine.ls_wR_factor_R_free                      ? 
_refine.ls_wR_factor_R_work                      ? 
_refine.occupancy_max                            ? 
_refine.occupancy_min                            ? 
_refine.solvent_model_details                    ? 
_refine.solvent_model_param_bsol                 ? 
_refine.solvent_model_param_ksol                 ? 
_refine.ls_R_factor_gt                           ? 
_refine.ls_goodness_of_fit_gt                    ? 
_refine.ls_goodness_of_fit_ref                   ? 
_refine.ls_shift_over_su_max                     ? 
_refine.ls_shift_over_su_max_lt                  ? 
_refine.ls_shift_over_su_mean                    ? 
_refine.ls_shift_over_su_mean_lt                 ? 
_refine.pdbx_ls_sigma_I                          ? 
_refine.pdbx_ls_sigma_F                          1.35 
_refine.pdbx_ls_sigma_Fsqd                       ? 
_refine.pdbx_data_cutoff_high_absF               ? 
_refine.pdbx_data_cutoff_high_rms_absF           ? 
_refine.pdbx_data_cutoff_low_absF                ? 
_refine.pdbx_isotropic_thermal_model             ? 
_refine.pdbx_ls_cross_valid_method               NONE 
_refine.pdbx_method_to_determine_struct          'MOLECULAR REPLACEMENT' 
_refine.pdbx_starting_model                      4TMP 
_refine.pdbx_stereochemistry_target_values       ? 
_refine.pdbx_R_Free_selection_details            ? 
_refine.pdbx_stereochem_target_val_spec_case     ? 
_refine.pdbx_overall_ESU_R                       ? 
_refine.pdbx_overall_ESU_R_Free                  ? 
_refine.pdbx_solvent_vdw_probe_radii             1.11 
_refine.pdbx_solvent_ion_probe_radii             ? 
_refine.pdbx_solvent_shrinkage_radii             0.90 
_refine.pdbx_real_space_R                        ? 
_refine.pdbx_density_correlation                 ? 
_refine.pdbx_pd_number_of_powder_patterns        ? 
_refine.pdbx_pd_number_of_points                 ? 
_refine.pdbx_pd_meas_number_of_points            ? 
_refine.pdbx_pd_proc_ls_prof_R_factor            ? 
_refine.pdbx_pd_proc_ls_prof_wR_factor           ? 
_refine.pdbx_pd_Marquardt_correlation_coeff      ? 
_refine.pdbx_pd_Fsqrd_R_factor                   ? 
_refine.pdbx_pd_ls_matrix_band_width             ? 
_refine.pdbx_overall_phase_error                 29.24 
_refine.pdbx_overall_SU_R_free_Cruickshank_DPI   ? 
_refine.pdbx_overall_SU_R_free_Blow_DPI          ? 
_refine.pdbx_overall_SU_R_Blow_DPI               ? 
_refine.pdbx_TLS_residual_ADP_flag               ? 
_refine.pdbx_diffrn_id                           1 
_refine.overall_SU_B                             ? 
_refine.overall_SU_ML                            0.24 
_refine.overall_SU_R_Cruickshank_DPI             ? 
_refine.overall_SU_R_free                        ? 
_refine.overall_FOM_free_R_set                   ? 
_refine.overall_FOM_work_R_set                   ? 
_refine.pdbx_average_fsc_overall                 ? 
_refine.pdbx_average_fsc_work                    ? 
_refine.pdbx_average_fsc_free                    ? 
# 
_refine_hist.pdbx_refine_id                   'X-RAY DIFFRACTION' 
_refine_hist.cycle_id                         LAST 
_refine_hist.pdbx_number_atoms_protein        1169 
_refine_hist.pdbx_number_atoms_nucleic_acid   0 
_refine_hist.pdbx_number_atoms_ligand         5 
_refine_hist.number_atoms_solvent             13 
_refine_hist.number_atoms_total               1187 
_refine_hist.d_res_high                       2.696 
_refine_hist.d_res_low                        39.773 
# 
loop_
_refine_ls_restr.pdbx_refine_id 
_refine_ls_restr.criterion 
_refine_ls_restr.dev_ideal 
_refine_ls_restr.dev_ideal_target 
_refine_ls_restr.number 
_refine_ls_restr.rejects 
_refine_ls_restr.type 
_refine_ls_restr.weight 
_refine_ls_restr.pdbx_restraint_function 
'X-RAY DIFFRACTION' ? 0.010  ? 1201 ? f_bond_d           ? ? 
'X-RAY DIFFRACTION' ? 1.268  ? 1624 ? f_angle_d          ? ? 
'X-RAY DIFFRACTION' ? 14.870 ? 454  ? f_dihedral_angle_d ? ? 
'X-RAY DIFFRACTION' ? 0.054  ? 173  ? f_chiral_restr     ? ? 
'X-RAY DIFFRACTION' ? 0.006  ? 208  ? f_plane_restr      ? ? 
# 
loop_
_refine_ls_shell.pdbx_refine_id 
_refine_ls_shell.d_res_high 
_refine_ls_shell.d_res_low 
_refine_ls_shell.number_reflns_all 
_refine_ls_shell.number_reflns_obs 
_refine_ls_shell.number_reflns_R_free 
_refine_ls_shell.number_reflns_R_work 
_refine_ls_shell.percent_reflns_obs 
_refine_ls_shell.percent_reflns_R_free 
_refine_ls_shell.R_factor_all 
_refine_ls_shell.R_factor_obs 
_refine_ls_shell.R_factor_R_free 
_refine_ls_shell.R_factor_R_free_error 
_refine_ls_shell.R_factor_R_work 
_refine_ls_shell.redundancy_reflns_all 
_refine_ls_shell.redundancy_reflns_obs 
_refine_ls_shell.wR_factor_all 
_refine_ls_shell.wR_factor_obs 
_refine_ls_shell.wR_factor_R_free 
_refine_ls_shell.wR_factor_R_work 
_refine_ls_shell.pdbx_total_number_of_bins_used 
_refine_ls_shell.pdbx_phase_error 
_refine_ls_shell.pdbx_fsc_work 
_refine_ls_shell.pdbx_fsc_free 
'X-RAY DIFFRACTION' 2.6958 3.0857  . . 134 1437 99.00  . . . 0.3032 . 0.2479 . . . . . . . . . . 
'X-RAY DIFFRACTION' 3.0857 3.8872  . . 154 1467 100.00 . . . 0.2395 . 0.2161 . . . . . . . . . . 
'X-RAY DIFFRACTION' 3.8872 39.7774 . . 177 1545 100.00 . . . 0.2711 . 0.2218 . . . . . . . . . . 
# 
_struct.entry_id                     5XNV 
_struct.title                        'Crystal structure of YEATS2 YEATS bound to H3K27ac peptide' 
_struct.pdbx_model_details           ? 
_struct.pdbx_formula_weight          ? 
_struct.pdbx_formula_weight_method   ? 
_struct.pdbx_model_type_details      ? 
_struct.pdbx_CASP_flag               N 
# 
_struct_keywords.entry_id        5XNV 
_struct_keywords.text            
'epigenetics, histone reader, histone acetylation, protein complex, PROTEIN BINDING-PEPTIDE complex' 
_struct_keywords.pdbx_keywords   'PROTEIN BINDING/PEPTIDE' 
# 
loop_
_struct_asym.id 
_struct_asym.pdbx_blank_PDB_chainid_flag 
_struct_asym.pdbx_modified 
_struct_asym.entity_id 
_struct_asym.details 
A N N 1 ? 
B N N 2 ? 
C N N 3 ? 
D N N 3 ? 
E N N 3 ? 
F N N 4 ? 
G N N 5 ? 
H N N 5 ? 
# 
loop_
_struct_ref.id 
_struct_ref.db_name 
_struct_ref.db_code 
_struct_ref.pdbx_db_accession 
_struct_ref.pdbx_db_isoform 
_struct_ref.entity_id 
_struct_ref.pdbx_seq_one_letter_code 
_struct_ref.pdbx_align_begin 
1 UNP YETS2_HUMAN Q9ULM3 ? 1 
;TSRLFVKKTIVVGNVSKYIPPDKREENDQSTHKWMVYVRGSRREPSINHFVKKVWFFLHPSYKPNDLVEVREPPFHLTRR
GWGEFPVRVQVHFKDSQNKRIDIIHNLKLDRTYTGLQTLGAETVVDVELHRH
;
201 
2 PDB 5XNV        5XNV   ? 2 ? 1   
# 
loop_
_struct_ref_seq.align_id 
_struct_ref_seq.ref_id 
_struct_ref_seq.pdbx_PDB_id_code 
_struct_ref_seq.pdbx_strand_id 
_struct_ref_seq.seq_align_beg 
_struct_ref_seq.pdbx_seq_align_beg_ins_code 
_struct_ref_seq.seq_align_end 
_struct_ref_seq.pdbx_seq_align_end_ins_code 
_struct_ref_seq.pdbx_db_accession 
_struct_ref_seq.db_align_beg 
_struct_ref_seq.pdbx_db_align_beg_ins_code 
_struct_ref_seq.db_align_end 
_struct_ref_seq.pdbx_db_align_end_ins_code 
_struct_ref_seq.pdbx_auth_seq_align_beg 
_struct_ref_seq.pdbx_auth_seq_align_end 
1 1 5XNV A 2 ? 133 ? Q9ULM3 201 ? 332 ? 201 332 
2 2 5XNV B 1 ? 8   ? 5XNV   24  ? 31  ? 24  31  
# 
_struct_ref_seq_dif.align_id                     1 
_struct_ref_seq_dif.pdbx_pdb_id_code             5XNV 
_struct_ref_seq_dif.mon_id                       SER 
_struct_ref_seq_dif.pdbx_pdb_strand_id           A 
_struct_ref_seq_dif.seq_num                      1 
_struct_ref_seq_dif.pdbx_pdb_ins_code            ? 
_struct_ref_seq_dif.pdbx_seq_db_name             UNP 
_struct_ref_seq_dif.pdbx_seq_db_accession_code   Q9ULM3 
_struct_ref_seq_dif.db_mon_id                    ? 
_struct_ref_seq_dif.pdbx_seq_db_seq_num          ? 
_struct_ref_seq_dif.details                      'expression tag' 
_struct_ref_seq_dif.pdbx_auth_seq_num            200 
_struct_ref_seq_dif.pdbx_ordinal                 1 
# 
_pdbx_struct_assembly.id                   1 
_pdbx_struct_assembly.details              author_and_software_defined_assembly 
_pdbx_struct_assembly.method_details       PISA 
_pdbx_struct_assembly.oligomeric_details   dimeric 
_pdbx_struct_assembly.oligomeric_count     2 
# 
loop_
_pdbx_struct_assembly_prop.biol_id 
_pdbx_struct_assembly_prop.type 
_pdbx_struct_assembly_prop.value 
_pdbx_struct_assembly_prop.details 
1 'ABSA (A^2)' 1000 ? 
1 MORE         -4   ? 
1 'SSA (A^2)'  9340 ? 
# 
_pdbx_struct_assembly_gen.assembly_id       1 
_pdbx_struct_assembly_gen.oper_expression   1 
_pdbx_struct_assembly_gen.asym_id_list      A,B,C,D,E,F,G,H 
# 
_pdbx_struct_assembly_auth_evidence.id                     1 
_pdbx_struct_assembly_auth_evidence.assembly_id            1 
_pdbx_struct_assembly_auth_evidence.experimental_support   'gel filtration' 
_pdbx_struct_assembly_auth_evidence.details                ? 
# 
_pdbx_struct_oper_list.id                   1 
_pdbx_struct_oper_list.type                 'identity operation' 
_pdbx_struct_oper_list.name                 1_555 
_pdbx_struct_oper_list.symmetry_operation   x,y,z 
_pdbx_struct_oper_list.matrix[1][1]         1.0000000000 
_pdbx_struct_oper_list.matrix[1][2]         0.0000000000 
_pdbx_struct_oper_list.matrix[1][3]         0.0000000000 
_pdbx_struct_oper_list.vector[1]            0.0000000000 
_pdbx_struct_oper_list.matrix[2][1]         0.0000000000 
_pdbx_struct_oper_list.matrix[2][2]         1.0000000000 
_pdbx_struct_oper_list.matrix[2][3]         0.0000000000 
_pdbx_struct_oper_list.vector[2]            0.0000000000 
_pdbx_struct_oper_list.matrix[3][1]         0.0000000000 
_pdbx_struct_oper_list.matrix[3][2]         0.0000000000 
_pdbx_struct_oper_list.matrix[3][3]         1.0000000000 
_pdbx_struct_oper_list.vector[3]            0.0000000000 
# 
loop_
_struct_conf.conf_type_id 
_struct_conf.id 
_struct_conf.pdbx_PDB_helix_id 
_struct_conf.beg_label_comp_id 
_struct_conf.beg_label_asym_id 
_struct_conf.beg_label_seq_id 
_struct_conf.pdbx_beg_PDB_ins_code 
_struct_conf.end_label_comp_id 
_struct_conf.end_label_asym_id 
_struct_conf.end_label_seq_id 
_struct_conf.pdbx_end_PDB_ins_code 
_struct_conf.beg_auth_comp_id 
_struct_conf.beg_auth_asym_id 
_struct_conf.beg_auth_seq_id 
_struct_conf.end_auth_comp_id 
_struct_conf.end_auth_asym_id 
_struct_conf.end_auth_seq_id 
_struct_conf.pdbx_PDB_helix_class 
_struct_conf.details 
_struct_conf.pdbx_PDB_helix_length 
HELX_P HELX_P1 AA1 PRO A 21 ? ARG A 25 ? PRO A 220 ARG A 224 5 ? 5 
HELX_P HELX_P2 AA2 SER A 47 ? HIS A 50 ? SER A 246 HIS A 249 5 ? 4 
HELX_P HELX_P3 AA3 HIS A 60 ? LYS A 64 ? HIS A 259 LYS A 263 5 ? 5 
# 
_struct_conf_type.id          HELX_P 
_struct_conf_type.criteria    ? 
_struct_conf_type.reference   ? 
# 
loop_
_struct_conn.id 
_struct_conn.conn_type_id 
_struct_conn.pdbx_leaving_atom_flag 
_struct_conn.pdbx_PDB_id 
_struct_conn.ptnr1_label_asym_id 
_struct_conn.ptnr1_label_comp_id 
_struct_conn.ptnr1_label_seq_id 
_struct_conn.ptnr1_label_atom_id 
_struct_conn.pdbx_ptnr1_label_alt_id 
_struct_conn.pdbx_ptnr1_PDB_ins_code 
_struct_conn.pdbx_ptnr1_standard_comp_id 
_struct_conn.ptnr1_symmetry 
_struct_conn.ptnr2_label_asym_id 
_struct_conn.ptnr2_label_comp_id 
_struct_conn.ptnr2_label_seq_id 
_struct_conn.ptnr2_label_atom_id 
_struct_conn.pdbx_ptnr2_label_alt_id 
_struct_conn.pdbx_ptnr2_PDB_ins_code 
_struct_conn.ptnr1_auth_asym_id 
_struct_conn.ptnr1_auth_comp_id 
_struct_conn.ptnr1_auth_seq_id 
_struct_conn.ptnr2_auth_asym_id 
_struct_conn.ptnr2_auth_comp_id 
_struct_conn.ptnr2_auth_seq_id 
_struct_conn.ptnr2_symmetry 
_struct_conn.pdbx_ptnr3_label_atom_id 
_struct_conn.pdbx_ptnr3_label_seq_id 
_struct_conn.pdbx_ptnr3_label_comp_id 
_struct_conn.pdbx_ptnr3_label_asym_id 
_struct_conn.pdbx_ptnr3_label_alt_id 
_struct_conn.pdbx_ptnr3_PDB_ins_code 
_struct_conn.details 
_struct_conn.pdbx_dist_value 
_struct_conn.pdbx_value_order 
_struct_conn.pdbx_role 
covale1 covale both ? B ARG 3 C ? ? ? 1_555 B ALY 4 N ? ? B ARG 26 B ALY 27 1_555 ? ? ? ? ? ? ? 1.337 ? ? 
covale2 covale both ? B ALY 4 C ? ? ? 1_555 B SER 5 N ? ? B ALY 27 B SER 28 1_555 ? ? ? ? ? ? ? 1.331 ? ? 
# 
_struct_conn_type.id          covale 
_struct_conn_type.criteria    ? 
_struct_conn_type.reference   ? 
# 
_pdbx_modification_feature.ordinal                            1 
_pdbx_modification_feature.label_comp_id                      ALY 
_pdbx_modification_feature.label_asym_id                      B 
_pdbx_modification_feature.label_seq_id                       4 
_pdbx_modification_feature.label_alt_id                       ? 
_pdbx_modification_feature.modified_residue_label_comp_id     . 
_pdbx_modification_feature.modified_residue_label_asym_id     . 
_pdbx_modification_feature.modified_residue_label_seq_id      . 
_pdbx_modification_feature.modified_residue_label_alt_id      . 
_pdbx_modification_feature.auth_comp_id                       ALY 
_pdbx_modification_feature.auth_asym_id                       B 
_pdbx_modification_feature.auth_seq_id                        27 
_pdbx_modification_feature.PDB_ins_code                       ? 
_pdbx_modification_feature.symmetry                           1_555 
_pdbx_modification_feature.modified_residue_auth_comp_id      . 
_pdbx_modification_feature.modified_residue_auth_asym_id      . 
_pdbx_modification_feature.modified_residue_auth_seq_id       . 
_pdbx_modification_feature.modified_residue_PDB_ins_code      . 
_pdbx_modification_feature.modified_residue_symmetry          . 
_pdbx_modification_feature.comp_id_linking_atom               . 
_pdbx_modification_feature.modified_residue_id_linking_atom   . 
_pdbx_modification_feature.modified_residue_id                LYS 
_pdbx_modification_feature.ref_pcm_id                         1 
_pdbx_modification_feature.ref_comp_id                        ALY 
_pdbx_modification_feature.type                               Acetylation 
_pdbx_modification_feature.category                           'Named protein modification' 
# 
loop_
_struct_mon_prot_cis.pdbx_id 
_struct_mon_prot_cis.label_comp_id 
_struct_mon_prot_cis.label_seq_id 
_struct_mon_prot_cis.label_asym_id 
_struct_mon_prot_cis.label_alt_id 
_struct_mon_prot_cis.pdbx_PDB_ins_code 
_struct_mon_prot_cis.auth_comp_id 
_struct_mon_prot_cis.auth_seq_id 
_struct_mon_prot_cis.auth_asym_id 
_struct_mon_prot_cis.pdbx_label_comp_id_2 
_struct_mon_prot_cis.pdbx_label_seq_id_2 
_struct_mon_prot_cis.pdbx_label_asym_id_2 
_struct_mon_prot_cis.pdbx_PDB_ins_code_2 
_struct_mon_prot_cis.pdbx_auth_comp_id_2 
_struct_mon_prot_cis.pdbx_auth_seq_id_2 
_struct_mon_prot_cis.pdbx_auth_asym_id_2 
_struct_mon_prot_cis.pdbx_PDB_model_num 
_struct_mon_prot_cis.pdbx_omega_angle 
1 LYS 64 A . ? LYS 263 A PRO 65 A ? PRO 264 A 1 -0.89 
2 PRO 74 A . ? PRO 273 A PRO 75 A ? PRO 274 A 1 -1.13 
# 
loop_
_struct_sheet.id 
_struct_sheet.type 
_struct_sheet.number_strands 
_struct_sheet.details 
AA1 ? 4 ? 
AA2 ? 4 ? 
# 
loop_
_struct_sheet_order.sheet_id 
_struct_sheet_order.range_id_1 
_struct_sheet_order.range_id_2 
_struct_sheet_order.offset 
_struct_sheet_order.sense 
AA1 1 2 ? anti-parallel 
AA1 2 3 ? anti-parallel 
AA1 3 4 ? anti-parallel 
AA2 1 2 ? anti-parallel 
AA2 2 3 ? anti-parallel 
AA2 3 4 ? anti-parallel 
# 
loop_
_struct_sheet_range.sheet_id 
_struct_sheet_range.id 
_struct_sheet_range.beg_label_comp_id 
_struct_sheet_range.beg_label_asym_id 
_struct_sheet_range.beg_label_seq_id 
_struct_sheet_range.pdbx_beg_PDB_ins_code 
_struct_sheet_range.end_label_comp_id 
_struct_sheet_range.end_label_asym_id 
_struct_sheet_range.end_label_seq_id 
_struct_sheet_range.pdbx_end_PDB_ins_code 
_struct_sheet_range.beg_auth_comp_id 
_struct_sheet_range.beg_auth_asym_id 
_struct_sheet_range.beg_auth_seq_id 
_struct_sheet_range.end_auth_comp_id 
_struct_sheet_range.end_auth_asym_id 
_struct_sheet_range.end_auth_seq_id 
AA1 1 HIS A 77  ? GLY A 82  ? HIS A 276 GLY A 281 
AA1 2 HIS A 33  ? ARG A 40  ? HIS A 232 ARG A 239 
AA1 3 PHE A 6   ? TYR A 19  ? PHE A 205 TYR A 218 
AA1 4 THR A 119 ? HIS A 131 ? THR A 318 HIS A 330 
AA2 1 LEU A 68  ? VAL A 71  ? LEU A 267 VAL A 270 
AA2 2 VAL A 52  ? PHE A 58  ? VAL A 251 PHE A 257 
AA2 3 PRO A 87  ? PHE A 94  ? PRO A 286 PHE A 293 
AA2 4 ILE A 102 ? ASN A 107 ? ILE A 301 ASN A 306 
# 
loop_
_pdbx_struct_sheet_hbond.sheet_id 
_pdbx_struct_sheet_hbond.range_id_1 
_pdbx_struct_sheet_hbond.range_id_2 
_pdbx_struct_sheet_hbond.range_1_label_atom_id 
_pdbx_struct_sheet_hbond.range_1_label_comp_id 
_pdbx_struct_sheet_hbond.range_1_label_asym_id 
_pdbx_struct_sheet_hbond.range_1_label_seq_id 
_pdbx_struct_sheet_hbond.range_1_PDB_ins_code 
_pdbx_struct_sheet_hbond.range_1_auth_atom_id 
_pdbx_struct_sheet_hbond.range_1_auth_comp_id 
_pdbx_struct_sheet_hbond.range_1_auth_asym_id 
_pdbx_struct_sheet_hbond.range_1_auth_seq_id 
_pdbx_struct_sheet_hbond.range_2_label_atom_id 
_pdbx_struct_sheet_hbond.range_2_label_comp_id 
_pdbx_struct_sheet_hbond.range_2_label_asym_id 
_pdbx_struct_sheet_hbond.range_2_label_seq_id 
_pdbx_struct_sheet_hbond.range_2_PDB_ins_code 
_pdbx_struct_sheet_hbond.range_2_auth_atom_id 
_pdbx_struct_sheet_hbond.range_2_auth_comp_id 
_pdbx_struct_sheet_hbond.range_2_auth_asym_id 
_pdbx_struct_sheet_hbond.range_2_auth_seq_id 
AA1 1 2 O GLY A 82 ? O GLY A 281 N HIS A 33  ? N HIS A 232 
AA1 2 3 O LYS A 34 ? O LYS A 233 N LYS A 18  ? N LYS A 217 
AA1 3 4 N VAL A 13 ? N VAL A 212 O THR A 124 ? O THR A 323 
AA2 1 2 O VAL A 69 ? O VAL A 268 N PHE A 57  ? N PHE A 256 
AA2 2 3 N TRP A 56 ? N TRP A 255 O GLN A 91  ? O GLN A 290 
AA2 3 4 N VAL A 88 ? N VAL A 287 O HIS A 106 ? O HIS A 305 
# 
loop_
_struct_site.id 
_struct_site.pdbx_evidence_code 
_struct_site.pdbx_auth_asym_id 
_struct_site.pdbx_auth_comp_id 
_struct_site.pdbx_auth_seq_id 
_struct_site.pdbx_auth_ins_code 
_struct_site.pdbx_num_residues 
_struct_site.details 
AC1 Software A NH4 401 ? 1 'binding site for residue NH4 A 401' 
AC2 Software ? ?   ?   ? 1 'binding site for residue NH4 A 402' 
AC3 Software A NH4 403 ? 2 'binding site for residue NH4 A 403' 
AC4 Software A NH4 404 ? 2 'binding site for residue NH4 A 404' 
AC5 Software A CL  405 ? 4 'binding site for residue CL A 405'  
# 
loop_
_struct_site_gen.id 
_struct_site_gen.site_id 
_struct_site_gen.pdbx_num_res 
_struct_site_gen.label_comp_id 
_struct_site_gen.label_asym_id 
_struct_site_gen.label_seq_id 
_struct_site_gen.pdbx_auth_ins_code 
_struct_site_gen.auth_comp_id 
_struct_site_gen.auth_asym_id 
_struct_site_gen.auth_seq_id 
_struct_site_gen.label_atom_id 
_struct_site_gen.label_alt_id 
_struct_site_gen.symmetry 
_struct_site_gen.details 
1  AC1 1 LYS A 18  ? LYS A 217 . ? 1_555 ? 
2  AC2 1 ARG B 3   ? ARG B 26  . ? 8_555 ? 
3  AC3 2 SER A 42  ? SER A 241 . ? 1_555 ? 
4  AC3 2 ARG A 44  ? ARG A 243 . ? 1_555 ? 
5  AC4 2 ARG A 72  ? ARG A 271 . ? 2_545 ? 
6  AC4 2 ARG A 72  ? ARG A 271 . ? 1_555 ? 
7  AC5 4 ARG A 112 ? ARG A 311 . ? 2_445 ? 
8  AC5 4 ARG A 112 ? ARG A 311 . ? 4_545 ? 
9  AC5 4 ARG A 112 ? ARG A 311 . ? 3_455 ? 
10 AC5 4 ARG A 112 ? ARG A 311 . ? 1_555 ? 
# 
_pdbx_entry_details.entry_id                   5XNV 
_pdbx_entry_details.compound_details           ? 
_pdbx_entry_details.source_details             ? 
_pdbx_entry_details.nonpolymer_details         ? 
_pdbx_entry_details.sequence_details           ? 
_pdbx_entry_details.has_ligand_of_interest     ? 
_pdbx_entry_details.has_protein_modification   Y 
# 
_pdbx_validate_close_contact.id               1 
_pdbx_validate_close_contact.PDB_model_num    1 
_pdbx_validate_close_contact.auth_atom_id_1   NH2 
_pdbx_validate_close_contact.auth_asym_id_1   A 
_pdbx_validate_close_contact.auth_comp_id_1   ARG 
_pdbx_validate_close_contact.auth_seq_id_1    203 
_pdbx_validate_close_contact.PDB_ins_code_1   ? 
_pdbx_validate_close_contact.label_alt_id_1   ? 
_pdbx_validate_close_contact.auth_atom_id_2   O 
_pdbx_validate_close_contact.auth_asym_id_2   A 
_pdbx_validate_close_contact.auth_comp_id_2   HOH 
_pdbx_validate_close_contact.auth_seq_id_2    501 
_pdbx_validate_close_contact.PDB_ins_code_2   ? 
_pdbx_validate_close_contact.label_alt_id_2   ? 
_pdbx_validate_close_contact.dist             2.14 
# 
loop_
_pdbx_validate_torsion.id 
_pdbx_validate_torsion.PDB_model_num 
_pdbx_validate_torsion.auth_comp_id 
_pdbx_validate_torsion.auth_asym_id 
_pdbx_validate_torsion.auth_seq_id 
_pdbx_validate_torsion.PDB_ins_code 
_pdbx_validate_torsion.label_alt_id 
_pdbx_validate_torsion.phi 
_pdbx_validate_torsion.psi 
1 1 SER A 202 ? ? 67.81  -136.13 
2 1 ASN A 265 ? ? -95.41 39.04   
3 1 HIS A 330 ? ? -59.86 108.69  
# 
_pdbx_struct_special_symmetry.id              1 
_pdbx_struct_special_symmetry.PDB_model_num   1 
_pdbx_struct_special_symmetry.auth_asym_id    A 
_pdbx_struct_special_symmetry.auth_comp_id    CL 
_pdbx_struct_special_symmetry.auth_seq_id     405 
_pdbx_struct_special_symmetry.PDB_ins_code    ? 
_pdbx_struct_special_symmetry.label_asym_id   F 
_pdbx_struct_special_symmetry.label_comp_id   CL 
_pdbx_struct_special_symmetry.label_seq_id    . 
# 
_pdbx_unobs_or_zero_occ_residues.id               1 
_pdbx_unobs_or_zero_occ_residues.PDB_model_num    1 
_pdbx_unobs_or_zero_occ_residues.polymer_flag     Y 
_pdbx_unobs_or_zero_occ_residues.occupancy_flag   1 
_pdbx_unobs_or_zero_occ_residues.auth_asym_id     A 
_pdbx_unobs_or_zero_occ_residues.auth_comp_id     SER 
_pdbx_unobs_or_zero_occ_residues.auth_seq_id      200 
_pdbx_unobs_or_zero_occ_residues.PDB_ins_code     ? 
_pdbx_unobs_or_zero_occ_residues.label_asym_id    A 
_pdbx_unobs_or_zero_occ_residues.label_comp_id    SER 
_pdbx_unobs_or_zero_occ_residues.label_seq_id     1 
# 
loop_
_chem_comp_atom.comp_id 
_chem_comp_atom.atom_id 
_chem_comp_atom.type_symbol 
_chem_comp_atom.pdbx_aromatic_flag 
_chem_comp_atom.pdbx_stereo_config 
_chem_comp_atom.pdbx_ordinal 
ALA N    N  N N 1   
ALA CA   C  N S 2   
ALA C    C  N N 3   
ALA O    O  N N 4   
ALA CB   C  N N 5   
ALA OXT  O  N N 6   
ALA H    H  N N 7   
ALA H2   H  N N 8   
ALA HA   H  N N 9   
ALA HB1  H  N N 10  
ALA HB2  H  N N 11  
ALA HB3  H  N N 12  
ALA HXT  H  N N 13  
ALY OH   O  N N 14  
ALY CH   C  N N 15  
ALY CH3  C  N N 16  
ALY NZ   N  N N 17  
ALY CE   C  N N 18  
ALY CD   C  N N 19  
ALY CG   C  N N 20  
ALY CB   C  N N 21  
ALY CA   C  N S 22  
ALY N    N  N N 23  
ALY C    C  N N 24  
ALY O    O  N N 25  
ALY OXT  O  N N 26  
ALY HH31 H  N N 27  
ALY HH32 H  N N 28  
ALY HH33 H  N N 29  
ALY HZ   H  N N 30  
ALY HE3  H  N N 31  
ALY HE2  H  N N 32  
ALY HD3  H  N N 33  
ALY HD2  H  N N 34  
ALY HG3  H  N N 35  
ALY HG2  H  N N 36  
ALY HB3  H  N N 37  
ALY HB2  H  N N 38  
ALY HA   H  N N 39  
ALY H    H  N N 40  
ALY H2   H  N N 41  
ALY HXT  H  N N 42  
ARG N    N  N N 43  
ARG CA   C  N S 44  
ARG C    C  N N 45  
ARG O    O  N N 46  
ARG CB   C  N N 47  
ARG CG   C  N N 48  
ARG CD   C  N N 49  
ARG NE   N  N N 50  
ARG CZ   C  N N 51  
ARG NH1  N  N N 52  
ARG NH2  N  N N 53  
ARG OXT  O  N N 54  
ARG H    H  N N 55  
ARG H2   H  N N 56  
ARG HA   H  N N 57  
ARG HB2  H  N N 58  
ARG HB3  H  N N 59  
ARG HG2  H  N N 60  
ARG HG3  H  N N 61  
ARG HD2  H  N N 62  
ARG HD3  H  N N 63  
ARG HE   H  N N 64  
ARG HH11 H  N N 65  
ARG HH12 H  N N 66  
ARG HH21 H  N N 67  
ARG HH22 H  N N 68  
ARG HXT  H  N N 69  
ASN N    N  N N 70  
ASN CA   C  N S 71  
ASN C    C  N N 72  
ASN O    O  N N 73  
ASN CB   C  N N 74  
ASN CG   C  N N 75  
ASN OD1  O  N N 76  
ASN ND2  N  N N 77  
ASN OXT  O  N N 78  
ASN H    H  N N 79  
ASN H2   H  N N 80  
ASN HA   H  N N 81  
ASN HB2  H  N N 82  
ASN HB3  H  N N 83  
ASN HD21 H  N N 84  
ASN HD22 H  N N 85  
ASN HXT  H  N N 86  
ASP N    N  N N 87  
ASP CA   C  N S 88  
ASP C    C  N N 89  
ASP O    O  N N 90  
ASP CB   C  N N 91  
ASP CG   C  N N 92  
ASP OD1  O  N N 93  
ASP OD2  O  N N 94  
ASP OXT  O  N N 95  
ASP H    H  N N 96  
ASP H2   H  N N 97  
ASP HA   H  N N 98  
ASP HB2  H  N N 99  
ASP HB3  H  N N 100 
ASP HD2  H  N N 101 
ASP HXT  H  N N 102 
CL  CL   CL N N 103 
GLN N    N  N N 104 
GLN CA   C  N S 105 
GLN C    C  N N 106 
GLN O    O  N N 107 
GLN CB   C  N N 108 
GLN CG   C  N N 109 
GLN CD   C  N N 110 
GLN OE1  O  N N 111 
GLN NE2  N  N N 112 
GLN OXT  O  N N 113 
GLN H    H  N N 114 
GLN H2   H  N N 115 
GLN HA   H  N N 116 
GLN HB2  H  N N 117 
GLN HB3  H  N N 118 
GLN HG2  H  N N 119 
GLN HG3  H  N N 120 
GLN HE21 H  N N 121 
GLN HE22 H  N N 122 
GLN HXT  H  N N 123 
GLU N    N  N N 124 
GLU CA   C  N S 125 
GLU C    C  N N 126 
GLU O    O  N N 127 
GLU CB   C  N N 128 
GLU CG   C  N N 129 
GLU CD   C  N N 130 
GLU OE1  O  N N 131 
GLU OE2  O  N N 132 
GLU OXT  O  N N 133 
GLU H    H  N N 134 
GLU H2   H  N N 135 
GLU HA   H  N N 136 
GLU HB2  H  N N 137 
GLU HB3  H  N N 138 
GLU HG2  H  N N 139 
GLU HG3  H  N N 140 
GLU HE2  H  N N 141 
GLU HXT  H  N N 142 
GLY N    N  N N 143 
GLY CA   C  N N 144 
GLY C    C  N N 145 
GLY O    O  N N 146 
GLY OXT  O  N N 147 
GLY H    H  N N 148 
GLY H2   H  N N 149 
GLY HA2  H  N N 150 
GLY HA3  H  N N 151 
GLY HXT  H  N N 152 
HIS N    N  N N 153 
HIS CA   C  N S 154 
HIS C    C  N N 155 
HIS O    O  N N 156 
HIS CB   C  N N 157 
HIS CG   C  Y N 158 
HIS ND1  N  Y N 159 
HIS CD2  C  Y N 160 
HIS CE1  C  Y N 161 
HIS NE2  N  Y N 162 
HIS OXT  O  N N 163 
HIS H    H  N N 164 
HIS H2   H  N N 165 
HIS HA   H  N N 166 
HIS HB2  H  N N 167 
HIS HB3  H  N N 168 
HIS HD1  H  N N 169 
HIS HD2  H  N N 170 
HIS HE1  H  N N 171 
HIS HE2  H  N N 172 
HIS HXT  H  N N 173 
HOH O    O  N N 174 
HOH H1   H  N N 175 
HOH H2   H  N N 176 
ILE N    N  N N 177 
ILE CA   C  N S 178 
ILE C    C  N N 179 
ILE O    O  N N 180 
ILE CB   C  N S 181 
ILE CG1  C  N N 182 
ILE CG2  C  N N 183 
ILE CD1  C  N N 184 
ILE OXT  O  N N 185 
ILE H    H  N N 186 
ILE H2   H  N N 187 
ILE HA   H  N N 188 
ILE HB   H  N N 189 
ILE HG12 H  N N 190 
ILE HG13 H  N N 191 
ILE HG21 H  N N 192 
ILE HG22 H  N N 193 
ILE HG23 H  N N 194 
ILE HD11 H  N N 195 
ILE HD12 H  N N 196 
ILE HD13 H  N N 197 
ILE HXT  H  N N 198 
LEU N    N  N N 199 
LEU CA   C  N S 200 
LEU C    C  N N 201 
LEU O    O  N N 202 
LEU CB   C  N N 203 
LEU CG   C  N N 204 
LEU CD1  C  N N 205 
LEU CD2  C  N N 206 
LEU OXT  O  N N 207 
LEU H    H  N N 208 
LEU H2   H  N N 209 
LEU HA   H  N N 210 
LEU HB2  H  N N 211 
LEU HB3  H  N N 212 
LEU HG   H  N N 213 
LEU HD11 H  N N 214 
LEU HD12 H  N N 215 
LEU HD13 H  N N 216 
LEU HD21 H  N N 217 
LEU HD22 H  N N 218 
LEU HD23 H  N N 219 
LEU HXT  H  N N 220 
LYS N    N  N N 221 
LYS CA   C  N S 222 
LYS C    C  N N 223 
LYS O    O  N N 224 
LYS CB   C  N N 225 
LYS CG   C  N N 226 
LYS CD   C  N N 227 
LYS CE   C  N N 228 
LYS NZ   N  N N 229 
LYS OXT  O  N N 230 
LYS H    H  N N 231 
LYS H2   H  N N 232 
LYS HA   H  N N 233 
LYS HB2  H  N N 234 
LYS HB3  H  N N 235 
LYS HG2  H  N N 236 
LYS HG3  H  N N 237 
LYS HD2  H  N N 238 
LYS HD3  H  N N 239 
LYS HE2  H  N N 240 
LYS HE3  H  N N 241 
LYS HZ1  H  N N 242 
LYS HZ2  H  N N 243 
LYS HZ3  H  N N 244 
LYS HXT  H  N N 245 
MET N    N  N N 246 
MET CA   C  N S 247 
MET C    C  N N 248 
MET O    O  N N 249 
MET CB   C  N N 250 
MET CG   C  N N 251 
MET SD   S  N N 252 
MET CE   C  N N 253 
MET OXT  O  N N 254 
MET H    H  N N 255 
MET H2   H  N N 256 
MET HA   H  N N 257 
MET HB2  H  N N 258 
MET HB3  H  N N 259 
MET HG2  H  N N 260 
MET HG3  H  N N 261 
MET HE1  H  N N 262 
MET HE2  H  N N 263 
MET HE3  H  N N 264 
MET HXT  H  N N 265 
NH4 N    N  N N 266 
NH4 HN1  H  N N 267 
NH4 HN2  H  N N 268 
NH4 HN3  H  N N 269 
NH4 HN4  H  N N 270 
PHE N    N  N N 271 
PHE CA   C  N S 272 
PHE C    C  N N 273 
PHE O    O  N N 274 
PHE CB   C  N N 275 
PHE CG   C  Y N 276 
PHE CD1  C  Y N 277 
PHE CD2  C  Y N 278 
PHE CE1  C  Y N 279 
PHE CE2  C  Y N 280 
PHE CZ   C  Y N 281 
PHE OXT  O  N N 282 
PHE H    H  N N 283 
PHE H2   H  N N 284 
PHE HA   H  N N 285 
PHE HB2  H  N N 286 
PHE HB3  H  N N 287 
PHE HD1  H  N N 288 
PHE HD2  H  N N 289 
PHE HE1  H  N N 290 
PHE HE2  H  N N 291 
PHE HZ   H  N N 292 
PHE HXT  H  N N 293 
PRO N    N  N N 294 
PRO CA   C  N S 295 
PRO C    C  N N 296 
PRO O    O  N N 297 
PRO CB   C  N N 298 
PRO CG   C  N N 299 
PRO CD   C  N N 300 
PRO OXT  O  N N 301 
PRO H    H  N N 302 
PRO HA   H  N N 303 
PRO HB2  H  N N 304 
PRO HB3  H  N N 305 
PRO HG2  H  N N 306 
PRO HG3  H  N N 307 
PRO HD2  H  N N 308 
PRO HD3  H  N N 309 
PRO HXT  H  N N 310 
SER N    N  N N 311 
SER CA   C  N S 312 
SER C    C  N N 313 
SER O    O  N N 314 
SER CB   C  N N 315 
SER OG   O  N N 316 
SER OXT  O  N N 317 
SER H    H  N N 318 
SER H2   H  N N 319 
SER HA   H  N N 320 
SER HB2  H  N N 321 
SER HB3  H  N N 322 
SER HG   H  N N 323 
SER HXT  H  N N 324 
THR N    N  N N 325 
THR CA   C  N S 326 
THR C    C  N N 327 
THR O    O  N N 328 
THR CB   C  N R 329 
THR OG1  O  N N 330 
THR CG2  C  N N 331 
THR OXT  O  N N 332 
THR H    H  N N 333 
THR H2   H  N N 334 
THR HA   H  N N 335 
THR HB   H  N N 336 
THR HG1  H  N N 337 
THR HG21 H  N N 338 
THR HG22 H  N N 339 
THR HG23 H  N N 340 
THR HXT  H  N N 341 
TRP N    N  N N 342 
TRP CA   C  N S 343 
TRP C    C  N N 344 
TRP O    O  N N 345 
TRP CB   C  N N 346 
TRP CG   C  Y N 347 
TRP CD1  C  Y N 348 
TRP CD2  C  Y N 349 
TRP NE1  N  Y N 350 
TRP CE2  C  Y N 351 
TRP CE3  C  Y N 352 
TRP CZ2  C  Y N 353 
TRP CZ3  C  Y N 354 
TRP CH2  C  Y N 355 
TRP OXT  O  N N 356 
TRP H    H  N N 357 
TRP H2   H  N N 358 
TRP HA   H  N N 359 
TRP HB2  H  N N 360 
TRP HB3  H  N N 361 
TRP HD1  H  N N 362 
TRP HE1  H  N N 363 
TRP HE3  H  N N 364 
TRP HZ2  H  N N 365 
TRP HZ3  H  N N 366 
TRP HH2  H  N N 367 
TRP HXT  H  N N 368 
TYR N    N  N N 369 
TYR CA   C  N S 370 
TYR C    C  N N 371 
TYR O    O  N N 372 
TYR CB   C  N N 373 
TYR CG   C  Y N 374 
TYR CD1  C  Y N 375 
TYR CD2  C  Y N 376 
TYR CE1  C  Y N 377 
TYR CE2  C  Y N 378 
TYR CZ   C  Y N 379 
TYR OH   O  N N 380 
TYR OXT  O  N N 381 
TYR H    H  N N 382 
TYR H2   H  N N 383 
TYR HA   H  N N 384 
TYR HB2  H  N N 385 
TYR HB3  H  N N 386 
TYR HD1  H  N N 387 
TYR HD2  H  N N 388 
TYR HE1  H  N N 389 
TYR HE2  H  N N 390 
TYR HH   H  N N 391 
TYR HXT  H  N N 392 
VAL N    N  N N 393 
VAL CA   C  N S 394 
VAL C    C  N N 395 
VAL O    O  N N 396 
VAL CB   C  N N 397 
VAL CG1  C  N N 398 
VAL CG2  C  N N 399 
VAL OXT  O  N N 400 
VAL H    H  N N 401 
VAL H2   H  N N 402 
VAL HA   H  N N 403 
VAL HB   H  N N 404 
VAL HG11 H  N N 405 
VAL HG12 H  N N 406 
VAL HG13 H  N N 407 
VAL HG21 H  N N 408 
VAL HG22 H  N N 409 
VAL HG23 H  N N 410 
VAL HXT  H  N N 411 
# 
loop_
_chem_comp_bond.comp_id 
_chem_comp_bond.atom_id_1 
_chem_comp_bond.atom_id_2 
_chem_comp_bond.value_order 
_chem_comp_bond.pdbx_aromatic_flag 
_chem_comp_bond.pdbx_stereo_config 
_chem_comp_bond.pdbx_ordinal 
ALA N   CA   sing N N 1   
ALA N   H    sing N N 2   
ALA N   H2   sing N N 3   
ALA CA  C    sing N N 4   
ALA CA  CB   sing N N 5   
ALA CA  HA   sing N N 6   
ALA C   O    doub N N 7   
ALA C   OXT  sing N N 8   
ALA CB  HB1  sing N N 9   
ALA CB  HB2  sing N N 10  
ALA CB  HB3  sing N N 11  
ALA OXT HXT  sing N N 12  
ALY OH  CH   doub N N 13  
ALY CH  CH3  sing N N 14  
ALY CH  NZ   sing N N 15  
ALY CH3 HH31 sing N N 16  
ALY CH3 HH32 sing N N 17  
ALY CH3 HH33 sing N N 18  
ALY NZ  CE   sing N N 19  
ALY NZ  HZ   sing N N 20  
ALY CE  CD   sing N N 21  
ALY CE  HE3  sing N N 22  
ALY CE  HE2  sing N N 23  
ALY CD  CG   sing N N 24  
ALY CD  HD3  sing N N 25  
ALY CD  HD2  sing N N 26  
ALY CG  CB   sing N N 27  
ALY CG  HG3  sing N N 28  
ALY CG  HG2  sing N N 29  
ALY CB  CA   sing N N 30  
ALY CB  HB3  sing N N 31  
ALY CB  HB2  sing N N 32  
ALY CA  N    sing N N 33  
ALY CA  C    sing N N 34  
ALY CA  HA   sing N N 35  
ALY N   H    sing N N 36  
ALY N   H2   sing N N 37  
ALY C   O    doub N N 38  
ALY C   OXT  sing N N 39  
ALY OXT HXT  sing N N 40  
ARG N   CA   sing N N 41  
ARG N   H    sing N N 42  
ARG N   H2   sing N N 43  
ARG CA  C    sing N N 44  
ARG CA  CB   sing N N 45  
ARG CA  HA   sing N N 46  
ARG C   O    doub N N 47  
ARG C   OXT  sing N N 48  
ARG CB  CG   sing N N 49  
ARG CB  HB2  sing N N 50  
ARG CB  HB3  sing N N 51  
ARG CG  CD   sing N N 52  
ARG CG  HG2  sing N N 53  
ARG CG  HG3  sing N N 54  
ARG CD  NE   sing N N 55  
ARG CD  HD2  sing N N 56  
ARG CD  HD3  sing N N 57  
ARG NE  CZ   sing N N 58  
ARG NE  HE   sing N N 59  
ARG CZ  NH1  sing N N 60  
ARG CZ  NH2  doub N N 61  
ARG NH1 HH11 sing N N 62  
ARG NH1 HH12 sing N N 63  
ARG NH2 HH21 sing N N 64  
ARG NH2 HH22 sing N N 65  
ARG OXT HXT  sing N N 66  
ASN N   CA   sing N N 67  
ASN N   H    sing N N 68  
ASN N   H2   sing N N 69  
ASN CA  C    sing N N 70  
ASN CA  CB   sing N N 71  
ASN CA  HA   sing N N 72  
ASN C   O    doub N N 73  
ASN C   OXT  sing N N 74  
ASN CB  CG   sing N N 75  
ASN CB  HB2  sing N N 76  
ASN CB  HB3  sing N N 77  
ASN CG  OD1  doub N N 78  
ASN CG  ND2  sing N N 79  
ASN ND2 HD21 sing N N 80  
ASN ND2 HD22 sing N N 81  
ASN OXT HXT  sing N N 82  
ASP N   CA   sing N N 83  
ASP N   H    sing N N 84  
ASP N   H2   sing N N 85  
ASP CA  C    sing N N 86  
ASP CA  CB   sing N N 87  
ASP CA  HA   sing N N 88  
ASP C   O    doub N N 89  
ASP C   OXT  sing N N 90  
ASP CB  CG   sing N N 91  
ASP CB  HB2  sing N N 92  
ASP CB  HB3  sing N N 93  
ASP CG  OD1  doub N N 94  
ASP CG  OD2  sing N N 95  
ASP OD2 HD2  sing N N 96  
ASP OXT HXT  sing N N 97  
GLN N   CA   sing N N 98  
GLN N   H    sing N N 99  
GLN N   H2   sing N N 100 
GLN CA  C    sing N N 101 
GLN CA  CB   sing N N 102 
GLN CA  HA   sing N N 103 
GLN C   O    doub N N 104 
GLN C   OXT  sing N N 105 
GLN CB  CG   sing N N 106 
GLN CB  HB2  sing N N 107 
GLN CB  HB3  sing N N 108 
GLN CG  CD   sing N N 109 
GLN CG  HG2  sing N N 110 
GLN CG  HG3  sing N N 111 
GLN CD  OE1  doub N N 112 
GLN CD  NE2  sing N N 113 
GLN NE2 HE21 sing N N 114 
GLN NE2 HE22 sing N N 115 
GLN OXT HXT  sing N N 116 
GLU N   CA   sing N N 117 
GLU N   H    sing N N 118 
GLU N   H2   sing N N 119 
GLU CA  C    sing N N 120 
GLU CA  CB   sing N N 121 
GLU CA  HA   sing N N 122 
GLU C   O    doub N N 123 
GLU C   OXT  sing N N 124 
GLU CB  CG   sing N N 125 
GLU CB  HB2  sing N N 126 
GLU CB  HB3  sing N N 127 
GLU CG  CD   sing N N 128 
GLU CG  HG2  sing N N 129 
GLU CG  HG3  sing N N 130 
GLU CD  OE1  doub N N 131 
GLU CD  OE2  sing N N 132 
GLU OE2 HE2  sing N N 133 
GLU OXT HXT  sing N N 134 
GLY N   CA   sing N N 135 
GLY N   H    sing N N 136 
GLY N   H2   sing N N 137 
GLY CA  C    sing N N 138 
GLY CA  HA2  sing N N 139 
GLY CA  HA3  sing N N 140 
GLY C   O    doub N N 141 
GLY C   OXT  sing N N 142 
GLY OXT HXT  sing N N 143 
HIS N   CA   sing N N 144 
HIS N   H    sing N N 145 
HIS N   H2   sing N N 146 
HIS CA  C    sing N N 147 
HIS CA  CB   sing N N 148 
HIS CA  HA   sing N N 149 
HIS C   O    doub N N 150 
HIS C   OXT  sing N N 151 
HIS CB  CG   sing N N 152 
HIS CB  HB2  sing N N 153 
HIS CB  HB3  sing N N 154 
HIS CG  ND1  sing Y N 155 
HIS CG  CD2  doub Y N 156 
HIS ND1 CE1  doub Y N 157 
HIS ND1 HD1  sing N N 158 
HIS CD2 NE2  sing Y N 159 
HIS CD2 HD2  sing N N 160 
HIS CE1 NE2  sing Y N 161 
HIS CE1 HE1  sing N N 162 
HIS NE2 HE2  sing N N 163 
HIS OXT HXT  sing N N 164 
HOH O   H1   sing N N 165 
HOH O   H2   sing N N 166 
ILE N   CA   sing N N 167 
ILE N   H    sing N N 168 
ILE N   H2   sing N N 169 
ILE CA  C    sing N N 170 
ILE CA  CB   sing N N 171 
ILE CA  HA   sing N N 172 
ILE C   O    doub N N 173 
ILE C   OXT  sing N N 174 
ILE CB  CG1  sing N N 175 
ILE CB  CG2  sing N N 176 
ILE CB  HB   sing N N 177 
ILE CG1 CD1  sing N N 178 
ILE CG1 HG12 sing N N 179 
ILE CG1 HG13 sing N N 180 
ILE CG2 HG21 sing N N 181 
ILE CG2 HG22 sing N N 182 
ILE CG2 HG23 sing N N 183 
ILE CD1 HD11 sing N N 184 
ILE CD1 HD12 sing N N 185 
ILE CD1 HD13 sing N N 186 
ILE OXT HXT  sing N N 187 
LEU N   CA   sing N N 188 
LEU N   H    sing N N 189 
LEU N   H2   sing N N 190 
LEU CA  C    sing N N 191 
LEU CA  CB   sing N N 192 
LEU CA  HA   sing N N 193 
LEU C   O    doub N N 194 
LEU C   OXT  sing N N 195 
LEU CB  CG   sing N N 196 
LEU CB  HB2  sing N N 197 
LEU CB  HB3  sing N N 198 
LEU CG  CD1  sing N N 199 
LEU CG  CD2  sing N N 200 
LEU CG  HG   sing N N 201 
LEU CD1 HD11 sing N N 202 
LEU CD1 HD12 sing N N 203 
LEU CD1 HD13 sing N N 204 
LEU CD2 HD21 sing N N 205 
LEU CD2 HD22 sing N N 206 
LEU CD2 HD23 sing N N 207 
LEU OXT HXT  sing N N 208 
LYS N   CA   sing N N 209 
LYS N   H    sing N N 210 
LYS N   H2   sing N N 211 
LYS CA  C    sing N N 212 
LYS CA  CB   sing N N 213 
LYS CA  HA   sing N N 214 
LYS C   O    doub N N 215 
LYS C   OXT  sing N N 216 
LYS CB  CG   sing N N 217 
LYS CB  HB2  sing N N 218 
LYS CB  HB3  sing N N 219 
LYS CG  CD   sing N N 220 
LYS CG  HG2  sing N N 221 
LYS CG  HG3  sing N N 222 
LYS CD  CE   sing N N 223 
LYS CD  HD2  sing N N 224 
LYS CD  HD3  sing N N 225 
LYS CE  NZ   sing N N 226 
LYS CE  HE2  sing N N 227 
LYS CE  HE3  sing N N 228 
LYS NZ  HZ1  sing N N 229 
LYS NZ  HZ2  sing N N 230 
LYS NZ  HZ3  sing N N 231 
LYS OXT HXT  sing N N 232 
MET N   CA   sing N N 233 
MET N   H    sing N N 234 
MET N   H2   sing N N 235 
MET CA  C    sing N N 236 
MET CA  CB   sing N N 237 
MET CA  HA   sing N N 238 
MET C   O    doub N N 239 
MET C   OXT  sing N N 240 
MET CB  CG   sing N N 241 
MET CB  HB2  sing N N 242 
MET CB  HB3  sing N N 243 
MET CG  SD   sing N N 244 
MET CG  HG2  sing N N 245 
MET CG  HG3  sing N N 246 
MET SD  CE   sing N N 247 
MET CE  HE1  sing N N 248 
MET CE  HE2  sing N N 249 
MET CE  HE3  sing N N 250 
MET OXT HXT  sing N N 251 
NH4 N   HN1  sing N N 252 
NH4 N   HN2  sing N N 253 
NH4 N   HN3  sing N N 254 
NH4 N   HN4  sing N N 255 
PHE N   CA   sing N N 256 
PHE N   H    sing N N 257 
PHE N   H2   sing N N 258 
PHE CA  C    sing N N 259 
PHE CA  CB   sing N N 260 
PHE CA  HA   sing N N 261 
PHE C   O    doub N N 262 
PHE C   OXT  sing N N 263 
PHE CB  CG   sing N N 264 
PHE CB  HB2  sing N N 265 
PHE CB  HB3  sing N N 266 
PHE CG  CD1  doub Y N 267 
PHE CG  CD2  sing Y N 268 
PHE CD1 CE1  sing Y N 269 
PHE CD1 HD1  sing N N 270 
PHE CD2 CE2  doub Y N 271 
PHE CD2 HD2  sing N N 272 
PHE CE1 CZ   doub Y N 273 
PHE CE1 HE1  sing N N 274 
PHE CE2 CZ   sing Y N 275 
PHE CE2 HE2  sing N N 276 
PHE CZ  HZ   sing N N 277 
PHE OXT HXT  sing N N 278 
PRO N   CA   sing N N 279 
PRO N   CD   sing N N 280 
PRO N   H    sing N N 281 
PRO CA  C    sing N N 282 
PRO CA  CB   sing N N 283 
PRO CA  HA   sing N N 284 
PRO C   O    doub N N 285 
PRO C   OXT  sing N N 286 
PRO CB  CG   sing N N 287 
PRO CB  HB2  sing N N 288 
PRO CB  HB3  sing N N 289 
PRO CG  CD   sing N N 290 
PRO CG  HG2  sing N N 291 
PRO CG  HG3  sing N N 292 
PRO CD  HD2  sing N N 293 
PRO CD  HD3  sing N N 294 
PRO OXT HXT  sing N N 295 
SER N   CA   sing N N 296 
SER N   H    sing N N 297 
SER N   H2   sing N N 298 
SER CA  C    sing N N 299 
SER CA  CB   sing N N 300 
SER CA  HA   sing N N 301 
SER C   O    doub N N 302 
SER C   OXT  sing N N 303 
SER CB  OG   sing N N 304 
SER CB  HB2  sing N N 305 
SER CB  HB3  sing N N 306 
SER OG  HG   sing N N 307 
SER OXT HXT  sing N N 308 
THR N   CA   sing N N 309 
THR N   H    sing N N 310 
THR N   H2   sing N N 311 
THR CA  C    sing N N 312 
THR CA  CB   sing N N 313 
THR CA  HA   sing N N 314 
THR C   O    doub N N 315 
THR C   OXT  sing N N 316 
THR CB  OG1  sing N N 317 
THR CB  CG2  sing N N 318 
THR CB  HB   sing N N 319 
THR OG1 HG1  sing N N 320 
THR CG2 HG21 sing N N 321 
THR CG2 HG22 sing N N 322 
THR CG2 HG23 sing N N 323 
THR OXT HXT  sing N N 324 
TRP N   CA   sing N N 325 
TRP N   H    sing N N 326 
TRP N   H2   sing N N 327 
TRP CA  C    sing N N 328 
TRP CA  CB   sing N N 329 
TRP CA  HA   sing N N 330 
TRP C   O    doub N N 331 
TRP C   OXT  sing N N 332 
TRP CB  CG   sing N N 333 
TRP CB  HB2  sing N N 334 
TRP CB  HB3  sing N N 335 
TRP CG  CD1  doub Y N 336 
TRP CG  CD2  sing Y N 337 
TRP CD1 NE1  sing Y N 338 
TRP CD1 HD1  sing N N 339 
TRP CD2 CE2  doub Y N 340 
TRP CD2 CE3  sing Y N 341 
TRP NE1 CE2  sing Y N 342 
TRP NE1 HE1  sing N N 343 
TRP CE2 CZ2  sing Y N 344 
TRP CE3 CZ3  doub Y N 345 
TRP CE3 HE3  sing N N 346 
TRP CZ2 CH2  doub Y N 347 
TRP CZ2 HZ2  sing N N 348 
TRP CZ3 CH2  sing Y N 349 
TRP CZ3 HZ3  sing N N 350 
TRP CH2 HH2  sing N N 351 
TRP OXT HXT  sing N N 352 
TYR N   CA   sing N N 353 
TYR N   H    sing N N 354 
TYR N   H2   sing N N 355 
TYR CA  C    sing N N 356 
TYR CA  CB   sing N N 357 
TYR CA  HA   sing N N 358 
TYR C   O    doub N N 359 
TYR C   OXT  sing N N 360 
TYR CB  CG   sing N N 361 
TYR CB  HB2  sing N N 362 
TYR CB  HB3  sing N N 363 
TYR CG  CD1  doub Y N 364 
TYR CG  CD2  sing Y N 365 
TYR CD1 CE1  sing Y N 366 
TYR CD1 HD1  sing N N 367 
TYR CD2 CE2  doub Y N 368 
TYR CD2 HD2  sing N N 369 
TYR CE1 CZ   doub Y N 370 
TYR CE1 HE1  sing N N 371 
TYR CE2 CZ   sing Y N 372 
TYR CE2 HE2  sing N N 373 
TYR CZ  OH   sing N N 374 
TYR OH  HH   sing N N 375 
TYR OXT HXT  sing N N 376 
VAL N   CA   sing N N 377 
VAL N   H    sing N N 378 
VAL N   H2   sing N N 379 
VAL CA  C    sing N N 380 
VAL CA  CB   sing N N 381 
VAL CA  HA   sing N N 382 
VAL C   O    doub N N 383 
VAL C   OXT  sing N N 384 
VAL CB  CG1  sing N N 385 
VAL CB  CG2  sing N N 386 
VAL CB  HB   sing N N 387 
VAL CG1 HG11 sing N N 388 
VAL CG1 HG12 sing N N 389 
VAL CG1 HG13 sing N N 390 
VAL CG2 HG21 sing N N 391 
VAL CG2 HG22 sing N N 392 
VAL CG2 HG23 sing N N 393 
VAL OXT HXT  sing N N 394 
# 
loop_
_pdbx_audit_support.funding_organization 
_pdbx_audit_support.country 
_pdbx_audit_support.grant_number 
_pdbx_audit_support.ordinal 
'Major State Basic Research Development Program' China 2015CB910503 1 
'National Natural Science Foundation of China'   China 91519304     2 
# 
_pdbx_initial_refinement_model.id               1 
_pdbx_initial_refinement_model.entity_id_list   ? 
_pdbx_initial_refinement_model.type             'experimental model' 
_pdbx_initial_refinement_model.source_name      PDB 
_pdbx_initial_refinement_model.accession_code   4TMP 
_pdbx_initial_refinement_model.details          ? 
# 
_atom_sites.entry_id                    5XNV 
_atom_sites.fract_transf_matrix[1][1]   0.00768801 
_atom_sites.fract_transf_matrix[1][2]   0.00892246 
_atom_sites.fract_transf_matrix[1][3]   -0.00705866 
_atom_sites.fract_transf_matrix[2][1]   0.00803021 
_atom_sites.fract_transf_matrix[2][2]   0.00177909 
_atom_sites.fract_transf_matrix[2][3]   0.01099504 
_atom_sites.fract_transf_matrix[3][1]   0.00468667 
_atom_sites.fract_transf_matrix[3][2]   -0.00598058 
_atom_sites.fract_transf_matrix[3][3]   -0.00245520 
_atom_sites.fract_transf_vector[1]      -0.216432 
_atom_sites.fract_transf_vector[2]      -0.443642 
_atom_sites.fract_transf_vector[3]      -0.151555 
# 
loop_
_atom_type.symbol 
C  
CL 
N  
O  
S  
# 
loop_
_atom_site.group_PDB 
_atom_site.id 
_atom_site.type_symbol 
_atom_site.label_atom_id 
_atom_site.label_alt_id 
_atom_site.label_comp_id 
_atom_site.label_asym_id 
_atom_site.label_entity_id 
_atom_site.label_seq_id 
_atom_site.pdbx_PDB_ins_code 
_atom_site.Cartn_x 
_atom_site.Cartn_y 
_atom_site.Cartn_z 
_atom_site.occupancy 
_atom_site.B_iso_or_equiv 
_atom_site.pdbx_formal_charge 
_atom_site.auth_seq_id 
_atom_site.auth_comp_id 
_atom_site.auth_asym_id 
_atom_site.auth_atom_id 
_atom_site.pdbx_PDB_model_num 
ATOM   1    N  N   . THR A 1 2   ? 27.972  -8.761  -2.398  1.00 95.05  ? 201 THR A N   1 
ATOM   2    C  CA  . THR A 1 2   ? 29.282  -9.120  -1.852  1.00 92.55  ? 201 THR A CA  1 
ATOM   3    C  C   . THR A 1 2   ? 29.191  -10.011 -0.584  1.00 96.74  ? 201 THR A C   1 
ATOM   4    O  O   . THR A 1 2   ? 29.010  -9.549  0.553   1.00 92.67  ? 201 THR A O   1 
ATOM   5    C  CB  . THR A 1 2   ? 30.164  -7.840  -1.638  1.00 93.08  ? 201 THR A CB  1 
ATOM   6    O  OG1 . THR A 1 2   ? 31.333  -8.162  -0.879  1.00 94.43  ? 201 THR A OG1 1 
ATOM   7    C  CG2 . THR A 1 2   ? 29.434  -6.734  -1.011  1.00 94.97  ? 201 THR A CG2 1 
ATOM   8    N  N   . SER A 1 3   ? 29.295  -11.315 -0.858  1.00 94.85  ? 202 SER A N   1 
ATOM   9    C  CA  . SER A 1 3   ? 29.395  -12.399 0.121   1.00 86.29  ? 202 SER A CA  1 
ATOM   10   C  C   . SER A 1 3   ? 28.146  -12.637 0.957   1.00 83.21  ? 202 SER A C   1 
ATOM   11   O  O   . SER A 1 3   ? 27.030  -12.673 0.435   1.00 87.12  ? 202 SER A O   1 
ATOM   12   C  CB  . SER A 1 3   ? 30.589  -12.171 1.044   1.00 85.29  ? 202 SER A CB  1 
ATOM   13   O  OG  . SER A 1 3   ? 31.789  -11.943 0.324   1.00 88.09  ? 202 SER A OG  1 
ATOM   14   N  N   . ARG A 1 4   ? 28.349  -12.832 2.255   1.00 78.37  ? 203 ARG A N   1 
ATOM   15   C  CA  . ARG A 1 4   ? 27.329  -13.465 3.078   1.00 68.95  ? 203 ARG A CA  1 
ATOM   16   C  C   . ARG A 1 4   ? 26.855  -12.686 4.308   1.00 63.38  ? 203 ARG A C   1 
ATOM   17   O  O   . ARG A 1 4   ? 26.413  -13.288 5.275   1.00 59.76  ? 203 ARG A O   1 
ATOM   18   C  CB  . ARG A 1 4   ? 27.835  -14.839 3.525   1.00 69.20  ? 203 ARG A CB  1 
ATOM   19   C  CG  . ARG A 1 4   ? 27.953  -15.851 2.391   1.00 69.09  ? 203 ARG A CG  1 
ATOM   20   C  CD  . ARG A 1 4   ? 26.827  -16.860 2.509   1.00 70.61  ? 203 ARG A CD  1 
ATOM   21   N  NE  . ARG A 1 4   ? 27.055  -18.079 1.749   1.00 73.30  ? 203 ARG A NE  1 
ATOM   22   C  CZ  . ARG A 1 4   ? 26.142  -19.034 1.579   1.00 72.96  ? 203 ARG A CZ  1 
ATOM   23   N  NH1 . ARG A 1 4   ? 24.931  -18.891 2.103   1.00 80.20  ? 203 ARG A NH1 1 
ATOM   24   N  NH2 . ARG A 1 4   ? 26.433  -20.120 0.867   1.00 71.42  ? 203 ARG A NH2 1 
ATOM   25   N  N   . LEU A 1 5   ? 26.925  -11.361 4.289   1.00 66.52  ? 204 LEU A N   1 
ATOM   26   C  CA  . LEU A 1 5   ? 26.408  -10.617 5.431   1.00 61.64  ? 204 LEU A CA  1 
ATOM   27   C  C   . LEU A 1 5   ? 25.142  -9.881  5.054   1.00 58.02  ? 204 LEU A C   1 
ATOM   28   O  O   . LEU A 1 5   ? 25.054  -9.323  3.959   1.00 59.03  ? 204 LEU A O   1 
ATOM   29   C  CB  . LEU A 1 5   ? 27.437  -9.630  5.982   1.00 60.77  ? 204 LEU A CB  1 
ATOM   30   C  CG  . LEU A 1 5   ? 28.761  -10.249 6.425   1.00 62.82  ? 204 LEU A CG  1 
ATOM   31   C  CD1 . LEU A 1 5   ? 29.805  -10.329 5.293   1.00 66.36  ? 204 LEU A CD1 1 
ATOM   32   C  CD2 . LEU A 1 5   ? 29.321  -9.560  7.664   1.00 70.49  ? 204 LEU A CD2 1 
ATOM   33   N  N   . PHE A 1 6   ? 24.169  -9.878  5.958   1.00 57.42  ? 205 PHE A N   1 
ATOM   34   C  CA  . PHE A 1 6   ? 22.890  -9.217  5.686   1.00 60.09  ? 205 PHE A CA  1 
ATOM   35   C  C   . PHE A 1 6   ? 22.466  -8.324  6.855   1.00 59.74  ? 205 PHE A C   1 
ATOM   36   O  O   . PHE A 1 6   ? 23.076  -8.344  7.928   1.00 55.63  ? 205 PHE A O   1 
ATOM   37   C  CB  . PHE A 1 6   ? 21.786  -10.253 5.399   1.00 54.26  ? 205 PHE A CB  1 
ATOM   38   C  CG  . PHE A 1 6   ? 22.028  -11.095 4.162   1.00 61.50  ? 205 PHE A CG  1 
ATOM   39   C  CD1 . PHE A 1 6   ? 21.429  -10.776 2.945   1.00 61.28  ? 205 PHE A CD1 1 
ATOM   40   C  CD2 . PHE A 1 6   ? 22.867  -12.208 4.215   1.00 60.96  ? 205 PHE A CD2 1 
ATOM   41   C  CE1 . PHE A 1 6   ? 21.652  -11.563 1.811   1.00 56.85  ? 205 PHE A CE1 1 
ATOM   42   C  CE2 . PHE A 1 6   ? 23.093  -12.987 3.081   1.00 56.03  ? 205 PHE A CE2 1 
ATOM   43   C  CZ  . PHE A 1 6   ? 22.484  -12.659 1.884   1.00 55.95  ? 205 PHE A CZ  1 
ATOM   44   N  N   . VAL A 1 7   ? 21.425  -7.531  6.622   1.00 63.02  ? 206 VAL A N   1 
ATOM   45   C  CA  . VAL A 1 7   ? 20.742  -6.808  7.688   1.00 59.70  ? 206 VAL A CA  1 
ATOM   46   C  C   . VAL A 1 7   ? 19.279  -7.198  7.616   1.00 54.19  ? 206 VAL A C   1 
ATOM   47   O  O   . VAL A 1 7   ? 18.743  -7.344  6.525   1.00 53.95  ? 206 VAL A O   1 
ATOM   48   C  CB  . VAL A 1 7   ? 20.863  -5.281  7.557   1.00 58.27  ? 206 VAL A CB  1 
ATOM   49   C  CG1 . VAL A 1 7   ? 20.113  -4.600  8.687   1.00 66.68  ? 206 VAL A CG1 1 
ATOM   50   C  CG2 . VAL A 1 7   ? 22.286  -4.865  7.595   1.00 66.52  ? 206 VAL A CG2 1 
ATOM   51   N  N   . LYS A 1 8   ? 18.651  -7.418  8.765   1.00 55.65  ? 207 LYS A N   1 
ATOM   52   C  CA  . LYS A 1 8   ? 17.209  -7.598  8.818   1.00 57.95  ? 207 LYS A CA  1 
ATOM   53   C  C   . LYS A 1 8   ? 16.597  -6.192  8.928   1.00 60.45  ? 207 LYS A C   1 
ATOM   54   O  O   . LYS A 1 8   ? 17.012  -5.385  9.762   1.00 59.82  ? 207 LYS A O   1 
ATOM   55   C  CB  . LYS A 1 8   ? 16.791  -8.519  9.995   1.00 59.04  ? 207 LYS A CB  1 
ATOM   56   C  CG  . LYS A 1 8   ? 16.412  -9.991  9.607   1.00 59.84  ? 207 LYS A CG  1 
ATOM   57   C  CD  . LYS A 1 8   ? 16.094  -10.927 10.825  1.00 63.20  ? 207 LYS A CD  1 
ATOM   58   C  CE  . LYS A 1 8   ? 15.658  -10.153 12.106  1.00 71.75  ? 207 LYS A CE  1 
ATOM   59   N  NZ  . LYS A 1 8   ? 15.490  -10.992 13.365  1.00 68.05  ? 207 LYS A NZ  1 
ATOM   60   N  N   . LYS A 1 9   ? 15.644  -5.894  8.048   1.00 58.82  ? 208 LYS A N   1 
ATOM   61   C  CA  . LYS A 1 9   ? 14.967  -4.601  8.025   1.00 55.25  ? 208 LYS A CA  1 
ATOM   62   C  C   . LYS A 1 9   ? 13.466  -4.790  8.141   1.00 54.91  ? 208 LYS A C   1 
ATOM   63   O  O   . LYS A 1 9   ? 12.906  -5.778  7.663   1.00 56.16  ? 208 LYS A O   1 
ATOM   64   C  CB  . LYS A 1 9   ? 15.280  -3.845  6.736   1.00 56.60  ? 208 LYS A CB  1 
ATOM   65   C  CG  . LYS A 1 9   ? 16.661  -3.249  6.668   1.00 57.31  ? 208 LYS A CG  1 
ATOM   66   C  CD  . LYS A 1 9   ? 16.756  -2.048  7.558   1.00 58.90  ? 208 LYS A CD  1 
ATOM   67   C  CE  . LYS A 1 9   ? 18.050  -1.314  7.320   1.00 63.01  ? 208 LYS A CE  1 
ATOM   68   N  NZ  . LYS A 1 9   ? 18.036  -0.046  8.110   1.00 76.07  ? 208 LYS A NZ  1 
ATOM   69   N  N   . THR A 1 10  ? 12.800  -3.835  8.759   1.00 52.47  ? 209 THR A N   1 
ATOM   70   C  CA  . THR A 1 10  ? 11.373  -3.950  8.942   1.00 49.14  ? 209 THR A CA  1 
ATOM   71   C  C   . THR A 1 10  ? 10.666  -3.146  7.866   1.00 49.87  ? 209 THR A C   1 
ATOM   72   O  O   . THR A 1 10  ? 10.985  -1.971  7.653   1.00 51.90  ? 209 THR A O   1 
ATOM   73   C  CB  . THR A 1 10  ? 10.973  -3.455  10.337  1.00 54.76  ? 209 THR A CB  1 
ATOM   74   O  OG1 . THR A 1 10  ? 11.532  -4.332  11.329  1.00 60.87  ? 209 THR A OG1 1 
ATOM   75   C  CG2 . THR A 1 10  ? 9.462   -3.391  10.493  1.00 45.91  ? 209 THR A CG2 1 
ATOM   76   N  N   . ILE A 1 11  ? 9.722   -3.772  7.168   1.00 46.98  ? 210 ILE A N   1 
ATOM   77   C  CA  . ILE A 1 11  ? 8.846   -3.008  6.285   1.00 45.44  ? 210 ILE A CA  1 
ATOM   78   C  C   . ILE A 1 11  ? 7.380   -3.126  6.694   1.00 41.22  ? 210 ILE A C   1 
ATOM   79   O  O   . ILE A 1 11  ? 6.871   -4.224  6.923   1.00 38.91  ? 210 ILE A O   1 
ATOM   80   C  CB  . ILE A 1 11  ? 9.021   -3.422  4.822   1.00 48.23  ? 210 ILE A CB  1 
ATOM   81   C  CG1 . ILE A 1 11  ? 10.382  -2.919  4.318   1.00 51.55  ? 210 ILE A CG1 1 
ATOM   82   C  CG2 . ILE A 1 11  ? 7.920   -2.824  3.963   1.00 41.93  ? 210 ILE A CG2 1 
ATOM   83   C  CD1 . ILE A 1 11  ? 10.619  -3.110  2.843   1.00 46.94  ? 210 ILE A CD1 1 
ATOM   84   N  N   . VAL A 1 12  ? 6.732   -1.968  6.818   1.00 48.85  ? 211 VAL A N   1 
ATOM   85   C  CA  . VAL A 1 12  ? 5.328   -1.857  7.200   1.00 47.09  ? 211 VAL A CA  1 
ATOM   86   C  C   . VAL A 1 12  ? 4.493   -1.308  6.042   1.00 43.42  ? 211 VAL A C   1 
ATOM   87   O  O   . VAL A 1 12  ? 4.744   -0.189  5.542   1.00 41.85  ? 211 VAL A O   1 
ATOM   88   C  CB  . VAL A 1 12  ? 5.130   -0.921  8.428   1.00 44.26  ? 211 VAL A CB  1 
ATOM   89   C  CG1 . VAL A 1 12  ? 3.658   -0.858  8.819   1.00 45.47  ? 211 VAL A CG1 1 
ATOM   90   C  CG2 . VAL A 1 12  ? 5.984   -1.382  9.601   1.00 40.45  ? 211 VAL A CG2 1 
ATOM   91   N  N   . VAL A 1 13  ? 3.517   -2.108  5.617   1.00 44.20  ? 212 VAL A N   1 
ATOM   92   C  CA  . VAL A 1 13  ? 2.485   -1.673  4.684   1.00 43.95  ? 212 VAL A CA  1 
ATOM   93   C  C   . VAL A 1 13  ? 1.165   -1.519  5.443   1.00 43.19  ? 212 VAL A C   1 
ATOM   94   O  O   . VAL A 1 13  ? 0.674   -2.474  6.037   1.00 41.58  ? 212 VAL A O   1 
ATOM   95   C  CB  . VAL A 1 13  ? 2.299   -2.670  3.533   1.00 39.34  ? 212 VAL A CB  1 
ATOM   96   C  CG1 . VAL A 1 13  ? 1.237   -2.148  2.556   1.00 43.84  ? 212 VAL A CG1 1 
ATOM   97   C  CG2 . VAL A 1 13  ? 3.607   -2.904  2.839   1.00 39.91  ? 212 VAL A CG2 1 
ATOM   98   N  N   . GLY A 1 14  ? 0.609   -0.312  5.445   1.00 43.58  ? 213 GLY A N   1 
ATOM   99   C  CA  . GLY A 1 14  ? -0.614  -0.048  6.172   1.00 40.81  ? 213 GLY A CA  1 
ATOM   100  C  C   . GLY A 1 14  ? -1.623  0.537   5.220   1.00 39.91  ? 213 GLY A C   1 
ATOM   101  O  O   . GLY A 1 14  ? -1.308  0.788   4.060   1.00 44.11  ? 213 GLY A O   1 
ATOM   102  N  N   . ASN A 1 15  ? -2.838  0.752   5.708   1.00 41.04  ? 214 ASN A N   1 
ATOM   103  C  CA  . ASN A 1 15  ? -3.897  1.410   4.951   1.00 38.93  ? 214 ASN A CA  1 
ATOM   104  C  C   . ASN A 1 15  ? -4.792  2.212   5.892   1.00 41.14  ? 214 ASN A C   1 
ATOM   105  O  O   . ASN A 1 15  ? -5.163  1.714   6.970   1.00 39.58  ? 214 ASN A O   1 
ATOM   106  C  CB  . ASN A 1 15  ? -4.708  0.367   4.175   1.00 38.91  ? 214 ASN A CB  1 
ATOM   107  C  CG  . ASN A 1 15  ? -6.191  0.607   4.260   1.00 41.47  ? 214 ASN A CG  1 
ATOM   108  O  OD1 . ASN A 1 15  ? -6.743  1.461   3.565   1.00 47.72  ? 214 ASN A OD1 1 
ATOM   109  N  ND2 . ASN A 1 15  ? -6.849  -0.117  5.157   1.00 43.99  ? 214 ASN A ND2 1 
ATOM   110  N  N   . VAL A 1 16  ? -5.104  3.455   5.511   1.00 42.19  ? 215 VAL A N   1 
ATOM   111  C  CA  . VAL A 1 16  ? -6.159  4.242   6.178   1.00 41.28  ? 215 VAL A CA  1 
ATOM   112  C  C   . VAL A 1 16  ? -7.309  4.536   5.200   1.00 40.25  ? 215 VAL A C   1 
ATOM   113  O  O   . VAL A 1 16  ? -7.111  4.513   3.984   1.00 41.83  ? 215 VAL A O   1 
ATOM   114  C  CB  . VAL A 1 16  ? -5.632  5.589   6.744   1.00 37.71  ? 215 VAL A CB  1 
ATOM   115  C  CG1 . VAL A 1 16  ? -4.663  5.353   7.880   1.00 35.51  ? 215 VAL A CG1 1 
ATOM   116  C  CG2 . VAL A 1 16  ? -5.000  6.413   5.640   1.00 36.16  ? 215 VAL A CG2 1 
ATOM   117  N  N   . SER A 1 17  ? -8.503  4.812   5.721   1.00 40.07  ? 216 SER A N   1 
ATOM   118  C  CA  . SER A 1 17  ? -9.656  5.052   4.860   1.00 35.70  ? 216 SER A CA  1 
ATOM   119  C  C   . SER A 1 17  ? -10.605 6.067   5.461   1.00 39.62  ? 216 SER A C   1 
ATOM   120  O  O   . SER A 1 17  ? -10.746 6.161   6.675   1.00 38.68  ? 216 SER A O   1 
ATOM   121  C  CB  . SER A 1 17  ? -10.426 3.754   4.590   1.00 38.70  ? 216 SER A CB  1 
ATOM   122  O  OG  . SER A 1 17  ? -10.793 3.101   5.806   1.00 46.95  ? 216 SER A OG  1 
ATOM   123  N  N   . LYS A 1 18  ? -11.256 6.811   4.578   1.00 40.83  ? 217 LYS A N   1 
ATOM   124  C  CA  . LYS A 1 18  ? -12.270 7.788   4.928   1.00 43.51  ? 217 LYS A CA  1 
ATOM   125  C  C   . LYS A 1 18  ? -13.548 7.437   4.178   1.00 44.14  ? 217 LYS A C   1 
ATOM   126  O  O   . LYS A 1 18  ? -13.498 7.082   3.000   1.00 45.83  ? 217 LYS A O   1 
ATOM   127  C  CB  . LYS A 1 18  ? -11.797 9.199   4.572   1.00 41.67  ? 217 LYS A CB  1 
ATOM   128  C  CG  . LYS A 1 18  ? -12.886 10.230  4.565   1.00 42.56  ? 217 LYS A CG  1 
ATOM   129  C  CD  . LYS A 1 18  ? -12.305 11.624  4.458   1.00 44.80  ? 217 LYS A CD  1 
ATOM   130  C  CE  . LYS A 1 18  ? -11.572 11.820  3.142   1.00 47.85  ? 217 LYS A CE  1 
ATOM   131  N  NZ  . LYS A 1 18  ? -10.981 13.193  3.043   1.00 55.34  ? 217 LYS A NZ  1 
ATOM   132  N  N   . TYR A 1 19  ? -14.689 7.498   4.851   1.00 44.60  ? 218 TYR A N   1 
ATOM   133  C  CA  . TYR A 1 19  ? -15.956 7.240   4.177   1.00 44.12  ? 218 TYR A CA  1 
ATOM   134  C  C   . TYR A 1 19  ? -16.471 8.513   3.525   1.00 46.58  ? 218 TYR A C   1 
ATOM   135  O  O   . TYR A 1 19  ? -16.403 9.609   4.117   1.00 44.55  ? 218 TYR A O   1 
ATOM   136  C  CB  . TYR A 1 19  ? -16.991 6.695   5.151   1.00 45.35  ? 218 TYR A CB  1 
ATOM   137  C  CG  . TYR A 1 19  ? -18.408 6.674   4.615   1.00 47.60  ? 218 TYR A CG  1 
ATOM   138  C  CD1 . TYR A 1 19  ? -18.792 5.797   3.600   1.00 44.68  ? 218 TYR A CD1 1 
ATOM   139  C  CD2 . TYR A 1 19  ? -19.377 7.521   5.144   1.00 48.39  ? 218 TYR A CD2 1 
ATOM   140  C  CE1 . TYR A 1 19  ? -20.105 5.787   3.115   1.00 44.14  ? 218 TYR A CE1 1 
ATOM   141  C  CE2 . TYR A 1 19  ? -20.690 7.507   4.679   1.00 44.28  ? 218 TYR A CE2 1 
ATOM   142  C  CZ  . TYR A 1 19  ? -21.047 6.647   3.667   1.00 45.97  ? 218 TYR A CZ  1 
ATOM   143  O  OH  . TYR A 1 19  ? -22.351 6.666   3.221   1.00 46.17  ? 218 TYR A OH  1 
ATOM   144  N  N   . ILE A 1 20  ? -16.967 8.363   2.298   1.00 45.43  ? 219 ILE A N   1 
ATOM   145  C  CA  . ILE A 1 20  ? -17.538 9.472   1.548   1.00 44.78  ? 219 ILE A CA  1 
ATOM   146  C  C   . ILE A 1 20  ? -19.068 9.382   1.520   1.00 46.69  ? 219 ILE A C   1 
ATOM   147  O  O   . ILE A 1 20  ? -19.625 8.504   0.845   1.00 47.99  ? 219 ILE A O   1 
ATOM   148  C  CB  . ILE A 1 20  ? -17.042 9.502   0.111   1.00 41.97  ? 219 ILE A CB  1 
ATOM   149  C  CG1 . ILE A 1 20  ? -15.525 9.455   0.050   1.00 40.50  ? 219 ILE A CG1 1 
ATOM   150  C  CG2 . ILE A 1 20  ? -17.527 10.781  -0.561  1.00 49.14  ? 219 ILE A CG2 1 
ATOM   151  C  CD1 . ILE A 1 20  ? -15.029 9.344   -1.376  1.00 44.22  ? 219 ILE A CD1 1 
ATOM   152  N  N   . PRO A 1 21  ? -19.756 10.286  2.243   1.00 44.57  ? 220 PRO A N   1 
ATOM   153  C  CA  . PRO A 1 21  ? -21.221 10.237  2.281   1.00 47.29  ? 220 PRO A CA  1 
ATOM   154  C  C   . PRO A 1 21  ? -21.811 10.631  0.937   1.00 51.11  ? 220 PRO A C   1 
ATOM   155  O  O   . PRO A 1 21  ? -21.204 11.469  0.251   1.00 46.84  ? 220 PRO A O   1 
ATOM   156  C  CB  . PRO A 1 21  ? -21.587 11.265  3.352   1.00 47.31  ? 220 PRO A CB  1 
ATOM   157  C  CG  . PRO A 1 21  ? -20.303 11.553  4.082   1.00 43.38  ? 220 PRO A CG  1 
ATOM   158  C  CD  . PRO A 1 21  ? -19.229 11.383  3.065   1.00 41.58  ? 220 PRO A CD  1 
ATOM   159  N  N   . PRO A 1 22  ? -22.966 10.032  0.563   1.00 55.59  ? 221 PRO A N   1 
ATOM   160  C  CA  . PRO A 1 22  ? -23.623 10.344  -0.718  1.00 55.31  ? 221 PRO A CA  1 
ATOM   161  C  C   . PRO A 1 22  ? -23.719 11.854  -0.938  1.00 53.58  ? 221 PRO A C   1 
ATOM   162  O  O   . PRO A 1 22  ? -23.650 12.330  -2.067  1.00 53.40  ? 221 PRO A O   1 
ATOM   163  C  CB  . PRO A 1 22  ? -25.001 9.698   -0.572  1.00 57.30  ? 221 PRO A CB  1 
ATOM   164  C  CG  . PRO A 1 22  ? -24.753 8.517   0.369   1.00 51.69  ? 221 PRO A CG  1 
ATOM   165  C  CD  . PRO A 1 22  ? -23.702 9.002   1.335   1.00 52.19  ? 221 PRO A CD  1 
ATOM   166  N  N   . ASP A 1 23  ? -23.814 12.590  0.163   1.00 56.41  ? 222 ASP A N   1 
ATOM   167  C  CA  . ASP A 1 23  ? -23.780 14.049  0.155   1.00 55.65  ? 222 ASP A CA  1 
ATOM   168  C  C   . ASP A 1 23  ? -22.510 14.656  -0.447  1.00 56.78  ? 222 ASP A C   1 
ATOM   169  O  O   . ASP A 1 23  ? -22.464 15.856  -0.672  1.00 58.33  ? 222 ASP A O   1 
ATOM   170  C  CB  . ASP A 1 23  ? -23.927 14.569  1.592   1.00 60.30  ? 222 ASP A CB  1 
ATOM   171  C  CG  . ASP A 1 23  ? -24.908 13.746  2.410   1.00 74.20  ? 222 ASP A CG  1 
ATOM   172  O  OD1 . ASP A 1 23  ? -25.670 12.963  1.800   1.00 77.02  ? 222 ASP A OD1 1 
ATOM   173  O  OD2 . ASP A 1 23  ? -24.909 13.880  3.657   1.00 81.13  ? 222 ASP A OD2 1 
ATOM   174  N  N   . LYS A 1 24  ? -21.482 13.854  -0.707  1.00 56.66  ? 223 LYS A N   1 
ATOM   175  C  CA  . LYS A 1 24  ? -20.205 14.400  -1.167  1.00 52.46  ? 223 LYS A CA  1 
ATOM   176  C  C   . LYS A 1 24  ? -19.672 13.690  -2.418  1.00 49.72  ? 223 LYS A C   1 
ATOM   177  O  O   . LYS A 1 24  ? -18.528 13.917  -2.816  1.00 52.56  ? 223 LYS A O   1 
ATOM   178  C  CB  . LYS A 1 24  ? -19.148 14.322  -0.045  1.00 53.69  ? 223 LYS A CB  1 
ATOM   179  C  CG  . LYS A 1 24  ? -19.578 14.947  1.272   1.00 50.42  ? 223 LYS A CG  1 
ATOM   180  C  CD  . LYS A 1 24  ? -19.957 16.407  1.059   1.00 62.19  ? 223 LYS A CD  1 
ATOM   181  C  CE  . LYS A 1 24  ? -20.643 17.008  2.277   1.00 65.27  ? 223 LYS A CE  1 
ATOM   182  N  NZ  . LYS A 1 24  ? -21.159 18.386  2.000   1.00 75.23  ? 223 LYS A NZ  1 
ATOM   183  N  N   . ARG A 1 25  ? -20.474 12.816  -3.023  1.00 48.80  ? 224 ARG A N   1 
ATOM   184  C  CA  . ARG A 1 25  ? -20.088 12.227  -4.304  1.00 53.84  ? 224 ARG A CA  1 
ATOM   185  C  C   . ARG A 1 25  ? -20.968 12.807  -5.399  1.00 51.97  ? 224 ARG A C   1 
ATOM   186  O  O   . ARG A 1 25  ? -22.154 13.051  -5.189  1.00 52.67  ? 224 ARG A O   1 
ATOM   187  C  CB  . ARG A 1 25  ? -20.219 10.702  -4.308  1.00 52.72  ? 224 ARG A CB  1 
ATOM   188  C  CG  . ARG A 1 25  ? -19.958 10.029  -2.994  1.00 49.16  ? 224 ARG A CG  1 
ATOM   189  C  CD  . ARG A 1 25  ? -20.587 8.645   -2.996  1.00 46.56  ? 224 ARG A CD  1 
ATOM   190  N  NE  . ARG A 1 25  ? -20.797 8.186   -1.633  1.00 44.04  ? 224 ARG A NE  1 
ATOM   191  C  CZ  . ARG A 1 25  ? -21.574 7.163   -1.298  1.00 47.56  ? 224 ARG A CZ  1 
ATOM   192  N  NH1 . ARG A 1 25  ? -22.222 6.480   -2.238  1.00 48.94  ? 224 ARG A NH1 1 
ATOM   193  N  NH2 . ARG A 1 25  ? -21.701 6.818   -0.020  1.00 46.29  ? 224 ARG A NH2 1 
ATOM   194  N  N   . GLU A 1 26  ? -20.384 13.011  -6.569  1.00 52.43  ? 225 GLU A N   1 
ATOM   195  C  CA  . GLU A 1 26  ? -21.129 13.476  -7.719  1.00 54.99  ? 225 GLU A CA  1 
ATOM   196  C  C   . GLU A 1 26  ? -22.078 12.388  -8.238  1.00 59.23  ? 225 GLU A C   1 
ATOM   197  O  O   . GLU A 1 26  ? -22.000 11.231  -7.830  1.00 55.41  ? 225 GLU A O   1 
ATOM   198  C  CB  . GLU A 1 26  ? -20.168 13.918  -8.813  1.00 49.37  ? 225 GLU A CB  1 
ATOM   199  C  CG  . GLU A 1 26  ? -19.498 15.245  -8.536  1.00 47.73  ? 225 GLU A CG  1 
ATOM   200  C  CD  . GLU A 1 26  ? -18.422 15.568  -9.559  1.00 60.72  ? 225 GLU A CD  1 
ATOM   201  O  OE1 . GLU A 1 26  ? -18.461 14.998  -10.694 1.00 57.58  ? 225 GLU A OE1 1 
ATOM   202  O  OE2 . GLU A 1 26  ? -17.535 16.387  -9.219  1.00 57.72  ? 225 GLU A OE2 1 
ATOM   203  N  N   . GLU A 1 27  ? -22.957 12.781  -9.154  1.00 61.32  ? 226 GLU A N   1 
ATOM   204  C  CA  . GLU A 1 27  ? -24.013 11.923  -9.687  1.00 62.77  ? 226 GLU A CA  1 
ATOM   205  C  C   . GLU A 1 27  ? -23.576 10.492  -10.052 1.00 68.10  ? 226 GLU A C   1 
ATOM   206  O  O   . GLU A 1 27  ? -24.222 9.521   -9.639  1.00 68.50  ? 226 GLU A O   1 
ATOM   207  C  CB  . GLU A 1 27  ? -24.626 12.591  -10.922 1.00 59.83  ? 226 GLU A CB  1 
ATOM   208  C  CG  . GLU A 1 27  ? -26.142 12.698  -10.908 1.00 60.67  ? 226 GLU A CG  1 
ATOM   209  C  CD  . GLU A 1 27  ? -26.675 13.409  -12.149 1.00 65.10  ? 226 GLU A CD  1 
ATOM   210  O  OE1 . GLU A 1 27  ? -26.085 13.198  -13.242 1.00 55.08  ? 226 GLU A OE1 1 
ATOM   211  O  OE2 . GLU A 1 27  ? -27.657 14.194  -12.025 1.00 60.81  ? 226 GLU A OE2 1 
ATOM   212  N  N   . ASN A 1 28  ? -22.500 10.351  -10.825 1.00 64.61  ? 227 ASN A N   1 
ATOM   213  C  CA  . ASN A 1 28  ? -22.147 9.028   -11.349 1.00 71.41  ? 227 ASN A CA  1 
ATOM   214  C  C   . ASN A 1 28  ? -20.875 8.430   -10.713 1.00 66.92  ? 227 ASN A C   1 
ATOM   215  O  O   . ASN A 1 28  ? -20.137 7.682   -11.356 1.00 69.80  ? 227 ASN A O   1 
ATOM   216  C  CB  . ASN A 1 28  ? -22.010 9.093   -12.885 1.00 69.00  ? 227 ASN A CB  1 
ATOM   217  C  CG  . ASN A 1 28  ? -23.342 9.441   -13.588 1.00 71.72  ? 227 ASN A CG  1 
ATOM   218  O  OD1 . ASN A 1 28  ? -23.395 10.284  -14.491 1.00 67.57  ? 227 ASN A OD1 1 
ATOM   219  N  ND2 . ASN A 1 28  ? -24.421 8.792   -13.161 1.00 75.14  ? 227 ASN A ND2 1 
ATOM   220  N  N   . ASP A 1 29  ? -20.647 8.748   -9.439  1.00 65.75  ? 228 ASP A N   1 
ATOM   221  C  CA  . ASP A 1 29  ? -19.451 8.314   -8.716  1.00 62.68  ? 228 ASP A CA  1 
ATOM   222  C  C   . ASP A 1 29  ? -19.745 7.220   -7.705  1.00 64.11  ? 228 ASP A C   1 
ATOM   223  O  O   . ASP A 1 29  ? -20.291 7.489   -6.635  1.00 62.40  ? 228 ASP A O   1 
ATOM   224  C  CB  . ASP A 1 29  ? -18.794 9.487   -7.990  1.00 57.84  ? 228 ASP A CB  1 
ATOM   225  C  CG  . ASP A 1 29  ? -17.548 9.068   -7.214  1.00 64.17  ? 228 ASP A CG  1 
ATOM   226  O  OD1 . ASP A 1 29  ? -16.905 8.046   -7.580  1.00 60.98  ? 228 ASP A OD1 1 
ATOM   227  O  OD2 . ASP A 1 29  ? -17.206 9.770   -6.235  1.00 66.54  ? 228 ASP A OD2 1 
ATOM   228  N  N   . GLN A 1 30  ? -19.337 5.995   -8.037  1.00 62.36  ? 229 GLN A N   1 
ATOM   229  C  CA  . GLN A 1 30  ? -19.625 4.835   -7.204  1.00 56.87  ? 229 GLN A CA  1 
ATOM   230  C  C   . GLN A 1 30  ? -18.672 4.707   -6.028  1.00 54.71  ? 229 GLN A C   1 
ATOM   231  O  O   . GLN A 1 30  ? -18.822 3.810   -5.207  1.00 53.08  ? 229 GLN A O   1 
ATOM   232  C  CB  . GLN A 1 30  ? -19.585 3.562   -8.044  1.00 62.92  ? 229 GLN A CB  1 
ATOM   233  C  CG  . GLN A 1 30  ? -20.514 3.599   -9.249  1.00 69.46  ? 229 GLN A CG  1 
ATOM   234  C  CD  . GLN A 1 30  ? -21.920 4.065   -8.882  1.00 81.41  ? 229 GLN A CD  1 
ATOM   235  O  OE1 . GLN A 1 30  ? -22.422 3.778   -7.789  1.00 91.45  ? 229 GLN A OE1 1 
ATOM   236  N  NE2 . GLN A 1 30  ? -22.556 4.800   -9.791  1.00 86.21  ? 229 GLN A NE2 1 
ATOM   237  N  N   . SER A 1 31  ? -17.698 5.607   -5.935  1.00 52.72  ? 230 SER A N   1 
ATOM   238  C  CA  . SER A 1 31  ? -16.729 5.536   -4.856  1.00 48.93  ? 230 SER A CA  1 
ATOM   239  C  C   . SER A 1 31  ? -17.337 5.884   -3.510  1.00 48.98  ? 230 SER A C   1 
ATOM   240  O  O   . SER A 1 31  ? -17.653 7.040   -3.263  1.00 53.53  ? 230 SER A O   1 
ATOM   241  C  CB  . SER A 1 31  ? -15.558 6.468   -5.120  1.00 49.93  ? 230 SER A CB  1 
ATOM   242  O  OG  . SER A 1 31  ? -14.822 6.029   -6.237  1.00 54.45  ? 230 SER A OG  1 
ATOM   243  N  N   . THR A 1 32  ? -17.478 4.891   -2.638  1.00 43.57  ? 231 THR A N   1 
ATOM   244  C  CA  . THR A 1 32  ? -17.928 5.143   -1.270  1.00 44.97  ? 231 THR A CA  1 
ATOM   245  C  C   . THR A 1 32  ? -16.795 5.532   -0.315  1.00 44.58  ? 231 THR A C   1 
ATOM   246  O  O   . THR A 1 32  ? -17.031 6.086   0.753   1.00 44.30  ? 231 THR A O   1 
ATOM   247  C  CB  . THR A 1 32  ? -18.606 3.918   -0.680  1.00 44.29  ? 231 THR A CB  1 
ATOM   248  O  OG1 . THR A 1 32  ? -17.644 2.850   -0.606  1.00 43.48  ? 231 THR A OG1 1 
ATOM   249  C  CG2 . THR A 1 32  ? -19.785 3.510   -1.551  1.00 43.16  ? 231 THR A CG2 1 
ATOM   250  N  N   . HIS A 1 33  ? -15.564 5.228   -0.680  1.00 43.63  ? 232 HIS A N   1 
ATOM   251  C  CA  . HIS A 1 33  ? -14.466 5.469   0.239   1.00 43.29  ? 232 HIS A CA  1 
ATOM   252  C  C   . HIS A 1 33  ? -13.276 6.121   -0.460  1.00 45.67  ? 232 HIS A C   1 
ATOM   253  O  O   . HIS A 1 33  ? -13.053 5.942   -1.670  1.00 46.70  ? 232 HIS A O   1 
ATOM   254  C  CB  . HIS A 1 33  ? -14.001 4.153   0.890   1.00 41.53  ? 232 HIS A CB  1 
ATOM   255  C  CG  . HIS A 1 33  ? -14.940 3.598   1.920   1.00 41.86  ? 232 HIS A CG  1 
ATOM   256  N  ND1 . HIS A 1 33  ? -16.162 3.042   1.600   1.00 39.76  ? 232 HIS A ND1 1 
ATOM   257  C  CD2 . HIS A 1 33  ? -14.815 3.482   3.265   1.00 41.86  ? 232 HIS A CD2 1 
ATOM   258  C  CE1 . HIS A 1 33  ? -16.752 2.616   2.706   1.00 41.59  ? 232 HIS A CE1 1 
ATOM   259  N  NE2 . HIS A 1 33  ? -15.958 2.878   3.731   1.00 40.61  ? 232 HIS A NE2 1 
ATOM   260  N  N   . LYS A 1 34  ? -12.498 6.867   0.312   1.00 44.72  ? 233 LYS A N   1 
ATOM   261  C  CA  . LYS A 1 34  ? -11.153 7.236   -0.111  1.00 43.96  ? 233 LYS A CA  1 
ATOM   262  C  C   . LYS A 1 34  ? -10.171 6.537   0.834   1.00 40.64  ? 233 LYS A C   1 
ATOM   263  O  O   . LYS A 1 34  ? -10.374 6.529   2.054   1.00 37.63  ? 233 LYS A O   1 
ATOM   264  C  CB  . LYS A 1 34  ? -10.962 8.752   -0.097  1.00 42.79  ? 233 LYS A CB  1 
ATOM   265  C  CG  . LYS A 1 34  ? -9.518  9.206   0.015   1.00 46.09  ? 233 LYS A CG  1 
ATOM   266  C  CD  . LYS A 1 34  ? -9.409  10.726  -0.074  1.00 49.74  ? 233 LYS A CD  1 
ATOM   267  C  CE  . LYS A 1 34  ? -9.359  11.226  -1.511  1.00 50.24  ? 233 LYS A CE  1 
ATOM   268  N  NZ  . LYS A 1 34  ? -8.719  12.580  -1.593  1.00 53.38  ? 233 LYS A NZ  1 
ATOM   269  N  N   . TRP A 1 35  ? -9.142  5.917   0.261   1.00 37.91  ? 234 TRP A N   1 
ATOM   270  C  CA  . TRP A 1 35  ? -8.137  5.219   1.048   1.00 38.89  ? 234 TRP A CA  1 
ATOM   271  C  C   . TRP A 1 35  ? -6.740  5.578   0.614   1.00 41.64  ? 234 TRP A C   1 
ATOM   272  O  O   . TRP A 1 35  ? -6.501  6.107   -0.474  1.00 41.85  ? 234 TRP A O   1 
ATOM   273  C  CB  . TRP A 1 35  ? -8.293  3.699   0.971   1.00 37.50  ? 234 TRP A CB  1 
ATOM   274  C  CG  . TRP A 1 35  ? -8.385  3.126   -0.438  1.00 41.34  ? 234 TRP A CG  1 
ATOM   275  C  CD1 . TRP A 1 35  ? -9.530  2.797   -1.108  1.00 37.40  ? 234 TRP A CD1 1 
ATOM   276  C  CD2 . TRP A 1 35  ? -7.302  2.805   -1.325  1.00 37.58  ? 234 TRP A CD2 1 
ATOM   277  N  NE1 . TRP A 1 35  ? -9.226  2.295   -2.344  1.00 36.88  ? 234 TRP A NE1 1 
ATOM   278  C  CE2 . TRP A 1 35  ? -7.865  2.290   -2.504  1.00 37.60  ? 234 TRP A CE2 1 
ATOM   279  C  CE3 . TRP A 1 35  ? -5.913  2.909   -1.239  1.00 39.05  ? 234 TRP A CE3 1 
ATOM   280  C  CZ2 . TRP A 1 35  ? -7.094  1.872   -3.582  1.00 40.69  ? 234 TRP A CZ2 1 
ATOM   281  C  CZ3 . TRP A 1 35  ? -5.152  2.498   -2.305  1.00 40.36  ? 234 TRP A CZ3 1 
ATOM   282  C  CH2 . TRP A 1 35  ? -5.740  1.982   -3.465  1.00 40.35  ? 234 TRP A CH2 1 
ATOM   283  N  N   . MET A 1 36  ? -5.810  5.260   1.488   1.00 38.41  ? 235 MET A N   1 
ATOM   284  C  CA  . MET A 1 36  ? -4.443  5.620   1.271   1.00 40.93  ? 235 MET A CA  1 
ATOM   285  C  C   . MET A 1 36  ? -3.586  4.472   1.802   1.00 45.17  ? 235 MET A C   1 
ATOM   286  O  O   . MET A 1 36  ? -3.576  4.187   3.012   1.00 44.64  ? 235 MET A O   1 
ATOM   287  C  CB  . MET A 1 36  ? -4.139  6.938   1.965   1.00 39.96  ? 235 MET A CB  1 
ATOM   288  C  CG  . MET A 1 36  ? -2.958  7.677   1.392   1.00 43.99  ? 235 MET A CG  1 
ATOM   289  S  SD  . MET A 1 36  ? -1.484  7.623   2.393   1.00 53.99  ? 235 MET A SD  1 
ATOM   290  C  CE  . MET A 1 36  ? -1.502  9.242   3.124   1.00 42.64  ? 235 MET A CE  1 
ATOM   291  N  N   . VAL A 1 37  ? -2.930  3.775   0.879   1.00 41.79  ? 236 VAL A N   1 
ATOM   292  C  CA  . VAL A 1 37  ? -1.991  2.717   1.221   1.00 41.27  ? 236 VAL A CA  1 
ATOM   293  C  C   . VAL A 1 37  ? -0.617  3.341   1.338   1.00 40.41  ? 236 VAL A C   1 
ATOM   294  O  O   . VAL A 1 37  ? -0.178  4.063   0.444   1.00 41.99  ? 236 VAL A O   1 
ATOM   295  C  CB  . VAL A 1 37  ? -1.972  1.602   0.159   1.00 39.85  ? 236 VAL A CB  1 
ATOM   296  C  CG1 . VAL A 1 37  ? -0.858  0.608   0.438   1.00 36.44  ? 236 VAL A CG1 1 
ATOM   297  C  CG2 . VAL A 1 37  ? -3.344  0.917   0.086   1.00 38.65  ? 236 VAL A CG2 1 
ATOM   298  N  N   . TYR A 1 38  ? 0.063   3.101   2.445   1.00 40.36  ? 237 TYR A N   1 
ATOM   299  C  CA  . TYR A 1 38  ? 1.384   3.676   2.601   1.00 41.33  ? 237 TYR A CA  1 
ATOM   300  C  C   . TYR A 1 38  ? 2.392   2.561   2.830   1.00 46.38  ? 237 TYR A C   1 
ATOM   301  O  O   . TYR A 1 38  ? 2.031   1.496   3.365   1.00 47.84  ? 237 TYR A O   1 
ATOM   302  C  CB  . TYR A 1 38  ? 1.383   4.676   3.755   1.00 44.63  ? 237 TYR A CB  1 
ATOM   303  C  CG  . TYR A 1 38  ? 0.943   4.075   5.053   1.00 45.65  ? 237 TYR A CG  1 
ATOM   304  C  CD1 . TYR A 1 38  ? 1.849   3.401   5.858   1.00 47.97  ? 237 TYR A CD1 1 
ATOM   305  C  CD2 . TYR A 1 38  ? -0.389  4.161   5.478   1.00 48.10  ? 237 TYR A CD2 1 
ATOM   306  C  CE1 . TYR A 1 38  ? 1.457   2.823   7.051   1.00 52.78  ? 237 TYR A CE1 1 
ATOM   307  C  CE2 . TYR A 1 38  ? -0.803  3.584   6.694   1.00 44.24  ? 237 TYR A CE2 1 
ATOM   308  C  CZ  . TYR A 1 38  ? 0.137   2.917   7.473   1.00 54.39  ? 237 TYR A CZ  1 
ATOM   309  O  OH  . TYR A 1 38  ? -0.213  2.317   8.676   1.00 55.81  ? 237 TYR A OH  1 
ATOM   310  N  N   . VAL A 1 39  ? 3.635   2.773   2.403   1.00 42.63  ? 238 VAL A N   1 
ATOM   311  C  CA  . VAL A 1 39  ? 4.721   1.839   2.717   1.00 45.72  ? 238 VAL A CA  1 
ATOM   312  C  C   . VAL A 1 39  ? 5.782   2.591   3.528   1.00 48.43  ? 238 VAL A C   1 
ATOM   313  O  O   . VAL A 1 39  ? 6.132   3.711   3.160   1.00 53.41  ? 238 VAL A O   1 
ATOM   314  C  CB  . VAL A 1 39  ? 5.312   1.239   1.434   1.00 48.56  ? 238 VAL A CB  1 
ATOM   315  C  CG1 . VAL A 1 39  ? 6.346   0.164   1.753   1.00 45.37  ? 238 VAL A CG1 1 
ATOM   316  C  CG2 . VAL A 1 39  ? 4.180   0.680   0.560   1.00 42.12  ? 238 VAL A CG2 1 
ATOM   317  N  N   . ARG A 1 40  ? 6.255   2.011   4.642   1.00 51.84  ? 239 ARG A N   1 
ATOM   318  C  CA  . ARG A 1 40  ? 7.126   2.706   5.629   1.00 48.12  ? 239 ARG A CA  1 
ATOM   319  C  C   . ARG A 1 40  ? 8.100   1.756   6.319   1.00 49.57  ? 239 ARG A C   1 
ATOM   320  O  O   . ARG A 1 40  ? 7.865   0.556   6.349   1.00 43.98  ? 239 ARG A O   1 
ATOM   321  C  CB  . ARG A 1 40  ? 6.301   3.365   6.742   1.00 48.96  ? 239 ARG A CB  1 
ATOM   322  C  CG  . ARG A 1 40  ? 5.366   4.478   6.351   1.00 58.95  ? 239 ARG A CG  1 
ATOM   323  C  CD  . ARG A 1 40  ? 4.578   4.986   7.582   1.00 64.40  ? 239 ARG A CD  1 
ATOM   324  N  NE  . ARG A 1 40  ? 3.585   6.008   7.224   1.00 81.12  ? 239 ARG A NE  1 
ATOM   325  C  CZ  . ARG A 1 40  ? 2.614   6.438   8.030   1.00 73.84  ? 239 ARG A CZ  1 
ATOM   326  N  NH1 . ARG A 1 40  ? 1.758   7.366   7.603   1.00 81.53  ? 239 ARG A NH1 1 
ATOM   327  N  NH2 . ARG A 1 40  ? 2.477   5.928   9.251   1.00 73.17  ? 239 ARG A NH2 1 
ATOM   328  N  N   . GLY A 1 41  ? 9.156   2.301   6.924   1.00 56.30  ? 240 GLY A N   1 
ATOM   329  C  CA  . GLY A 1 41  ? 10.057  1.519   7.757   1.00 58.82  ? 240 GLY A CA  1 
ATOM   330  C  C   . GLY A 1 41  ? 9.549   1.395   9.179   1.00 62.90  ? 240 GLY A C   1 
ATOM   331  O  O   . GLY A 1 41  ? 8.381   1.665   9.428   1.00 60.94  ? 240 GLY A O   1 
ATOM   332  N  N   . SER A 1 42  ? 10.414  1.000   10.112  1.00 68.61  ? 241 SER A N   1 
ATOM   333  C  CA  . SER A 1 42  ? 9.994   0.776   11.497  1.00 72.26  ? 241 SER A CA  1 
ATOM   334  C  C   . SER A 1 42  ? 10.030  2.047   12.340  1.00 77.20  ? 241 SER A C   1 
ATOM   335  O  O   . SER A 1 42  ? 10.180  3.163   11.838  1.00 75.76  ? 241 SER A O   1 
ATOM   336  C  CB  . SER A 1 42  ? 10.855  -0.320  12.156  1.00 67.88  ? 241 SER A CB  1 
ATOM   337  O  OG  . SER A 1 42  ? 12.245  -0.012  12.156  1.00 76.31  ? 241 SER A OG  1 
ATOM   338  N  N   . ARG A 1 43  ? 9.840   1.861   13.636  1.00 78.65  ? 242 ARG A N   1 
ATOM   339  C  CA  . ARG A 1 43  ? 9.941   2.948   14.594  1.00 78.16  ? 242 ARG A CA  1 
ATOM   340  C  C   . ARG A 1 43  ? 11.399  3.432   14.704  1.00 78.68  ? 242 ARG A C   1 
ATOM   341  O  O   . ARG A 1 43  ? 11.657  4.643   14.805  1.00 80.85  ? 242 ARG A O   1 
ATOM   342  C  CB  . ARG A 1 43  ? 9.386   2.477   15.942  1.00 70.03  ? 242 ARG A CB  1 
ATOM   343  C  CG  . ARG A 1 43  ? 9.820   1.060   16.259  1.00 73.61  ? 242 ARG A CG  1 
ATOM   344  C  CD  . ARG A 1 43  ? 9.788   0.727   17.738  1.00 70.58  ? 242 ARG A CD  1 
ATOM   345  N  NE  . ARG A 1 43  ? 10.739  -0.346  17.968  1.00 63.89  ? 242 ARG A NE  1 
ATOM   346  C  CZ  . ARG A 1 43  ? 11.441  -0.479  19.088  1.00 63.47  ? 242 ARG A CZ  1 
ATOM   347  N  NH1 . ARG A 1 43  ? 11.273  0.391   20.065  1.00 59.11  ? 242 ARG A NH1 1 
ATOM   348  N  NH2 . ARG A 1 43  ? 12.304  -1.477  19.241  1.00 63.10  ? 242 ARG A NH2 1 
ATOM   349  N  N   . ARG A 1 44  ? 12.348  2.496   14.661  1.00 77.16  ? 243 ARG A N   1 
ATOM   350  C  CA  . ARG A 1 44  ? 13.754  2.862   14.810  1.00 81.34  ? 243 ARG A CA  1 
ATOM   351  C  C   . ARG A 1 44  ? 14.201  3.721   13.634  1.00 87.63  ? 243 ARG A C   1 
ATOM   352  O  O   . ARG A 1 44  ? 14.735  4.811   13.831  1.00 100.85 ? 243 ARG A O   1 
ATOM   353  C  CB  . ARG A 1 44  ? 14.649  1.623   14.958  1.00 83.25  ? 243 ARG A CB  1 
ATOM   354  C  CG  . ARG A 1 44  ? 14.023  0.289   14.607  1.00 82.43  ? 243 ARG A CG  1 
ATOM   355  C  CD  . ARG A 1 44  ? 14.779  -0.826  15.298  1.00 81.24  ? 243 ARG A CD  1 
ATOM   356  N  NE  . ARG A 1 44  ? 16.209  -0.781  14.999  1.00 82.95  ? 243 ARG A NE  1 
ATOM   357  C  CZ  . ARG A 1 44  ? 17.074  -1.698  15.417  1.00 83.64  ? 243 ARG A CZ  1 
ATOM   358  N  NH1 . ARG A 1 44  ? 16.644  -2.717  16.151  1.00 81.74  ? 243 ARG A NH1 1 
ATOM   359  N  NH2 . ARG A 1 44  ? 18.362  -1.599  15.105  1.00 85.84  ? 243 ARG A NH2 1 
ATOM   360  N  N   . GLU A 1 45  ? 13.972  3.240   12.415  1.00 85.99  ? 244 GLU A N   1 
ATOM   361  C  CA  . GLU A 1 45  ? 14.106  4.091   11.235  1.00 85.32  ? 244 GLU A CA  1 
ATOM   362  C  C   . GLU A 1 45  ? 12.868  3.969   10.314  1.00 91.64  ? 244 GLU A C   1 
ATOM   363  O  O   . GLU A 1 45  ? 12.671  2.940   9.669   1.00 84.21  ? 244 GLU A O   1 
ATOM   364  C  CB  . GLU A 1 45  ? 15.390  3.765   10.443  1.00 84.07  ? 244 GLU A CB  1 
ATOM   365  C  CG  . GLU A 1 45  ? 16.537  3.045   11.192  1.00 83.65  ? 244 GLU A CG  1 
ATOM   366  C  CD  . GLU A 1 45  ? 17.890  3.166   10.450  1.00 83.21  ? 244 GLU A CD  1 
ATOM   367  O  OE1 . GLU A 1 45  ? 17.910  3.713   9.320   1.00 82.94  ? 244 GLU A OE1 1 
ATOM   368  O  OE2 . GLU A 1 45  ? 18.935  2.732   11.000  1.00 72.91  ? 244 GLU A OE2 1 
ATOM   369  N  N   . PRO A 1 46  ? 12.044  5.035   10.245  1.00 93.76  ? 245 PRO A N   1 
ATOM   370  C  CA  . PRO A 1 46  ? 10.801  5.111   9.449   1.00 94.30  ? 245 PRO A CA  1 
ATOM   371  C  C   . PRO A 1 46  ? 10.981  5.472   7.954   1.00 89.78  ? 245 PRO A C   1 
ATOM   372  O  O   . PRO A 1 46  ? 10.071  5.235   7.146   1.00 91.03  ? 245 PRO A O   1 
ATOM   373  C  CB  . PRO A 1 46  ? 9.982   6.200   10.181  1.00 85.65  ? 245 PRO A CB  1 
ATOM   374  C  CG  . PRO A 1 46  ? 10.750  6.518   11.453  1.00 83.30  ? 245 PRO A CG  1 
ATOM   375  C  CD  . PRO A 1 46  ? 12.171  6.174   11.169  1.00 88.04  ? 245 PRO A CD  1 
ATOM   376  N  N   . SER A 1 47  ? 12.135  6.028   7.584   1.00 85.93  ? 246 SER A N   1 
ATOM   377  C  CA  . SER A 1 47  ? 12.363  6.377   6.179   1.00 80.74  ? 246 SER A CA  1 
ATOM   378  C  C   . SER A 1 47  ? 13.150  5.272   5.480   1.00 72.78  ? 246 SER A C   1 
ATOM   379  O  O   . SER A 1 47  ? 14.337  5.062   5.741   1.00 72.83  ? 246 SER A O   1 
ATOM   380  C  CB  . SER A 1 47  ? 13.107  7.714   6.023   1.00 77.95  ? 246 SER A CB  1 
ATOM   381  O  OG  . SER A 1 47  ? 14.515  7.522   5.909   1.00 76.32  ? 246 SER A OG  1 
ATOM   382  N  N   . ILE A 1 48  ? 12.473  4.588   4.568   1.00 68.13  ? 247 ILE A N   1 
ATOM   383  C  CA  . ILE A 1 48  ? 13.055  3.481   3.841   1.00 62.96  ? 247 ILE A CA  1 
ATOM   384  C  C   . ILE A 1 48  ? 13.674  3.951   2.546   1.00 58.21  ? 247 ILE A C   1 
ATOM   385  O  O   . ILE A 1 48  ? 14.047  3.136   1.708   1.00 57.85  ? 247 ILE A O   1 
ATOM   386  C  CB  . ILE A 1 48  ? 12.007  2.408   3.531   1.00 61.09  ? 247 ILE A CB  1 
ATOM   387  C  CG1 . ILE A 1 48  ? 10.790  3.042   2.876   1.00 58.44  ? 247 ILE A CG1 1 
ATOM   388  C  CG2 . ILE A 1 48  ? 11.573  1.711   4.788   1.00 57.65  ? 247 ILE A CG2 1 
ATOM   389  C  CD1 . ILE A 1 48  ? 9.780   2.020   2.443   1.00 56.87  ? 247 ILE A CD1 1 
ATOM   390  N  N   . ASN A 1 49  ? 13.791  5.261   2.377   1.00 58.99  ? 248 ASN A N   1 
ATOM   391  C  CA  . ASN A 1 49  ? 14.398  5.792   1.163   1.00 58.05  ? 248 ASN A CA  1 
ATOM   392  C  C   . ASN A 1 49  ? 15.861  5.369   1.014   1.00 58.96  ? 248 ASN A C   1 
ATOM   393  O  O   . ASN A 1 49  ? 16.375  5.279   -0.104  1.00 56.40  ? 248 ASN A O   1 
ATOM   394  C  CB  . ASN A 1 49  ? 14.293  7.311   1.133   1.00 59.63  ? 248 ASN A CB  1 
ATOM   395  C  CG  . ASN A 1 49  ? 14.880  7.910   -0.133  1.00 62.83  ? 248 ASN A CG  1 
ATOM   396  O  OD1 . ASN A 1 49  ? 14.689  7.400   -1.248  1.00 58.69  ? 248 ASN A OD1 1 
ATOM   397  N  ND2 . ASN A 1 49  ? 15.651  8.978   0.042   1.00 67.83  ? 248 ASN A ND2 1 
ATOM   398  N  N   . HIS A 1 50  ? 16.524  5.102   2.135   1.00 60.40  ? 249 HIS A N   1 
ATOM   399  C  CA  . HIS A 1 50  ? 17.908  4.625   2.107   1.00 57.75  ? 249 HIS A CA  1 
ATOM   400  C  C   . HIS A 1 50  ? 18.080  3.393   1.234   1.00 57.61  ? 249 HIS A C   1 
ATOM   401  O  O   . HIS A 1 50  ? 18.986  3.345   0.407   1.00 60.24  ? 249 HIS A O   1 
ATOM   402  C  CB  . HIS A 1 50  ? 18.403  4.311   3.517   1.00 61.75  ? 249 HIS A CB  1 
ATOM   403  C  CG  . HIS A 1 50  ? 18.637  5.531   4.357   1.00 71.68  ? 249 HIS A CG  1 
ATOM   404  N  ND1 . HIS A 1 50  ? 18.901  5.461   5.711   1.00 76.28  ? 249 HIS A ND1 1 
ATOM   405  C  CD2 . HIS A 1 50  ? 18.647  6.845   4.036   1.00 72.51  ? 249 HIS A CD2 1 
ATOM   406  C  CE1 . HIS A 1 50  ? 19.059  6.686   6.187   1.00 73.90  ? 249 HIS A CE1 1 
ATOM   407  N  NE2 . HIS A 1 50  ? 18.915  7.543   5.193   1.00 74.44  ? 249 HIS A NE2 1 
ATOM   408  N  N   . PHE A 1 51  ? 17.213  2.398   1.394   1.00 55.64  ? 250 PHE A N   1 
ATOM   409  C  CA  . PHE A 1 51  ? 17.434  1.124   0.707   1.00 53.74  ? 250 PHE A CA  1 
ATOM   410  C  C   . PHE A 1 51  ? 16.344  0.730   -0.296  1.00 54.19  ? 250 PHE A C   1 
ATOM   411  O  O   . PHE A 1 51  ? 16.405  -0.355  -0.891  1.00 54.17  ? 250 PHE A O   1 
ATOM   412  C  CB  . PHE A 1 51  ? 17.615  0.003   1.739   1.00 51.55  ? 250 PHE A CB  1 
ATOM   413  C  CG  . PHE A 1 51  ? 16.466  -0.140  2.698   1.00 55.81  ? 250 PHE A CG  1 
ATOM   414  C  CD1 . PHE A 1 51  ? 16.368  0.682   3.817   1.00 55.33  ? 250 PHE A CD1 1 
ATOM   415  C  CD2 . PHE A 1 51  ? 15.485  -1.113  2.492   1.00 54.94  ? 250 PHE A CD2 1 
ATOM   416  C  CE1 . PHE A 1 51  ? 15.309  0.545   4.710   1.00 56.68  ? 250 PHE A CE1 1 
ATOM   417  C  CE2 . PHE A 1 51  ? 14.418  -1.266  3.391   1.00 51.55  ? 250 PHE A CE2 1 
ATOM   418  C  CZ  . PHE A 1 51  ? 14.333  -0.441  4.500   1.00 49.63  ? 250 PHE A CZ  1 
ATOM   419  N  N   . VAL A 1 52  ? 15.362  1.607   -0.503  1.00 53.09  ? 251 VAL A N   1 
ATOM   420  C  CA  . VAL A 1 52  ? 14.278  1.314   -1.442  1.00 50.14  ? 251 VAL A CA  1 
ATOM   421  C  C   . VAL A 1 52  ? 14.337  2.249   -2.652  1.00 51.06  ? 251 VAL A C   1 
ATOM   422  O  O   . VAL A 1 52  ? 14.423  3.474   -2.512  1.00 49.97  ? 251 VAL A O   1 
ATOM   423  C  CB  . VAL A 1 52  ? 12.895  1.420   -0.756  1.00 52.22  ? 251 VAL A CB  1 
ATOM   424  C  CG1 . VAL A 1 52  ? 11.779  1.457   -1.782  1.00 48.79  ? 251 VAL A CG1 1 
ATOM   425  C  CG2 . VAL A 1 52  ? 12.704  0.257   0.218   1.00 51.84  ? 251 VAL A CG2 1 
ATOM   426  N  N   . LYS A 1 53  ? 14.299  1.656   -3.841  1.00 48.40  ? 252 LYS A N   1 
ATOM   427  C  CA  . LYS A 1 53  ? 14.378  2.414   -5.078  1.00 47.54  ? 252 LYS A CA  1 
ATOM   428  C  C   . LYS A 1 53  ? 13.001  2.894   -5.529  1.00 52.63  ? 252 LYS A C   1 
ATOM   429  O  O   . LYS A 1 53  ? 12.799  4.084   -5.810  1.00 52.76  ? 252 LYS A O   1 
ATOM   430  C  CB  . LYS A 1 53  ? 15.024  1.560   -6.167  1.00 49.56  ? 252 LYS A CB  1 
ATOM   431  C  CG  . LYS A 1 53  ? 15.279  2.285   -7.477  1.00 51.74  ? 252 LYS A CG  1 
ATOM   432  C  CD  . LYS A 1 53  ? 15.476  1.279   -8.610  1.00 60.15  ? 252 LYS A CD  1 
ATOM   433  C  CE  . LYS A 1 53  ? 14.857  1.769   -9.926  1.00 67.35  ? 252 LYS A CE  1 
ATOM   434  N  NZ  . LYS A 1 53  ? 15.465  1.135   -11.147 1.00 71.76  ? 252 LYS A NZ  1 
ATOM   435  N  N   . LYS A 1 54  ? 12.050  1.967   -5.610  1.00 51.89  ? 253 LYS A N   1 
ATOM   436  C  CA  . LYS A 1 54  ? 10.685  2.321   -5.975  1.00 50.83  ? 253 LYS A CA  1 
ATOM   437  C  C   . LYS A 1 54  ? 9.687   1.252   -5.538  1.00 47.33  ? 253 LYS A C   1 
ATOM   438  O  O   . LYS A 1 54  ? 10.052  0.116   -5.275  1.00 46.59  ? 253 LYS A O   1 
ATOM   439  C  CB  . LYS A 1 54  ? 10.581  2.549   -7.479  1.00 52.19  ? 253 LYS A CB  1 
ATOM   440  C  CG  . LYS A 1 54  ? 10.785  1.295   -8.273  1.00 51.86  ? 253 LYS A CG  1 
ATOM   441  C  CD  . LYS A 1 54  ? 10.727  1.568   -9.756  1.00 57.87  ? 253 LYS A CD  1 
ATOM   442  C  CE  . LYS A 1 54  ? 11.502  0.482   -10.506 1.00 63.47  ? 253 LYS A CE  1 
ATOM   443  N  NZ  . LYS A 1 54  ? 11.565  0.728   -11.977 1.00 71.06  ? 253 LYS A NZ  1 
ATOM   444  N  N   . VAL A 1 55  ? 8.417   1.630   -5.473  1.00 47.40  ? 254 VAL A N   1 
ATOM   445  C  CA  . VAL A 1 55  ? 7.370   0.714   -5.064  1.00 46.32  ? 254 VAL A CA  1 
ATOM   446  C  C   . VAL A 1 55  ? 6.336   0.564   -6.175  1.00 45.71  ? 254 VAL A C   1 
ATOM   447  O  O   . VAL A 1 55  ? 5.858   1.554   -6.730  1.00 47.94  ? 254 VAL A O   1 
ATOM   448  C  CB  . VAL A 1 55  ? 6.690   1.199   -3.762  1.00 46.62  ? 254 VAL A CB  1 
ATOM   449  C  CG1 . VAL A 1 55  ? 5.528   0.310   -3.401  1.00 40.33  ? 254 VAL A CG1 1 
ATOM   450  C  CG2 . VAL A 1 55  ? 7.702   1.224   -2.616  1.00 42.70  ? 254 VAL A CG2 1 
ATOM   451  N  N   . TRP A 1 56  ? 6.003   -0.675  -6.512  1.00 45.49  ? 255 TRP A N   1 
ATOM   452  C  CA  . TRP A 1 56  ? 4.933   -0.933  -7.467  1.00 47.42  ? 255 TRP A CA  1 
ATOM   453  C  C   . TRP A 1 56  ? 3.659   -1.369  -6.736  1.00 44.54  ? 255 TRP A C   1 
ATOM   454  O  O   . TRP A 1 56  ? 3.657   -2.342  -5.985  1.00 45.92  ? 255 TRP A O   1 
ATOM   455  C  CB  . TRP A 1 56  ? 5.353   -2.002  -8.462  1.00 48.53  ? 255 TRP A CB  1 
ATOM   456  C  CG  . TRP A 1 56  ? 6.209   -1.513  -9.557  1.00 53.21  ? 255 TRP A CG  1 
ATOM   457  C  CD1 . TRP A 1 56  ? 6.848   -0.310  -9.632  1.00 56.52  ? 255 TRP A CD1 1 
ATOM   458  C  CD2 . TRP A 1 56  ? 6.561   -2.230  -10.739 1.00 59.62  ? 255 TRP A CD2 1 
ATOM   459  N  NE1 . TRP A 1 56  ? 7.565   -0.229  -10.801 1.00 58.08  ? 255 TRP A NE1 1 
ATOM   460  C  CE2 . TRP A 1 56  ? 7.403   -1.401  -11.500 1.00 57.88  ? 255 TRP A CE2 1 
ATOM   461  C  CE3 . TRP A 1 56  ? 6.240   -3.502  -11.238 1.00 58.76  ? 255 TRP A CE3 1 
ATOM   462  C  CZ2 . TRP A 1 56  ? 7.926   -1.791  -12.721 1.00 62.23  ? 255 TRP A CZ2 1 
ATOM   463  C  CZ3 . TRP A 1 56  ? 6.765   -3.889  -12.455 1.00 58.93  ? 255 TRP A CZ3 1 
ATOM   464  C  CH2 . TRP A 1 56  ? 7.594   -3.040  -13.182 1.00 60.84  ? 255 TRP A CH2 1 
ATOM   465  N  N   . PHE A 1 57  ? 2.582   -0.631  -6.938  1.00 39.72  ? 256 PHE A N   1 
ATOM   466  C  CA  . PHE A 1 57  ? 1.302   -1.034  -6.406  1.00 42.33  ? 256 PHE A CA  1 
ATOM   467  C  C   . PHE A 1 57  ? 0.479   -1.744  -7.469  1.00 46.23  ? 256 PHE A C   1 
ATOM   468  O  O   . PHE A 1 57  ? 0.052   -1.097  -8.442  1.00 47.40  ? 256 PHE A O   1 
ATOM   469  C  CB  . PHE A 1 57  ? 0.528   0.175   -5.900  1.00 40.02  ? 256 PHE A CB  1 
ATOM   470  C  CG  . PHE A 1 57  ? 1.141   0.823   -4.688  1.00 43.18  ? 256 PHE A CG  1 
ATOM   471  C  CD1 . PHE A 1 57  ? 0.814   0.390   -3.417  1.00 41.76  ? 256 PHE A CD1 1 
ATOM   472  C  CD2 . PHE A 1 57  ? 2.045   1.871   -4.821  1.00 43.62  ? 256 PHE A CD2 1 
ATOM   473  C  CE1 . PHE A 1 57  ? 1.375   0.989   -2.300  1.00 43.27  ? 256 PHE A CE1 1 
ATOM   474  C  CE2 . PHE A 1 57  ? 2.602   2.475   -3.712  1.00 40.58  ? 256 PHE A CE2 1 
ATOM   475  C  CZ  . PHE A 1 57  ? 2.266   2.035   -2.452  1.00 41.18  ? 256 PHE A CZ  1 
ATOM   476  N  N   . PHE A 1 58  ? 0.249   -3.052  -7.298  1.00 41.61  ? 257 PHE A N   1 
ATOM   477  C  CA  . PHE A 1 58  ? -0.672  -3.771  -8.188  1.00 41.93  ? 257 PHE A CA  1 
ATOM   478  C  C   . PHE A 1 58  ? -2.074  -3.735  -7.567  1.00 43.69  ? 257 PHE A C   1 
ATOM   479  O  O   . PHE A 1 58  ? -2.244  -4.080  -6.388  1.00 46.25  ? 257 PHE A O   1 
ATOM   480  C  CB  . PHE A 1 58  ? -0.239  -5.231  -8.437  1.00 42.74  ? 257 PHE A CB  1 
ATOM   481  C  CG  . PHE A 1 58  ? 1.117   -5.385  -9.078  1.00 43.51  ? 257 PHE A CG  1 
ATOM   482  C  CD1 . PHE A 1 58  ? 2.272   -5.018  -8.396  1.00 45.57  ? 257 PHE A CD1 1 
ATOM   483  C  CD2 . PHE A 1 58  ? 1.244   -5.946  -10.338 1.00 39.00  ? 257 PHE A CD2 1 
ATOM   484  C  CE1 . PHE A 1 58  ? 3.529   -5.172  -8.972  1.00 45.65  ? 257 PHE A CE1 1 
ATOM   485  C  CE2 . PHE A 1 58  ? 2.492   -6.106  -10.917 1.00 39.21  ? 257 PHE A CE2 1 
ATOM   486  C  CZ  . PHE A 1 58  ? 3.641   -5.715  -10.226 1.00 41.46  ? 257 PHE A CZ  1 
ATOM   487  N  N   . LEU A 1 59  ? -3.074  -3.337  -8.356  1.00 42.86  ? 258 LEU A N   1 
ATOM   488  C  CA  . LEU A 1 59  ? -4.451  -3.211  -7.865  1.00 40.56  ? 258 LEU A CA  1 
ATOM   489  C  C   . LEU A 1 59  ? -5.435  -4.121  -8.610  1.00 38.23  ? 258 LEU A C   1 
ATOM   490  O  O   . LEU A 1 59  ? -5.071  -4.788  -9.572  1.00 43.08  ? 258 LEU A O   1 
ATOM   491  C  CB  . LEU A 1 59  ? -4.914  -1.759  -7.989  1.00 46.11  ? 258 LEU A CB  1 
ATOM   492  C  CG  . LEU A 1 59  ? -3.936  -0.716  -7.441  1.00 43.12  ? 258 LEU A CG  1 
ATOM   493  C  CD1 . LEU A 1 59  ? -4.453  0.709   -7.658  1.00 37.99  ? 258 LEU A CD1 1 
ATOM   494  C  CD2 . LEU A 1 59  ? -3.665  -1.003  -5.972  1.00 39.72  ? 258 LEU A CD2 1 
ATOM   495  N  N   . HIS A 1 60  ? -6.689  -4.132  -8.179  1.00 39.19  ? 259 HIS A N   1 
ATOM   496  C  CA  . HIS A 1 60  ? -7.707  -4.982  -8.791  1.00 35.56  ? 259 HIS A CA  1 
ATOM   497  C  C   . HIS A 1 60  ? -8.044  -4.506  -10.213 1.00 38.65  ? 259 HIS A C   1 
ATOM   498  O  O   . HIS A 1 60  ? -7.997  -3.295  -10.473 1.00 39.93  ? 259 HIS A O   1 
ATOM   499  C  CB  . HIS A 1 60  ? -8.938  -4.971  -7.896  1.00 38.31  ? 259 HIS A CB  1 
ATOM   500  C  CG  . HIS A 1 60  ? -10.048 -5.851  -8.369  1.00 39.17  ? 259 HIS A CG  1 
ATOM   501  N  ND1 . HIS A 1 60  ? -11.071 -5.382  -9.165  1.00 35.04  ? 259 HIS A ND1 1 
ATOM   502  C  CD2 . HIS A 1 60  ? -10.321 -7.154  -8.132  1.00 33.48  ? 259 HIS A CD2 1 
ATOM   503  C  CE1 . HIS A 1 60  ? -11.918 -6.366  -9.406  1.00 36.57  ? 259 HIS A CE1 1 
ATOM   504  N  NE2 . HIS A 1 60  ? -11.484 -7.453  -8.797  1.00 33.81  ? 259 HIS A NE2 1 
ATOM   505  N  N   . PRO A 1 61  ? -8.378  -5.439  -11.140 1.00 41.09  ? 260 PRO A N   1 
ATOM   506  C  CA  . PRO A 1 61  ? -8.671  -5.071  -12.538 1.00 42.46  ? 260 PRO A CA  1 
ATOM   507  C  C   . PRO A 1 61  ? -9.674  -3.938  -12.681 1.00 43.00  ? 260 PRO A C   1 
ATOM   508  O  O   . PRO A 1 61  ? -9.598  -3.185  -13.658 1.00 45.60  ? 260 PRO A O   1 
ATOM   509  C  CB  . PRO A 1 61  ? -9.236  -6.361  -13.130 1.00 36.54  ? 260 PRO A CB  1 
ATOM   510  C  CG  . PRO A 1 61  ? -8.512  -7.419  -12.395 1.00 34.43  ? 260 PRO A CG  1 
ATOM   511  C  CD  . PRO A 1 61  ? -8.394  -6.905  -10.972 1.00 35.17  ? 260 PRO A CD  1 
ATOM   512  N  N   . SER A 1 62  ? -10.577 -3.791  -11.716 1.00 41.31  ? 261 SER A N   1 
ATOM   513  C  CA  . SER A 1 62  ? -11.544 -2.694  -11.766 1.00 43.60  ? 261 SER A CA  1 
ATOM   514  C  C   . SER A 1 62  ? -10.871 -1.328  -11.882 1.00 46.86  ? 261 SER A C   1 
ATOM   515  O  O   . SER A 1 62  ? -11.512 -0.359  -12.294 1.00 48.62  ? 261 SER A O   1 
ATOM   516  C  CB  . SER A 1 62  ? -12.446 -2.729  -10.536 1.00 43.44  ? 261 SER A CB  1 
ATOM   517  O  OG  . SER A 1 62  ? -11.681 -2.816  -9.346  1.00 40.28  ? 261 SER A OG  1 
ATOM   518  N  N   . TYR A 1 63  ? -9.586  -1.248  -11.528 1.00 47.82  ? 262 TYR A N   1 
ATOM   519  C  CA  . TYR A 1 63  ? -8.877  0.027   -11.575 1.00 45.91  ? 262 TYR A CA  1 
ATOM   520  C  C   . TYR A 1 63  ? -8.147  0.212   -12.886 1.00 43.18  ? 262 TYR A C   1 
ATOM   521  O  O   . TYR A 1 63  ? -7.419  1.176   -13.047 1.00 48.27  ? 262 TYR A O   1 
ATOM   522  C  CB  . TYR A 1 63  ? -7.880  0.157   -10.421 1.00 45.66  ? 262 TYR A CB  1 
ATOM   523  C  CG  . TYR A 1 63  ? -8.479  0.625   -9.106  1.00 45.00  ? 262 TYR A CG  1 
ATOM   524  C  CD1 . TYR A 1 63  ? -8.736  1.976   -8.867  1.00 39.62  ? 262 TYR A CD1 1 
ATOM   525  C  CD2 . TYR A 1 63  ? -8.747  -0.279  -8.086  1.00 40.23  ? 262 TYR A CD2 1 
ATOM   526  C  CE1 . TYR A 1 63  ? -9.275  2.407   -7.659  1.00 35.67  ? 262 TYR A CE1 1 
ATOM   527  C  CE2 . TYR A 1 63  ? -9.272  0.137   -6.880  1.00 37.13  ? 262 TYR A CE2 1 
ATOM   528  C  CZ  . TYR A 1 63  ? -9.534  1.478   -6.668  1.00 39.06  ? 262 TYR A CZ  1 
ATOM   529  O  OH  . TYR A 1 63  ? -10.068 1.869   -5.454  1.00 42.44  ? 262 TYR A OH  1 
ATOM   530  N  N   . LYS A 1 64  ? -8.322  -0.708  -13.822 1.00 43.24  ? 263 LYS A N   1 
ATOM   531  C  CA  . LYS A 1 64  ? -7.643  -0.558  -15.107 1.00 48.20  ? 263 LYS A CA  1 
ATOM   532  C  C   . LYS A 1 64  ? -8.191  0.668   -15.802 1.00 49.96  ? 263 LYS A C   1 
ATOM   533  O  O   . LYS A 1 64  ? -9.355  0.990   -15.630 1.00 50.46  ? 263 LYS A O   1 
ATOM   534  C  CB  . LYS A 1 64  ? -7.830  -1.780  -16.000 1.00 44.30  ? 263 LYS A CB  1 
ATOM   535  C  CG  . LYS A 1 64  ? -7.050  -2.975  -15.591 1.00 40.39  ? 263 LYS A CG  1 
ATOM   536  C  CD  . LYS A 1 64  ? -7.315  -4.118  -16.556 1.00 44.00  ? 263 LYS A CD  1 
ATOM   537  C  CE  . LYS A 1 64  ? -6.586  -5.376  -16.125 1.00 45.42  ? 263 LYS A CE  1 
ATOM   538  N  NZ  . LYS A 1 64  ? -6.912  -6.527  -17.012 1.00 52.52  ? 263 LYS A NZ  1 
ATOM   539  N  N   . PRO A 1 65  ? -7.358  1.345   -16.603 1.00 52.67  ? 264 PRO A N   1 
ATOM   540  C  CA  . PRO A 1 65  ? -5.948  1.013   -16.855 1.00 49.75  ? 264 PRO A CA  1 
ATOM   541  C  C   . PRO A 1 65  ? -4.959  1.486   -15.784 1.00 45.59  ? 264 PRO A C   1 
ATOM   542  O  O   . PRO A 1 65  ? -3.763  1.317   -15.956 1.00 53.13  ? 264 PRO A O   1 
ATOM   543  C  CB  . PRO A 1 65  ? -5.674  1.720   -18.173 1.00 53.02  ? 264 PRO A CB  1 
ATOM   544  C  CG  . PRO A 1 65  ? -6.621  2.887   -18.156 1.00 48.58  ? 264 PRO A CG  1 
ATOM   545  C  CD  . PRO A 1 65  ? -7.860  2.350   -17.551 1.00 48.55  ? 264 PRO A CD  1 
ATOM   546  N  N   . ASN A 1 66  ? -5.436  2.066   -14.697 1.00 44.92  ? 265 ASN A N   1 
ATOM   547  C  CA  . ASN A 1 66  ? -4.521  2.507   -13.653 1.00 45.62  ? 265 ASN A CA  1 
ATOM   548  C  C   . ASN A 1 66  ? -4.370  1.464   -12.543 1.00 45.53  ? 265 ASN A C   1 
ATOM   549  O  O   . ASN A 1 66  ? -4.292  1.806   -11.368 1.00 43.53  ? 265 ASN A O   1 
ATOM   550  C  CB  . ASN A 1 66  ? -5.005  3.819   -13.063 1.00 48.03  ? 265 ASN A CB  1 
ATOM   551  C  CG  . ASN A 1 66  ? -5.533  4.772   -14.119 1.00 50.98  ? 265 ASN A CG  1 
ATOM   552  O  OD1 . ASN A 1 66  ? -5.058  4.796   -15.258 1.00 50.14  ? 265 ASN A OD1 1 
ATOM   553  N  ND2 . ASN A 1 66  ? -6.553  5.546   -13.750 1.00 53.37  ? 265 ASN A ND2 1 
ATOM   554  N  N   . ASP A 1 67  ? -4.327  0.189   -12.899 1.00 47.90  ? 266 ASP A N   1 
ATOM   555  C  CA  . ASP A 1 67  ? -4.192  -0.825  -11.859 1.00 47.56  ? 266 ASP A CA  1 
ATOM   556  C  C   . ASP A 1 67  ? -2.736  -1.057  -11.429 1.00 47.93  ? 266 ASP A C   1 
ATOM   557  O  O   . ASP A 1 67  ? -2.488  -1.745  -10.433 1.00 47.23  ? 266 ASP A O   1 
ATOM   558  C  CB  . ASP A 1 67  ? -4.833  -2.137  -12.311 1.00 42.46  ? 266 ASP A CB  1 
ATOM   559  C  CG  . ASP A 1 67  ? -4.423  -2.523  -13.691 1.00 45.44  ? 266 ASP A CG  1 
ATOM   560  O  OD1 . ASP A 1 67  ? -4.106  -1.581  -14.458 1.00 45.44  ? 266 ASP A OD1 1 
ATOM   561  O  OD2 . ASP A 1 67  ? -4.453  -3.742  -14.012 1.00 45.98  ? 266 ASP A OD2 1 
ATOM   562  N  N   . LEU A 1 68  ? -1.781  -0.468  -12.139 1.00 45.53  ? 267 LEU A N   1 
ATOM   563  C  CA  . LEU A 1 68  ? -0.379  -0.594  -11.741 1.00 46.58  ? 267 LEU A CA  1 
ATOM   564  C  C   . LEU A 1 68  ? 0.258   0.771   -11.517 1.00 46.70  ? 267 LEU A C   1 
ATOM   565  O  O   . LEU A 1 68  ? 0.386   1.555   -12.451 1.00 52.33  ? 267 LEU A O   1 
ATOM   566  C  CB  . LEU A 1 68  ? 0.389   -1.365  -12.807 1.00 48.44  ? 267 LEU A CB  1 
ATOM   567  C  CG  . LEU A 1 68  ? 1.722   -2.038  -12.490 1.00 50.21  ? 267 LEU A CG  1 
ATOM   568  C  CD1 . LEU A 1 68  ? 2.067   -2.870  -13.694 1.00 49.52  ? 267 LEU A CD1 1 
ATOM   569  C  CD2 . LEU A 1 68  ? 2.858   -1.058  -12.175 1.00 56.52  ? 267 LEU A CD2 1 
ATOM   570  N  N   . VAL A 1 69  ? 0.678   1.056   -10.292 1.00 46.02  ? 268 VAL A N   1 
ATOM   571  C  CA  . VAL A 1 69  ? 1.157   2.399   -9.950  1.00 45.63  ? 268 VAL A CA  1 
ATOM   572  C  C   . VAL A 1 69  ? 2.592   2.401   -9.377  1.00 46.70  ? 268 VAL A C   1 
ATOM   573  O  O   . VAL A 1 69  ? 2.911   1.660   -8.440  1.00 42.54  ? 268 VAL A O   1 
ATOM   574  C  CB  . VAL A 1 69  ? 0.179   3.083   -8.950  1.00 41.51  ? 268 VAL A CB  1 
ATOM   575  C  CG1 . VAL A 1 69  ? 0.686   4.431   -8.540  1.00 41.14  ? 268 VAL A CG1 1 
ATOM   576  C  CG2 . VAL A 1 69  ? -1.215  3.238   -9.559  1.00 41.24  ? 268 VAL A CG2 1 
ATOM   577  N  N   . GLU A 1 70  ? 3.456   3.233   -9.957  1.00 50.31  ? 269 GLU A N   1 
ATOM   578  C  CA  . GLU A 1 70  ? 4.857   3.348   -9.544  1.00 49.78  ? 269 GLU A CA  1 
ATOM   579  C  C   . GLU A 1 70  ? 5.093   4.616   -8.723  1.00 50.03  ? 269 GLU A C   1 
ATOM   580  O  O   . GLU A 1 70  ? 4.901   5.724   -9.213  1.00 52.32  ? 269 GLU A O   1 
ATOM   581  C  CB  . GLU A 1 70  ? 5.778   3.354   -10.768 1.00 53.98  ? 269 GLU A CB  1 
ATOM   582  C  CG  . GLU A 1 70  ? 7.261   3.454   -10.441 1.00 57.27  ? 269 GLU A CG  1 
ATOM   583  C  CD  . GLU A 1 70  ? 8.141   3.463   -11.680 1.00 62.19  ? 269 GLU A CD  1 
ATOM   584  O  OE1 . GLU A 1 70  ? 8.978   4.373   -11.819 1.00 70.57  ? 269 GLU A OE1 1 
ATOM   585  O  OE2 . GLU A 1 70  ? 8.009   2.547   -12.515 1.00 68.32  ? 269 GLU A OE2 1 
ATOM   586  N  N   . VAL A 1 71  ? 5.507   4.458   -7.478  1.00 45.95  ? 270 VAL A N   1 
ATOM   587  C  CA  . VAL A 1 71  ? 5.869   5.601   -6.670  1.00 47.57  ? 270 VAL A CA  1 
ATOM   588  C  C   . VAL A 1 71  ? 7.373   5.541   -6.498  1.00 50.17  ? 270 VAL A C   1 
ATOM   589  O  O   . VAL A 1 71  ? 7.871   4.613   -5.866  1.00 49.33  ? 270 VAL A O   1 
ATOM   590  C  CB  . VAL A 1 71  ? 5.148   5.593   -5.313  1.00 46.89  ? 270 VAL A CB  1 
ATOM   591  C  CG1 . VAL A 1 71  ? 5.615   6.741   -4.473  1.00 46.28  ? 270 VAL A CG1 1 
ATOM   592  C  CG2 . VAL A 1 71  ? 3.614   5.649   -5.512  1.00 40.08  ? 270 VAL A CG2 1 
ATOM   593  N  N   . ARG A 1 72  ? 8.093   6.497   -7.090  1.00 52.86  ? 271 ARG A N   1 
ATOM   594  C  CA  . ARG A 1 72  ? 9.543   6.373   -7.185  1.00 55.37  ? 271 ARG A CA  1 
ATOM   595  C  C   . ARG A 1 72  ? 10.234  6.932   -5.975  1.00 55.32  ? 271 ARG A C   1 
ATOM   596  O  O   . ARG A 1 72  ? 11.082  6.262   -5.397  1.00 56.65  ? 271 ARG A O   1 
ATOM   597  C  CB  . ARG A 1 72  ? 10.128  7.085   -8.397  1.00 54.77  ? 271 ARG A CB  1 
ATOM   598  C  CG  . ARG A 1 72  ? 9.285   7.187   -9.631  1.00 54.57  ? 271 ARG A CG  1 
ATOM   599  C  CD  . ARG A 1 72  ? 9.861   8.291   -10.548 1.00 60.04  ? 271 ARG A CD  1 
ATOM   600  N  NE  . ARG A 1 72  ? 8.920   8.985   -11.437 1.00 62.84  ? 271 ARG A NE  1 
ATOM   601  C  CZ  . ARG A 1 72  ? 8.656   10.286  -11.445 1.00 70.00  ? 271 ARG A CZ  1 
ATOM   602  N  NH1 . ARG A 1 72  ? 9.332   11.088  -10.643 1.00 77.36  ? 271 ARG A NH1 1 
ATOM   603  N  NH2 . ARG A 1 72  ? 7.708   10.764  -12.257 1.00 77.35  ? 271 ARG A NH2 1 
ATOM   604  N  N   . GLU A 1 73  ? 9.859   8.146   -5.582  1.00 54.38  ? 272 GLU A N   1 
ATOM   605  C  CA  . GLU A 1 73  ? 10.529  8.826   -4.479  1.00 58.82  ? 272 GLU A CA  1 
ATOM   606  C  C   . GLU A 1 73  ? 9.551   8.962   -3.319  1.00 56.96  ? 272 GLU A C   1 
ATOM   607  O  O   . GLU A 1 73  ? 8.341   8.952   -3.541  1.00 57.68  ? 272 GLU A O   1 
ATOM   608  C  CB  . GLU A 1 73  ? 11.058  10.189  -4.947  1.00 59.09  ? 272 GLU A CB  1 
ATOM   609  C  CG  . GLU A 1 73  ? 12.441  10.560  -4.408  1.00 62.09  ? 272 GLU A CG  1 
ATOM   610  C  CD  . GLU A 1 73  ? 13.566  9.760   -5.040  1.00 67.99  ? 272 GLU A CD  1 
ATOM   611  O  OE1 . GLU A 1 73  ? 13.456  9.389   -6.232  1.00 72.77  ? 272 GLU A OE1 1 
ATOM   612  O  OE2 . GLU A 1 73  ? 14.554  9.471   -4.321  1.00 77.41  ? 272 GLU A OE2 1 
ATOM   613  N  N   . PRO A 1 74  ? 10.059  9.060   -2.076  1.00 57.42  ? 273 PRO A N   1 
ATOM   614  C  CA  . PRO A 1 74  ? 9.128   9.055   -0.942  1.00 53.85  ? 273 PRO A CA  1 
ATOM   615  C  C   . PRO A 1 74  ? 8.360   10.364  -0.795  1.00 54.57  ? 273 PRO A C   1 
ATOM   616  O  O   . PRO A 1 74  ? 8.758   11.341  -1.426  1.00 56.61  ? 273 PRO A O   1 
ATOM   617  C  CB  . PRO A 1 74  ? 10.055  8.806   0.258   1.00 54.67  ? 273 PRO A CB  1 
ATOM   618  C  CG  . PRO A 1 74  ? 11.363  9.373   -0.160  1.00 53.67  ? 273 PRO A CG  1 
ATOM   619  C  CD  . PRO A 1 74  ? 11.460  8.985   -1.617  1.00 60.43  ? 273 PRO A CD  1 
ATOM   620  N  N   . PRO A 1 75  ? 7.264   10.377  0.008   1.00 55.93  ? 274 PRO A N   1 
ATOM   621  C  CA  . PRO A 1 75  ? 6.676   9.254   0.772   1.00 53.15  ? 274 PRO A CA  1 
ATOM   622  C  C   . PRO A 1 75  ? 6.000   8.214   -0.133  1.00 52.45  ? 274 PRO A C   1 
ATOM   623  O  O   . PRO A 1 75  ? 5.242   8.605   -1.032  1.00 54.69  ? 274 PRO A O   1 
ATOM   624  C  CB  . PRO A 1 75  ? 5.642   9.944   1.668   1.00 50.50  ? 274 PRO A CB  1 
ATOM   625  C  CG  . PRO A 1 75  ? 5.268   11.174  0.923   1.00 48.95  ? 274 PRO A CG  1 
ATOM   626  C  CD  . PRO A 1 75  ? 6.524   11.632  0.232   1.00 47.75  ? 274 PRO A CD  1 
ATOM   627  N  N   . PHE A 1 76  ? 6.287   6.929   0.074   1.00 48.77  ? 275 PHE A N   1 
ATOM   628  C  CA  . PHE A 1 76  ? 5.696   5.884   -0.758  1.00 46.40  ? 275 PHE A CA  1 
ATOM   629  C  C   . PHE A 1 76  ? 4.251   5.615   -0.366  1.00 44.53  ? 275 PHE A C   1 
ATOM   630  O  O   . PHE A 1 76  ? 3.966   4.647   0.335   1.00 46.61  ? 275 PHE A O   1 
ATOM   631  C  CB  . PHE A 1 76  ? 6.511   4.603   -0.665  1.00 43.38  ? 275 PHE A CB  1 
ATOM   632  C  CG  . PHE A 1 76  ? 7.936   4.764   -1.114  1.00 49.74  ? 275 PHE A CG  1 
ATOM   633  C  CD1 . PHE A 1 76  ? 8.243   4.922   -2.464  1.00 49.60  ? 275 PHE A CD1 1 
ATOM   634  C  CD2 . PHE A 1 76  ? 8.973   4.736   -0.192  1.00 49.21  ? 275 PHE A CD2 1 
ATOM   635  C  CE1 . PHE A 1 76  ? 9.561   5.063   -2.885  1.00 46.25  ? 275 PHE A CE1 1 
ATOM   636  C  CE2 . PHE A 1 76  ? 10.286  4.882   -0.612  1.00 52.58  ? 275 PHE A CE2 1 
ATOM   637  C  CZ  . PHE A 1 76  ? 10.579  5.049   -1.961  1.00 48.07  ? 275 PHE A CZ  1 
ATOM   638  N  N   . HIS A 1 77  ? 3.358   6.490   -0.822  1.00 44.58  ? 276 HIS A N   1 
ATOM   639  C  CA  . HIS A 1 77  ? 1.931   6.457   -0.519  1.00 42.13  ? 276 HIS A CA  1 
ATOM   640  C  C   . HIS A 1 77  ? 1.156   6.305   -1.813  1.00 40.94  ? 276 HIS A C   1 
ATOM   641  O  O   . HIS A 1 77  ? 1.609   6.773   -2.858  1.00 43.86  ? 276 HIS A O   1 
ATOM   642  C  CB  . HIS A 1 77  ? 1.473   7.746   0.177   1.00 43.44  ? 276 HIS A CB  1 
ATOM   643  C  CG  . HIS A 1 77  ? 1.996   7.925   1.564   1.00 45.80  ? 276 HIS A CG  1 
ATOM   644  N  ND1 . HIS A 1 77  ? 1.619   8.979   2.365   1.00 45.75  ? 276 HIS A ND1 1 
ATOM   645  C  CD2 . HIS A 1 77  ? 2.872   7.190   2.299   1.00 48.59  ? 276 HIS A CD2 1 
ATOM   646  C  CE1 . HIS A 1 77  ? 2.231   8.885   3.537   1.00 49.09  ? 276 HIS A CE1 1 
ATOM   647  N  NE2 . HIS A 1 77  ? 2.994   7.805   3.522   1.00 51.62  ? 276 HIS A NE2 1 
ATOM   648  N  N   . LEU A 1 78  ? -0.006  5.668   -1.755  1.00 39.95  ? 277 LEU A N   1 
ATOM   649  C  CA  . LEU A 1 78  ? -0.915  5.636   -2.893  1.00 39.53  ? 277 LEU A CA  1 
ATOM   650  C  C   . LEU A 1 78  ? -2.301  5.983   -2.386  1.00 41.54  ? 277 LEU A C   1 
ATOM   651  O  O   . LEU A 1 78  ? -2.852  5.230   -1.580  1.00 45.52  ? 277 LEU A O   1 
ATOM   652  C  CB  . LEU A 1 78  ? -0.916  4.262   -3.575  1.00 43.00  ? 277 LEU A CB  1 
ATOM   653  C  CG  . LEU A 1 78  ? -2.011  3.967   -4.631  1.00 43.99  ? 277 LEU A CG  1 
ATOM   654  C  CD1 . LEU A 1 78  ? -1.912  4.859   -5.850  1.00 42.80  ? 277 LEU A CD1 1 
ATOM   655  C  CD2 . LEU A 1 78  ? -2.011  2.503   -5.060  1.00 40.20  ? 277 LEU A CD2 1 
ATOM   656  N  N   . THR A 1 79  ? -2.853  7.125   -2.811  1.00 42.44  ? 278 THR A N   1 
ATOM   657  C  CA  . THR A 1 79  ? -4.247  7.469   -2.487  1.00 43.24  ? 278 THR A CA  1 
ATOM   658  C  C   . THR A 1 79  ? -5.163  7.269   -3.713  1.00 45.66  ? 278 THR A C   1 
ATOM   659  O  O   . THR A 1 79  ? -4.823  7.675   -4.839  1.00 49.14  ? 278 THR A O   1 
ATOM   660  C  CB  . THR A 1 79  ? -4.396  8.922   -1.996  1.00 41.52  ? 278 THR A CB  1 
ATOM   661  O  OG1 . THR A 1 79  ? -3.376  9.231   -1.042  1.00 47.21  ? 278 THR A OG1 1 
ATOM   662  C  CG2 . THR A 1 79  ? -5.762  9.145   -1.371  1.00 42.24  ? 278 THR A CG2 1 
ATOM   663  N  N   . ARG A 1 80  ? -6.313  6.641   -3.476  1.00 37.07  ? 279 ARG A N   1 
ATOM   664  C  CA  . ARG A 1 80  ? -7.327  6.379   -4.492  1.00 38.87  ? 279 ARG A CA  1 
ATOM   665  C  C   . ARG A 1 80  ? -8.744  6.385   -3.897  1.00 44.04  ? 279 ARG A C   1 
ATOM   666  O  O   . ARG A 1 80  ? -8.912  6.281   -2.686  1.00 42.67  ? 279 ARG A O   1 
ATOM   667  C  CB  . ARG A 1 80  ? -7.092  5.026   -5.163  1.00 43.39  ? 279 ARG A CB  1 
ATOM   668  C  CG  . ARG A 1 80  ? -5.885  4.957   -6.085  1.00 45.88  ? 279 ARG A CG  1 
ATOM   669  C  CD  . ARG A 1 80  ? -6.120  5.720   -7.355  1.00 41.66  ? 279 ARG A CD  1 
ATOM   670  N  NE  . ARG A 1 80  ? -5.017  5.520   -8.282  1.00 49.95  ? 279 ARG A NE  1 
ATOM   671  C  CZ  . ARG A 1 80  ? -3.940  6.295   -8.336  1.00 52.16  ? 279 ARG A CZ  1 
ATOM   672  N  NH1 . ARG A 1 80  ? -3.826  7.336   -7.502  1.00 48.84  ? 279 ARG A NH1 1 
ATOM   673  N  NH2 . ARG A 1 80  ? -2.989  6.025   -9.229  1.00 46.35  ? 279 ARG A NH2 1 
ATOM   674  N  N   . ARG A 1 81  ? -9.760  6.491   -4.754  1.00 47.63  ? 280 ARG A N   1 
ATOM   675  C  CA  . ARG A 1 81  ? -11.151 6.304   -4.340  1.00 45.63  ? 280 ARG A CA  1 
ATOM   676  C  C   . ARG A 1 81  ? -11.618 4.888   -4.645  1.00 43.76  ? 280 ARG A C   1 
ATOM   677  O  O   . ARG A 1 81  ? -11.137 4.245   -5.594  1.00 43.63  ? 280 ARG A O   1 
ATOM   678  C  CB  . ARG A 1 81  ? -12.062 7.322   -5.023  1.00 44.69  ? 280 ARG A CB  1 
ATOM   679  C  CG  . ARG A 1 81  ? -11.935 8.669   -4.388  1.00 49.68  ? 280 ARG A CG  1 
ATOM   680  C  CD  . ARG A 1 81  ? -12.256 9.793   -5.336  1.00 60.07  ? 280 ARG A CD  1 
ATOM   681  N  NE  . ARG A 1 81  ? -11.651 11.021  -4.825  1.00 65.30  ? 280 ARG A NE  1 
ATOM   682  C  CZ  . ARG A 1 81  ? -12.251 11.850  -3.980  1.00 72.54  ? 280 ARG A CZ  1 
ATOM   683  N  NH1 . ARG A 1 81  ? -13.486 11.591  -3.568  1.00 74.94  ? 280 ARG A NH1 1 
ATOM   684  N  NH2 . ARG A 1 81  ? -11.617 12.936  -3.549  1.00 67.56  ? 280 ARG A NH2 1 
ATOM   685  N  N   . GLY A 1 82  ? -12.558 4.393   -3.847  1.00 41.16  ? 281 GLY A N   1 
ATOM   686  C  CA  . GLY A 1 82  ? -13.031 3.043   -4.076  1.00 43.92  ? 281 GLY A CA  1 
ATOM   687  C  C   . GLY A 1 82  ? -14.338 2.655   -3.416  1.00 41.44  ? 281 GLY A C   1 
ATOM   688  O  O   . GLY A 1 82  ? -14.908 3.409   -2.623  1.00 43.74  ? 281 GLY A O   1 
ATOM   689  N  N   . TRP A 1 83  ? -14.812 1.463   -3.762  1.00 37.28  ? 282 TRP A N   1 
ATOM   690  C  CA  . TRP A 1 83  ? -15.988 0.910   -3.135  1.00 41.23  ? 282 TRP A CA  1 
ATOM   691  C  C   . TRP A 1 83  ? -15.677 -0.423  -2.439  1.00 41.22  ? 282 TRP A C   1 
ATOM   692  O  O   . TRP A 1 83  ? -16.389 -0.818  -1.504  1.00 41.15  ? 282 TRP A O   1 
ATOM   693  C  CB  . TRP A 1 83  ? -17.107 0.730   -4.167  1.00 40.41  ? 282 TRP A CB  1 
ATOM   694  C  CG  . TRP A 1 83  ? -16.744 -0.122  -5.339  1.00 39.91  ? 282 TRP A CG  1 
ATOM   695  C  CD1 . TRP A 1 83  ? -16.301 0.300   -6.567  1.00 39.63  ? 282 TRP A CD1 1 
ATOM   696  C  CD2 . TRP A 1 83  ? -16.813 -1.549  -5.407  1.00 40.87  ? 282 TRP A CD2 1 
ATOM   697  N  NE1 . TRP A 1 83  ? -16.101 -0.779  -7.391  1.00 38.04  ? 282 TRP A NE1 1 
ATOM   698  C  CE2 . TRP A 1 83  ? -16.402 -1.924  -6.702  1.00 40.49  ? 282 TRP A CE2 1 
ATOM   699  C  CE3 . TRP A 1 83  ? -17.167 -2.546  -4.495  1.00 38.80  ? 282 TRP A CE3 1 
ATOM   700  C  CZ2 . TRP A 1 83  ? -16.333 -3.264  -7.101  1.00 42.30  ? 282 TRP A CZ2 1 
ATOM   701  C  CZ3 . TRP A 1 83  ? -17.102 -3.874  -4.898  1.00 39.54  ? 282 TRP A CZ3 1 
ATOM   702  C  CH2 . TRP A 1 83  ? -16.694 -4.219  -6.188  1.00 40.46  ? 282 TRP A CH2 1 
ATOM   703  N  N   . GLY A 1 84  ? -14.611 -1.109  -2.876  1.00 38.28  ? 283 GLY A N   1 
ATOM   704  C  CA  . GLY A 1 84  ? -14.368 -2.457  -2.407  1.00 39.48  ? 283 GLY A CA  1 
ATOM   705  C  C   . GLY A 1 84  ? -13.025 -2.724  -1.768  1.00 36.76  ? 283 GLY A C   1 
ATOM   706  O  O   . GLY A 1 84  ? -12.044 -2.059  -2.069  1.00 37.72  ? 283 GLY A O   1 
ATOM   707  N  N   . GLU A 1 85  ? -12.997 -3.709  -0.870  1.00 36.54  ? 284 GLU A N   1 
ATOM   708  C  CA  . GLU A 1 85  ? -11.774 -4.218  -0.269  1.00 37.24  ? 284 GLU A CA  1 
ATOM   709  C  C   . GLU A 1 85  ? -11.173 -5.276  -1.184  1.00 35.31  ? 284 GLU A C   1 
ATOM   710  O  O   . GLU A 1 85  ? -11.925 -6.001  -1.826  1.00 34.62  ? 284 GLU A O   1 
ATOM   711  C  CB  . GLU A 1 85  ? -12.066 -4.828  1.108   1.00 38.18  ? 284 GLU A CB  1 
ATOM   712  C  CG  . GLU A 1 85  ? -12.468 -3.822  2.183   1.00 42.05  ? 284 GLU A CG  1 
ATOM   713  C  CD  . GLU A 1 85  ? -12.906 -4.476  3.505   1.00 47.87  ? 284 GLU A CD  1 
ATOM   714  O  OE1 . GLU A 1 85  ? -13.088 -5.722  3.565   1.00 44.73  ? 284 GLU A OE1 1 
ATOM   715  O  OE2 . GLU A 1 85  ? -13.053 -3.725  4.501   1.00 54.47  ? 284 GLU A OE2 1 
ATOM   716  N  N   . PHE A 1 86  ? -9.847  -5.390  -1.226  1.00 31.16  ? 285 PHE A N   1 
ATOM   717  C  CA  . PHE A 1 86  ? -9.195  -6.359  -2.087  1.00 34.93  ? 285 PHE A CA  1 
ATOM   718  C  C   . PHE A 1 86  ? -7.696  -6.437  -1.761  1.00 39.24  ? 285 PHE A C   1 
ATOM   719  O  O   . PHE A 1 86  ? -7.099  -5.452  -1.311  1.00 40.90  ? 285 PHE A O   1 
ATOM   720  C  CB  . PHE A 1 86  ? -9.393  -5.986  -3.557  1.00 33.94  ? 285 PHE A CB  1 
ATOM   721  C  CG  . PHE A 1 86  ? -8.766  -4.693  -3.917  1.00 36.48  ? 285 PHE A CG  1 
ATOM   722  C  CD1 . PHE A 1 86  ? -7.435  -4.641  -4.303  1.00 37.80  ? 285 PHE A CD1 1 
ATOM   723  C  CD2 . PHE A 1 86  ? -9.498  -3.512  -3.856  1.00 38.26  ? 285 PHE A CD2 1 
ATOM   724  C  CE1 . PHE A 1 86  ? -6.841  -3.442  -4.619  1.00 37.56  ? 285 PHE A CE1 1 
ATOM   725  C  CE2 . PHE A 1 86  ? -8.911  -2.298  -4.178  1.00 36.48  ? 285 PHE A CE2 1 
ATOM   726  C  CZ  . PHE A 1 86  ? -7.569  -2.270  -4.562  1.00 36.95  ? 285 PHE A CZ  1 
ATOM   727  N  N   . PRO A 1 87  ? -7.067  -7.594  -2.020  1.00 40.00  ? 286 PRO A N   1 
ATOM   728  C  CA  . PRO A 1 87  ? -5.641  -7.722  -1.709  1.00 40.18  ? 286 PRO A CA  1 
ATOM   729  C  C   . PRO A 1 87  ? -4.766  -6.852  -2.617  1.00 39.11  ? 286 PRO A C   1 
ATOM   730  O  O   . PRO A 1 87  ? -4.724  -7.050  -3.831  1.00 37.41  ? 286 PRO A O   1 
ATOM   731  C  CB  . PRO A 1 87  ? -5.366  -9.210  -1.948  1.00 35.14  ? 286 PRO A CB  1 
ATOM   732  C  CG  . PRO A 1 87  ? -6.364  -9.606  -2.975  1.00 31.04  ? 286 PRO A CG  1 
ATOM   733  C  CD  . PRO A 1 87  ? -7.598  -8.788  -2.706  1.00 37.30  ? 286 PRO A CD  1 
ATOM   734  N  N   . VAL A 1 88  ? -4.074  -5.888  -2.023  1.00 40.56  ? 287 VAL A N   1 
ATOM   735  C  CA  . VAL A 1 88  ? -3.157  -5.019  -2.771  1.00 43.50  ? 287 VAL A CA  1 
ATOM   736  C  C   . VAL A 1 88  ? -1.787  -5.631  -2.779  1.00 41.01  ? 287 VAL A C   1 
ATOM   737  O  O   . VAL A 1 88  ? -1.269  -5.915  -1.713  1.00 43.07  ? 287 VAL A O   1 
ATOM   738  C  CB  . VAL A 1 88  ? -3.063  -3.606  -2.148  1.00 44.25  ? 287 VAL A CB  1 
ATOM   739  C  CG1 . VAL A 1 88  ? -2.095  -2.758  -2.935  1.00 41.49  ? 287 VAL A CG1 1 
ATOM   740  C  CG2 . VAL A 1 88  ? -4.456  -2.952  -2.071  1.00 36.94  ? 287 VAL A CG2 1 
ATOM   741  N  N   . ARG A 1 89  ? -1.201  -5.850  -3.955  1.00 39.52  ? 288 ARG A N   1 
ATOM   742  C  CA  . ARG A 1 89  ? 0.134   -6.451  -4.024  1.00 43.27  ? 288 ARG A CA  1 
ATOM   743  C  C   . ARG A 1 89  ? 1.204   -5.378  -4.101  1.00 45.36  ? 288 ARG A C   1 
ATOM   744  O  O   . ARG A 1 89  ? 1.322   -4.653  -5.106  1.00 44.89  ? 288 ARG A O   1 
ATOM   745  C  CB  . ARG A 1 89  ? 0.276   -7.408  -5.214  1.00 50.47  ? 288 ARG A CB  1 
ATOM   746  C  CG  . ARG A 1 89  ? 1.659   -8.073  -5.284  1.00 49.14  ? 288 ARG A CG  1 
ATOM   747  C  CD  . ARG A 1 89  ? 1.767   -9.066  -6.424  1.00 52.08  ? 288 ARG A CD  1 
ATOM   748  N  NE  . ARG A 1 89  ? 0.478   -9.695  -6.716  1.00 64.76  ? 288 ARG A NE  1 
ATOM   749  C  CZ  . ARG A 1 89  ? 0.292   -10.615 -7.662  1.00 75.94  ? 288 ARG A CZ  1 
ATOM   750  N  NH1 . ARG A 1 89  ? 1.320   -11.002 -8.412  1.00 73.57  ? 288 ARG A NH1 1 
ATOM   751  N  NH2 . ARG A 1 89  ? -0.917  -11.144 -7.870  1.00 73.04  ? 288 ARG A NH2 1 
ATOM   752  N  N   . VAL A 1 90  ? 1.978   -5.268  -3.026  1.00 43.93  ? 289 VAL A N   1 
ATOM   753  C  CA  . VAL A 1 90  ? 2.982   -4.222  -2.954  1.00 45.58  ? 289 VAL A CA  1 
ATOM   754  C  C   . VAL A 1 90  ? 4.327   -4.817  -3.295  1.00 45.24  ? 289 VAL A C   1 
ATOM   755  O  O   . VAL A 1 90  ? 4.837   -5.711  -2.613  1.00 40.81  ? 289 VAL A O   1 
ATOM   756  C  CB  . VAL A 1 90  ? 3.035   -3.552  -1.578  1.00 45.45  ? 289 VAL A CB  1 
ATOM   757  C  CG1 . VAL A 1 90  ? 4.209   -2.594  -1.511  1.00 43.59  ? 289 VAL A CG1 1 
ATOM   758  C  CG2 . VAL A 1 90  ? 1.736   -2.816  -1.291  1.00 39.99  ? 289 VAL A CG2 1 
ATOM   759  N  N   . GLN A 1 91  ? 4.890   -4.314  -4.378  1.00 46.63  ? 290 GLN A N   1 
ATOM   760  C  CA  . GLN A 1 91  ? 6.120   -4.854  -4.889  1.00 48.65  ? 290 GLN A CA  1 
ATOM   761  C  C   . GLN A 1 91  ? 7.235   -3.836  -4.745  1.00 46.78  ? 290 GLN A C   1 
ATOM   762  O  O   . GLN A 1 91  ? 7.220   -2.788  -5.391  1.00 46.14  ? 290 GLN A O   1 
ATOM   763  C  CB  . GLN A 1 91  ? 5.950   -5.270  -6.342  1.00 51.44  ? 290 GLN A CB  1 
ATOM   764  C  CG  . GLN A 1 91  ? 7.198   -5.901  -6.935  1.00 53.56  ? 290 GLN A CG  1 
ATOM   765  C  CD  . GLN A 1 91  ? 6.910   -6.522  -8.269  1.00 55.26  ? 290 GLN A CD  1 
ATOM   766  O  OE1 . GLN A 1 91  ? 7.466   -6.110  -9.288  1.00 59.44  ? 290 GLN A OE1 1 
ATOM   767  N  NE2 . GLN A 1 91  ? 6.015   -7.511  -8.281  1.00 53.21  ? 290 GLN A NE2 1 
ATOM   768  N  N   . VAL A 1 92  ? 8.202   -4.166  -3.897  1.00 46.77  ? 291 VAL A N   1 
ATOM   769  C  CA  . VAL A 1 92  ? 9.294   -3.271  -3.577  1.00 44.47  ? 291 VAL A CA  1 
ATOM   770  C  C   . VAL A 1 92  ? 10.556  -3.628  -4.332  1.00 49.50  ? 291 VAL A C   1 
ATOM   771  O  O   . VAL A 1 92  ? 10.950  -4.805  -4.404  1.00 46.71  ? 291 VAL A O   1 
ATOM   772  C  CB  . VAL A 1 92  ? 9.605   -3.304  -2.081  1.00 47.98  ? 291 VAL A CB  1 
ATOM   773  C  CG1 . VAL A 1 92  ? 10.542  -2.185  -1.714  1.00 47.73  ? 291 VAL A CG1 1 
ATOM   774  C  CG2 . VAL A 1 92  ? 8.316   -3.194  -1.275  1.00 49.91  ? 291 VAL A CG2 1 
ATOM   775  N  N   . HIS A 1 93  ? 11.189  -2.598  -4.886  1.00 50.00  ? 292 HIS A N   1 
ATOM   776  C  CA  . HIS A 1 93  ? 12.455  -2.733  -5.590  1.00 47.20  ? 292 HIS A CA  1 
ATOM   777  C  C   . HIS A 1 93  ? 13.531  -1.993  -4.829  1.00 46.49  ? 292 HIS A C   1 
ATOM   778  O  O   . HIS A 1 93  ? 13.332  -0.845  -4.419  1.00 49.14  ? 292 HIS A O   1 
ATOM   779  C  CB  . HIS A 1 93  ? 12.342  -2.184  -7.009  1.00 51.00  ? 292 HIS A CB  1 
ATOM   780  C  CG  . HIS A 1 93  ? 11.295  -2.863  -7.841  1.00 52.77  ? 292 HIS A CG  1 
ATOM   781  N  ND1 . HIS A 1 93  ? 11.568  -3.407  -9.077  1.00 56.08  ? 292 HIS A ND1 1 
ATOM   782  C  CD2 . HIS A 1 93  ? 9.978   -3.084  -7.616  1.00 53.14  ? 292 HIS A CD2 1 
ATOM   783  C  CE1 . HIS A 1 93  ? 10.466  -3.940  -9.576  1.00 58.28  ? 292 HIS A CE1 1 
ATOM   784  N  NE2 . HIS A 1 93  ? 9.486   -3.756  -8.710  1.00 57.67  ? 292 HIS A NE2 1 
ATOM   785  N  N   . PHE A 1 94  ? 14.677  -2.640  -4.638  1.00 49.11  ? 293 PHE A N   1 
ATOM   786  C  CA  . PHE A 1 94  ? 15.731  -2.063  -3.811  1.00 49.39  ? 293 PHE A CA  1 
ATOM   787  C  C   . PHE A 1 94  ? 16.797  -1.381  -4.646  1.00 50.98  ? 293 PHE A C   1 
ATOM   788  O  O   . PHE A 1 94  ? 17.026  -1.759  -5.792  1.00 49.67  ? 293 PHE A O   1 
ATOM   789  C  CB  . PHE A 1 94  ? 16.356  -3.133  -2.935  1.00 49.03  ? 293 PHE A CB  1 
ATOM   790  C  CG  . PHE A 1 94  ? 15.355  -3.893  -2.107  1.00 50.40  ? 293 PHE A CG  1 
ATOM   791  C  CD1 . PHE A 1 94  ? 14.737  -5.033  -2.617  1.00 49.66  ? 293 PHE A CD1 1 
ATOM   792  C  CD2 . PHE A 1 94  ? 15.025  -3.468  -0.833  1.00 45.95  ? 293 PHE A CD2 1 
ATOM   793  C  CE1 . PHE A 1 94  ? 13.815  -5.743  -1.871  1.00 47.75  ? 293 PHE A CE1 1 
ATOM   794  C  CE2 . PHE A 1 94  ? 14.100  -4.175  -0.073  1.00 49.21  ? 293 PHE A CE2 1 
ATOM   795  C  CZ  . PHE A 1 94  ? 13.492  -5.313  -0.596  1.00 49.14  ? 293 PHE A CZ  1 
ATOM   796  N  N   . LYS A 1 95  ? 17.439  -0.372  -4.061  1.00 51.13  ? 294 LYS A N   1 
ATOM   797  C  CA  . LYS A 1 95  ? 18.510  0.340   -4.748  1.00 52.92  ? 294 LYS A CA  1 
ATOM   798  C  C   . LYS A 1 95  ? 19.700  -0.562  -5.071  1.00 56.30  ? 294 LYS A C   1 
ATOM   799  O  O   . LYS A 1 95  ? 20.331  -0.403  -6.118  1.00 58.00  ? 294 LYS A O   1 
ATOM   800  C  CB  . LYS A 1 95  ? 18.995  1.540   -3.928  1.00 51.08  ? 294 LYS A CB  1 
ATOM   801  C  CG  . LYS A 1 95  ? 18.006  2.676   -3.871  1.00 50.89  ? 294 LYS A CG  1 
ATOM   802  C  CD  . LYS A 1 95  ? 18.573  3.897   -3.161  1.00 53.01  ? 294 LYS A CD  1 
ATOM   803  C  CE  . LYS A 1 95  ? 17.485  4.959   -2.977  1.00 55.73  ? 294 LYS A CE  1 
ATOM   804  N  NZ  . LYS A 1 95  ? 17.917  6.359   -3.250  1.00 77.23  ? 294 LYS A NZ  1 
ATOM   805  N  N   . ASP A 1 96  ? 20.019  -1.494  -4.176  1.00 60.77  ? 295 ASP A N   1 
ATOM   806  C  CA  . ASP A 1 96  ? 21.115  -2.424  -4.433  1.00 59.21  ? 295 ASP A CA  1 
ATOM   807  C  C   . ASP A 1 96  ? 20.642  -3.495  -5.397  1.00 58.48  ? 295 ASP A C   1 
ATOM   808  O  O   . ASP A 1 96  ? 19.671  -4.187  -5.143  1.00 60.42  ? 295 ASP A O   1 
ATOM   809  C  CB  . ASP A 1 96  ? 21.632  -3.030  -3.122  1.00 57.99  ? 295 ASP A CB  1 
ATOM   810  C  CG  . ASP A 1 96  ? 22.714  -4.084  -3.333  1.00 62.33  ? 295 ASP A CG  1 
ATOM   811  O  OD1 . ASP A 1 96  ? 23.155  -4.318  -4.482  1.00 63.32  ? 295 ASP A OD1 1 
ATOM   812  O  OD2 . ASP A 1 96  ? 23.160  -4.662  -2.319  1.00 62.50  ? 295 ASP A OD2 1 
ATOM   813  N  N   . SER A 1 97  ? 21.342  -3.618  -6.513  1.00 61.32  ? 296 SER A N   1 
ATOM   814  C  CA  . SER A 1 97  ? 20.982  -4.585  -7.538  1.00 64.50  ? 296 SER A CA  1 
ATOM   815  C  C   . SER A 1 97  ? 20.944  -6.029  -7.023  1.00 65.33  ? 296 SER A C   1 
ATOM   816  O  O   . SER A 1 97  ? 20.157  -6.845  -7.504  1.00 67.15  ? 296 SER A O   1 
ATOM   817  C  CB  . SER A 1 97  ? 21.954  -4.467  -8.712  1.00 63.62  ? 296 SER A CB  1 
ATOM   818  O  OG  . SER A 1 97  ? 23.294  -4.319  -8.253  1.00 65.22  ? 296 SER A OG  1 
ATOM   819  N  N   . GLN A 1 98  ? 21.773  -6.336  -6.033  1.00 64.89  ? 297 GLN A N   1 
ATOM   820  C  CA  . GLN A 1 98  ? 21.870  -7.705  -5.520  1.00 65.73  ? 297 GLN A CA  1 
ATOM   821  C  C   . GLN A 1 98  ? 20.598  -8.186  -4.801  1.00 60.97  ? 297 GLN A C   1 
ATOM   822  O  O   . GLN A 1 98  ? 20.248  -9.357  -4.900  1.00 59.00  ? 297 GLN A O   1 
ATOM   823  C  CB  . GLN A 1 98  ? 23.071  -7.828  -4.574  1.00 66.93  ? 297 GLN A CB  1 
ATOM   824  C  CG  . GLN A 1 98  ? 23.881  -9.102  -4.732  1.00 70.69  ? 297 GLN A CG  1 
ATOM   825  C  CD  . GLN A 1 98  ? 25.236  -9.017  -4.046  1.00 78.18  ? 297 GLN A CD  1 
ATOM   826  O  OE1 . GLN A 1 98  ? 25.524  -8.053  -3.326  1.00 77.24  ? 297 GLN A OE1 1 
ATOM   827  N  NE2 . GLN A 1 98  ? 26.069  -10.034 -4.250  1.00 77.00  ? 297 GLN A NE2 1 
ATOM   828  N  N   . ASN A 1 99  ? 19.924  -7.293  -4.069  1.00 57.86  ? 298 ASN A N   1 
ATOM   829  C  CA  . ASN A 1 99  ? 18.680  -7.633  -3.360  1.00 55.06  ? 298 ASN A CA  1 
ATOM   830  C  C   . ASN A 1 99  ? 17.449  -7.763  -4.266  1.00 52.75  ? 298 ASN A C   1 
ATOM   831  O  O   . ASN A 1 99  ? 16.975  -6.765  -4.797  1.00 55.78  ? 298 ASN A O   1 
ATOM   832  C  CB  . ASN A 1 99  ? 18.378  -6.573  -2.304  1.00 51.99  ? 298 ASN A CB  1 
ATOM   833  C  CG  . ASN A 1 99  ? 19.492  -6.409  -1.302  1.00 54.22  ? 298 ASN A CG  1 
ATOM   834  O  OD1 . ASN A 1 99  ? 20.091  -7.389  -0.870  1.00 59.84  ? 298 ASN A OD1 1 
ATOM   835  N  ND2 . ASN A 1 99  ? 19.754  -5.171  -0.893  1.00 52.78  ? 298 ASN A ND2 1 
ATOM   836  N  N   . LYS A 1 100 ? 16.901  -8.962  -4.434  1.00 49.68  ? 299 LYS A N   1 
ATOM   837  C  CA  . LYS A 1 100 ? 15.820  -9.108  -5.406  1.00 54.99  ? 299 LYS A CA  1 
ATOM   838  C  C   . LYS A 1 100 ? 14.500  -8.519  -4.847  1.00 54.66  ? 299 LYS A C   1 
ATOM   839  O  O   . LYS A 1 100 ? 14.334  -8.394  -3.635  1.00 51.89  ? 299 LYS A O   1 
ATOM   840  C  CB  . LYS A 1 100 ? 15.665  -10.580 -5.822  1.00 53.99  ? 299 LYS A CB  1 
ATOM   841  C  CG  . LYS A 1 100 ? 15.027  -10.770 -7.222  1.00 66.15  ? 299 LYS A CG  1 
ATOM   842  C  CD  . LYS A 1 100 ? 15.175  -9.526  -8.137  1.00 68.75  ? 299 LYS A CD  1 
ATOM   843  C  CE  . LYS A 1 100 ? 14.348  -9.651  -9.424  1.00 68.95  ? 299 LYS A CE  1 
ATOM   844  N  NZ  . LYS A 1 100 ? 14.231  -8.329  -10.103 1.00 77.03  ? 299 LYS A NZ  1 
ATOM   845  N  N   . ARG A 1 101 ? 13.592  -8.129  -5.740  1.00 52.19  ? 300 ARG A N   1 
ATOM   846  C  CA  . ARG A 1 101 ? 12.346  -7.470  -5.363  1.00 53.18  ? 300 ARG A CA  1 
ATOM   847  C  C   . ARG A 1 101 ? 11.447  -8.365  -4.515  1.00 51.86  ? 300 ARG A C   1 
ATOM   848  O  O   . ARG A 1 101 ? 11.484  -9.586  -4.630  1.00 54.36  ? 300 ARG A O   1 
ATOM   849  C  CB  . ARG A 1 101 ? 11.589  -7.027  -6.616  1.00 55.99  ? 300 ARG A CB  1 
ATOM   850  C  CG  . ARG A 1 101 ? 11.292  -8.155  -7.589  1.00 59.14  ? 300 ARG A CG  1 
ATOM   851  C  CD  . ARG A 1 101 ? 10.103  -7.811  -8.465  1.00 67.82  ? 300 ARG A CD  1 
ATOM   852  N  NE  . ARG A 1 101 ? 9.571   -8.963  -9.193  1.00 71.20  ? 300 ARG A NE  1 
ATOM   853  C  CZ  . ARG A 1 101 ? 9.613   -9.108  -10.518 1.00 77.41  ? 300 ARG A CZ  1 
ATOM   854  N  NH1 . ARG A 1 101 ? 10.140  -8.153  -11.284 1.00 75.06  ? 300 ARG A NH1 1 
ATOM   855  N  NH2 . ARG A 1 101 ? 9.098   -10.197 -11.085 1.00 80.33  ? 300 ARG A NH2 1 
ATOM   856  N  N   . ILE A 1 102 ? 10.633  -7.759  -3.661  1.00 50.04  ? 301 ILE A N   1 
ATOM   857  C  CA  . ILE A 1 102 ? 9.713   -8.534  -2.834  1.00 49.72  ? 301 ILE A CA  1 
ATOM   858  C  C   . ILE A 1 102 ? 8.267   -8.099  -3.051  1.00 47.89  ? 301 ILE A C   1 
ATOM   859  O  O   . ILE A 1 102 ? 7.997   -6.923  -3.300  1.00 50.68  ? 301 ILE A O   1 
ATOM   860  C  CB  . ILE A 1 102 ? 10.056  -8.392  -1.361  1.00 48.96  ? 301 ILE A CB  1 
ATOM   861  C  CG1 . ILE A 1 102 ? 10.115  -6.912  -1.027  1.00 48.99  ? 301 ILE A CG1 1 
ATOM   862  C  CG2 . ILE A 1 102 ? 11.409  -9.026  -1.074  1.00 49.36  ? 301 ILE A CG2 1 
ATOM   863  C  CD1 . ILE A 1 102 ? 10.052  -6.620  0.424   1.00 53.39  ? 301 ILE A CD1 1 
ATOM   864  N  N   . ASP A 1 103 ? 7.348   -9.057  -2.980  1.00 47.14  ? 302 ASP A N   1 
ATOM   865  C  CA  . ASP A 1 103 ? 5.915   -8.769  -2.998  1.00 45.96  ? 302 ASP A CA  1 
ATOM   866  C  C   . ASP A 1 103 ? 5.352   -8.826  -1.578  1.00 44.65  ? 302 ASP A C   1 
ATOM   867  O  O   . ASP A 1 103 ? 5.711   -9.709  -0.799  1.00 44.25  ? 302 ASP A O   1 
ATOM   868  C  CB  . ASP A 1 103 ? 5.169   -9.757  -3.897  1.00 41.54  ? 302 ASP A CB  1 
ATOM   869  C  CG  . ASP A 1 103 ? 5.581   -9.644  -5.344  1.00 49.45  ? 302 ASP A CG  1 
ATOM   870  O  OD1 . ASP A 1 103 ? 5.926   -8.540  -5.802  1.00 51.35  ? 302 ASP A OD1 1 
ATOM   871  O  OD2 . ASP A 1 103 ? 5.559   -10.675 -6.039  1.00 64.22  ? 302 ASP A OD2 1 
ATOM   872  N  N   . ILE A 1 104 ? 4.493   -7.876  -1.233  1.00 44.61  ? 303 ILE A N   1 
ATOM   873  C  CA  . ILE A 1 104 ? 3.792   -7.912  0.045   1.00 42.30  ? 303 ILE A CA  1 
ATOM   874  C  C   . ILE A 1 104 ? 2.321   -7.798  -0.253  1.00 41.46  ? 303 ILE A C   1 
ATOM   875  O  O   . ILE A 1 104 ? 1.879   -6.821  -0.865  1.00 43.63  ? 303 ILE A O   1 
ATOM   876  C  CB  . ILE A 1 104 ? 4.205   -6.764  0.995   1.00 45.05  ? 303 ILE A CB  1 
ATOM   877  C  CG1 . ILE A 1 104 ? 5.711   -6.810  1.288   1.00 42.09  ? 303 ILE A CG1 1 
ATOM   878  C  CG2 . ILE A 1 104 ? 3.384   -6.814  2.281   1.00 38.61  ? 303 ILE A CG2 1 
ATOM   879  C  CD1 . ILE A 1 104 ? 6.330   -5.446  1.503   1.00 36.86  ? 303 ILE A CD1 1 
ATOM   880  N  N   . ILE A 1 105 ? 1.561   -8.801  0.157   1.00 42.06  ? 304 ILE A N   1 
ATOM   881  C  CA  . ILE A 1 105 ? 0.136   -8.796  -0.107  1.00 43.38  ? 304 ILE A CA  1 
ATOM   882  C  C   . ILE A 1 105 ? -0.540  -8.105  1.076   1.00 42.41  ? 304 ILE A C   1 
ATOM   883  O  O   . ILE A 1 105 ? -0.516  -8.603  2.194   1.00 42.55  ? 304 ILE A O   1 
ATOM   884  C  CB  . ILE A 1 105 ? -0.392  -10.238 -0.352  1.00 43.95  ? 304 ILE A CB  1 
ATOM   885  C  CG1 . ILE A 1 105 ? 0.229   -10.793 -1.648  1.00 46.52  ? 304 ILE A CG1 1 
ATOM   886  C  CG2 . ILE A 1 105 ? -1.892  -10.253 -0.442  1.00 43.63  ? 304 ILE A CG2 1 
ATOM   887  C  CD1 . ILE A 1 105 ? -0.068  -12.251 -1.940  1.00 57.97  ? 304 ILE A CD1 1 
ATOM   888  N  N   . HIS A 1 106 ? -1.088  -6.920  0.832   1.00 43.79  ? 305 HIS A N   1 
ATOM   889  C  CA  . HIS A 1 106 ? -1.749  -6.158  1.877   1.00 41.21  ? 305 HIS A CA  1 
ATOM   890  C  C   . HIS A 1 106 ? -3.266  -6.202  1.661   1.00 39.14  ? 305 HIS A C   1 
ATOM   891  O  O   . HIS A 1 106 ? -3.755  -5.823  0.598   1.00 38.49  ? 305 HIS A O   1 
ATOM   892  C  CB  . HIS A 1 106 ? -1.251  -4.710  1.882   1.00 38.98  ? 305 HIS A CB  1 
ATOM   893  C  CG  . HIS A 1 106 ? -2.006  -3.830  2.817   1.00 41.98  ? 305 HIS A CG  1 
ATOM   894  N  ND1 . HIS A 1 106 ? -1.820  -3.867  4.184   1.00 43.58  ? 305 HIS A ND1 1 
ATOM   895  C  CD2 . HIS A 1 106 ? -2.981  -2.918  2.592   1.00 40.84  ? 305 HIS A CD2 1 
ATOM   896  C  CE1 . HIS A 1 106 ? -2.637  -3.002  4.759   1.00 41.19  ? 305 HIS A CE1 1 
ATOM   897  N  NE2 . HIS A 1 106 ? -3.353  -2.416  3.816   1.00 42.54  ? 305 HIS A NE2 1 
ATOM   898  N  N   . ASN A 1 107 ? -4.006  -6.676  2.660   1.00 39.39  ? 306 ASN A N   1 
ATOM   899  C  CA  . ASN A 1 107 ? -5.458  -6.694  2.586   1.00 38.98  ? 306 ASN A CA  1 
ATOM   900  C  C   . ASN A 1 107 ? -6.069  -5.378  2.979   1.00 37.00  ? 306 ASN A C   1 
ATOM   901  O  O   . ASN A 1 107 ? -6.133  -5.056  4.162   1.00 39.81  ? 306 ASN A O   1 
ATOM   902  C  CB  . ASN A 1 107 ? -6.045  -7.773  3.486   1.00 38.50  ? 306 ASN A CB  1 
ATOM   903  C  CG  . ASN A 1 107 ? -5.780  -9.170  2.956   1.00 43.56  ? 306 ASN A CG  1 
ATOM   904  O  OD1 . ASN A 1 107 ? -5.956  -9.437  1.749   1.00 39.97  ? 306 ASN A OD1 1 
ATOM   905  N  ND2 . ASN A 1 107 ? -5.356  -10.076 3.852   1.00 37.43  ? 306 ASN A ND2 1 
ATOM   906  N  N   . LEU A 1 108 ? -6.554  -4.644  1.989   1.00 32.67  ? 307 LEU A N   1 
ATOM   907  C  CA  . LEU A 1 108 ? -7.104  -3.323  2.225   1.00 38.96  ? 307 LEU A CA  1 
ATOM   908  C  C   . LEU A 1 108 ? -8.324  -3.440  3.109   1.00 36.34  ? 307 LEU A C   1 
ATOM   909  O  O   . LEU A 1 108 ? -9.184  -4.292  2.856   1.00 36.80  ? 307 LEU A O   1 
ATOM   910  C  CB  . LEU A 1 108 ? -7.458  -2.666  0.904   1.00 42.03  ? 307 LEU A CB  1 
ATOM   911  C  CG  . LEU A 1 108 ? -7.854  -1.208  0.876   1.00 37.84  ? 307 LEU A CG  1 
ATOM   912  C  CD1 . LEU A 1 108 ? -6.607  -0.357  0.940   1.00 37.70  ? 307 LEU A CD1 1 
ATOM   913  C  CD2 . LEU A 1 108 ? -8.596  -0.982  -0.415  1.00 36.30  ? 307 LEU A CD2 1 
ATOM   914  N  N   . LYS A 1 109 ? -8.374  -2.623  4.162   1.00 36.33  ? 308 LYS A N   1 
ATOM   915  C  CA  . LYS A 1 109 ? -9.505  -2.609  5.086   1.00 38.66  ? 308 LYS A CA  1 
ATOM   916  C  C   . LYS A 1 109 ? -10.159 -1.242  5.012   1.00 39.73  ? 308 LYS A C   1 
ATOM   917  O  O   . LYS A 1 109 ? -9.504  -0.213  5.271   1.00 34.85  ? 308 LYS A O   1 
ATOM   918  C  CB  . LYS A 1 109 ? -9.060  -2.916  6.516   1.00 41.31  ? 308 LYS A CB  1 
ATOM   919  C  CG  . LYS A 1 109 ? -10.202 -3.137  7.535   1.00 42.36  ? 308 LYS A CG  1 
ATOM   920  C  CD  . LYS A 1 109 ? -10.812 -4.516  7.365   1.00 47.10  ? 308 LYS A CD  1 
ATOM   921  C  CE  . LYS A 1 109 ? -11.799 -4.840  8.456   1.00 47.45  ? 308 LYS A CE  1 
ATOM   922  N  NZ  . LYS A 1 109 ? -12.371 -6.205  8.266   1.00 67.36  ? 308 LYS A NZ  1 
ATOM   923  N  N   . LEU A 1 110 ? -11.435 -1.220  4.629   1.00 37.87  ? 309 LEU A N   1 
ATOM   924  C  CA  . LEU A 1 110 ? -12.128 0.046   4.480   1.00 39.31  ? 309 LEU A CA  1 
ATOM   925  C  C   . LEU A 1 110 ? -12.935 0.381   5.737   1.00 44.92  ? 309 LEU A C   1 
ATOM   926  O  O   . LEU A 1 110 ? -13.395 -0.510  6.470   1.00 46.34  ? 309 LEU A O   1 
ATOM   927  C  CB  . LEU A 1 110 ? -13.015 0.026   3.235   1.00 39.83  ? 309 LEU A CB  1 
ATOM   928  C  CG  . LEU A 1 110 ? -12.301 -0.022  1.871   1.00 37.79  ? 309 LEU A CG  1 
ATOM   929  C  CD1 . LEU A 1 110 ? -13.296 0.098   0.721   1.00 35.08  ? 309 LEU A CD1 1 
ATOM   930  C  CD2 . LEU A 1 110 ? -11.244 1.062   1.765   1.00 33.27  ? 309 LEU A CD2 1 
ATOM   931  N  N   . ASP A 1 111 ? -13.072 1.676   6.005   1.00 46.92  ? 310 ASP A N   1 
ATOM   932  C  CA  . ASP A 1 111 ? -13.764 2.137   7.204   1.00 47.51  ? 310 ASP A CA  1 
ATOM   933  C  C   . ASP A 1 111 ? -15.226 1.734   7.218   1.00 49.33  ? 310 ASP A C   1 
ATOM   934  O  O   . ASP A 1 111 ? -15.893 1.799   6.181   1.00 46.86  ? 310 ASP A O   1 
ATOM   935  C  CB  . ASP A 1 111 ? -13.668 3.647   7.327   1.00 44.62  ? 310 ASP A CB  1 
ATOM   936  C  CG  . ASP A 1 111 ? -14.671 4.194   8.308   1.00 48.28  ? 310 ASP A CG  1 
ATOM   937  O  OD1 . ASP A 1 111 ? -14.558 3.813   9.492   1.00 53.38  ? 310 ASP A OD1 1 
ATOM   938  O  OD2 . ASP A 1 111 ? -15.561 4.992   7.912   1.00 45.56  ? 310 ASP A OD2 1 
ATOM   939  N  N   . ARG A 1 112 ? -15.727 1.339   8.392   1.00 50.28  ? 311 ARG A N   1 
ATOM   940  C  CA  . ARG A 1 112 ? -17.161 1.062   8.545   1.00 54.12  ? 311 ARG A CA  1 
ATOM   941  C  C   . ARG A 1 112 ? -17.791 1.829   9.715   1.00 52.87  ? 311 ARG A C   1 
ATOM   942  O  O   . ARG A 1 112 ? -18.838 1.427   10.224  1.00 53.97  ? 311 ARG A O   1 
ATOM   943  C  CB  . ARG A 1 112 ? -17.403 -0.436  8.721   1.00 52.97  ? 311 ARG A CB  1 
ATOM   944  C  CG  . ARG A 1 112 ? -16.416 -1.276  7.958   1.00 55.48  ? 311 ARG A CG  1 
ATOM   945  C  CD  . ARG A 1 112 ? -16.600 -2.756  8.203   1.00 53.46  ? 311 ARG A CD  1 
ATOM   946  N  NE  . ARG A 1 112 ? -15.856 -3.515  7.202   1.00 54.49  ? 311 ARG A NE  1 
ATOM   947  C  CZ  . ARG A 1 112 ? -15.937 -4.831  7.054   1.00 66.77  ? 311 ARG A CZ  1 
ATOM   948  N  NH1 . ARG A 1 112 ? -15.229 -5.436  6.108   1.00 59.79  ? 311 ARG A NH1 1 
ATOM   949  N  NH2 . ARG A 1 112 ? -16.733 -5.545  7.845   1.00 73.66  ? 311 ARG A NH2 1 
ATOM   950  N  N   . THR A 1 113 ? -17.156 2.922   10.142  1.00 49.82  ? 312 THR A N   1 
ATOM   951  C  CA  . THR A 1 113 ? -17.760 3.804   11.129  1.00 45.15  ? 312 THR A CA  1 
ATOM   952  C  C   . THR A 1 113 ? -18.705 4.727   10.397  1.00 51.19  ? 312 THR A C   1 
ATOM   953  O  O   . THR A 1 113 ? -19.738 5.136   10.936  1.00 50.77  ? 312 THR A O   1 
ATOM   954  C  CB  . THR A 1 113 ? -16.737 4.653   11.884  1.00 45.36  ? 312 THR A CB  1 
ATOM   955  O  OG1 . THR A 1 113 ? -16.091 5.544   10.963  1.00 49.36  ? 312 THR A OG1 1 
ATOM   956  C  CG2 . THR A 1 113 ? -15.712 3.779   12.583  1.00 41.30  ? 312 THR A CG2 1 
ATOM   957  N  N   . TYR A 1 114 ? -18.332 5.068   9.164   1.00 51.94  ? 313 TYR A N   1 
ATOM   958  C  CA  . TYR A 1 114 ? -19.205 5.836   8.277   1.00 47.62  ? 313 TYR A CA  1 
ATOM   959  C  C   . TYR A 1 114 ? -19.472 7.240   8.829   1.00 51.63  ? 313 TYR A C   1 
ATOM   960  O  O   . TYR A 1 114 ? -20.543 7.819   8.590   1.00 50.53  ? 313 TYR A O   1 
ATOM   961  C  CB  . TYR A 1 114 ? -20.515 5.077   8.050   1.00 45.58  ? 313 TYR A CB  1 
ATOM   962  C  CG  . TYR A 1 114 ? -20.450 4.112   6.889   1.00 49.12  ? 313 TYR A CG  1 
ATOM   963  C  CD1 . TYR A 1 114 ? -19.380 3.228   6.740   1.00 48.64  ? 313 TYR A CD1 1 
ATOM   964  C  CD2 . TYR A 1 114 ? -21.463 4.087   5.931   1.00 48.37  ? 313 TYR A CD2 1 
ATOM   965  C  CE1 . TYR A 1 114 ? -19.321 2.346   5.657   1.00 50.25  ? 313 TYR A CE1 1 
ATOM   966  C  CE2 . TYR A 1 114 ? -21.420 3.217   4.860   1.00 45.62  ? 313 TYR A CE2 1 
ATOM   967  C  CZ  . TYR A 1 114 ? -20.349 2.347   4.719   1.00 51.07  ? 313 TYR A CZ  1 
ATOM   968  O  OH  . TYR A 1 114 ? -20.319 1.487   3.632   1.00 46.23  ? 313 TYR A OH  1 
ATOM   969  N  N   . THR A 1 115 ? -18.494 7.783   9.563   1.00 52.16  ? 314 THR A N   1 
ATOM   970  C  CA  . THR A 1 115 ? -18.580 9.152   10.085  1.00 49.45  ? 314 THR A CA  1 
ATOM   971  C  C   . THR A 1 115 ? -17.972 10.153  9.104   1.00 49.37  ? 314 THR A C   1 
ATOM   972  O  O   . THR A 1 115 ? -18.063 11.355  9.312   1.00 53.24  ? 314 THR A O   1 
ATOM   973  C  CB  . THR A 1 115 ? -17.839 9.331   11.462  1.00 50.69  ? 314 THR A CB  1 
ATOM   974  O  OG1 . THR A 1 115 ? -16.418 9.160   11.300  1.00 50.86  ? 314 THR A OG1 1 
ATOM   975  C  CG2 . THR A 1 115 ? -18.349 8.333   12.493  1.00 45.89  ? 314 THR A CG2 1 
ATOM   976  N  N   . GLY A 1 116 ? -17.318 9.671   8.053   1.00 46.81  ? 315 GLY A N   1 
ATOM   977  C  CA  . GLY A 1 116 ? -16.687 10.585  7.116   1.00 43.44  ? 315 GLY A CA  1 
ATOM   978  C  C   . GLY A 1 116 ? -15.310 11.018  7.565   1.00 42.10  ? 315 GLY A C   1 
ATOM   979  O  O   . GLY A 1 116 ? -14.681 11.877  6.952   1.00 45.21  ? 315 GLY A O   1 
ATOM   980  N  N   . LEU A 1 117 ? -14.816 10.408  8.634   1.00 45.01  ? 316 LEU A N   1 
ATOM   981  C  CA  . LEU A 1 117 ? -13.480 10.739  9.105   1.00 46.53  ? 316 LEU A CA  1 
ATOM   982  C  C   . LEU A 1 117 ? -12.492 9.592   8.853   1.00 48.10  ? 316 LEU A C   1 
ATOM   983  O  O   . LEU A 1 117 ? -12.853 8.401   8.830   1.00 42.82  ? 316 LEU A O   1 
ATOM   984  C  CB  . LEU A 1 117 ? -13.507 11.091  10.595  1.00 47.75  ? 316 LEU A CB  1 
ATOM   985  C  CG  . LEU A 1 117 ? -14.506 12.139  11.113  1.00 46.66  ? 316 LEU A CG  1 
ATOM   986  C  CD1 . LEU A 1 117 ? -14.601 12.038  12.629  1.00 45.41  ? 316 LEU A CD1 1 
ATOM   987  C  CD2 . LEU A 1 117 ? -14.106 13.557  10.712  1.00 42.74  ? 316 LEU A CD2 1 
ATOM   988  N  N   . GLN A 1 118 ? -11.234 9.974   8.682   1.00 50.58  ? 317 GLN A N   1 
ATOM   989  C  CA  . GLN A 1 118 ? -10.156 9.028   8.467   1.00 47.28  ? 317 GLN A CA  1 
ATOM   990  C  C   . GLN A 1 118 ? -10.055 8.025   9.613   1.00 45.79  ? 317 GLN A C   1 
ATOM   991  O  O   . GLN A 1 118 ? -10.091 8.398   10.779  1.00 47.30  ? 317 GLN A O   1 
ATOM   992  C  CB  . GLN A 1 118 ? -8.837  9.790   8.302   1.00 47.09  ? 317 GLN A CB  1 
ATOM   993  C  CG  . GLN A 1 118 ? -7.642  8.912   8.063   1.00 48.91  ? 317 GLN A CG  1 
ATOM   994  C  CD  . GLN A 1 118 ? -6.362  9.707   7.935   1.00 55.15  ? 317 GLN A CD  1 
ATOM   995  O  OE1 . GLN A 1 118 ? -5.563  9.471   7.027   1.00 55.95  ? 317 GLN A OE1 1 
ATOM   996  N  NE2 . GLN A 1 118 ? -6.164  10.669  8.838   1.00 61.20  ? 317 GLN A NE2 1 
ATOM   997  N  N   . THR A 1 119 ? -9.938  6.743   9.291   1.00 48.24  ? 318 THR A N   1 
ATOM   998  C  CA  . THR A 1 119 ? -9.652  5.757   10.334  1.00 47.21  ? 318 THR A CA  1 
ATOM   999  C  C   . THR A 1 119 ? -8.548  4.803   9.856   1.00 43.33  ? 318 THR A C   1 
ATOM   1000 O  O   . THR A 1 119 ? -8.242  4.738   8.660   1.00 44.32  ? 318 THR A O   1 
ATOM   1001 C  CB  . THR A 1 119 ? -10.925 4.975   10.766  1.00 45.37  ? 318 THR A CB  1 
ATOM   1002 O  OG1 . THR A 1 119 ? -11.487 4.280   9.643   1.00 47.50  ? 318 THR A OG1 1 
ATOM   1003 C  CG2 . THR A 1 119 ? -11.967 5.924   11.350  1.00 46.69  ? 318 THR A CG2 1 
ATOM   1004 N  N   . LEU A 1 120 ? -7.930  4.111   10.804  1.00 42.32  ? 319 LEU A N   1 
ATOM   1005 C  CA  . LEU A 1 120 ? -6.810  3.223   10.520  1.00 42.80  ? 319 LEU A CA  1 
ATOM   1006 C  C   . LEU A 1 120 ? -7.350  1.843   10.189  1.00 41.68  ? 319 LEU A C   1 
ATOM   1007 O  O   . LEU A 1 120 ? -7.978  1.217   11.041  1.00 44.04  ? 319 LEU A O   1 
ATOM   1008 C  CB  . LEU A 1 120 ? -5.849  3.174   11.723  1.00 42.94  ? 319 LEU A CB  1 
ATOM   1009 C  CG  . LEU A 1 120 ? -4.543  2.359   11.659  1.00 44.99  ? 319 LEU A CG  1 
ATOM   1010 C  CD1 . LEU A 1 120 ? -3.839  2.350   10.289  1.00 43.39  ? 319 LEU A CD1 1 
ATOM   1011 C  CD2 . LEU A 1 120 ? -3.587  2.853   12.742  1.00 44.21  ? 319 LEU A CD2 1 
ATOM   1012 N  N   . GLY A 1 121 ? -7.111  1.370   8.966   1.00 38.65  ? 320 GLY A N   1 
ATOM   1013 C  CA  . GLY A 1 121 ? -7.739  0.152   8.494   1.00 36.65  ? 320 GLY A CA  1 
ATOM   1014 C  C   . GLY A 1 121 ? -6.985  -1.099  8.899   1.00 40.03  ? 320 GLY A C   1 
ATOM   1015 O  O   . GLY A 1 121 ? -7.481  -1.958  9.646   1.00 38.39  ? 320 GLY A O   1 
ATOM   1016 N  N   . ALA A 1 122 ? -5.765  -1.210  8.401   1.00 41.37  ? 321 ALA A N   1 
ATOM   1017 C  CA  . ALA A 1 122 ? -5.001  -2.417  8.614   1.00 42.31  ? 321 ALA A CA  1 
ATOM   1018 C  C   . ALA A 1 122 ? -3.535  -2.133  8.433   1.00 41.26  ? 321 ALA A C   1 
ATOM   1019 O  O   . ALA A 1 122 ? -3.154  -1.033  8.011   1.00 39.98  ? 321 ALA A O   1 
ATOM   1020 C  CB  . ALA A 1 122 ? -5.456  -3.526  7.662   1.00 37.28  ? 321 ALA A CB  1 
ATOM   1021 N  N   . GLU A 1 123 ? -2.736  -3.150  8.747   1.00 40.36  ? 322 GLU A N   1 
ATOM   1022 C  CA  . GLU A 1 123 ? -1.290  -3.083  8.717   1.00 41.35  ? 322 GLU A CA  1 
ATOM   1023 C  C   . GLU A 1 123 ? -0.694  -4.458  8.485   1.00 42.58  ? 322 GLU A C   1 
ATOM   1024 O  O   . GLU A 1 123 ? -1.067  -5.425  9.164   1.00 43.09  ? 322 GLU A O   1 
ATOM   1025 C  CB  . GLU A 1 123 ? -0.766  -2.527  10.026  1.00 45.24  ? 322 GLU A CB  1 
ATOM   1026 C  CG  . GLU A 1 123 ? 0.091   -1.304  9.853   1.00 54.77  ? 322 GLU A CG  1 
ATOM   1027 C  CD  . GLU A 1 123 ? 0.651   -0.824  11.172  1.00 59.29  ? 322 GLU A CD  1 
ATOM   1028 O  OE1 . GLU A 1 123 ? 0.992   -1.691  12.018  1.00 55.82  ? 322 GLU A OE1 1 
ATOM   1029 O  OE2 . GLU A 1 123 ? 0.748   0.413   11.346  1.00 64.84  ? 322 GLU A OE2 1 
ATOM   1030 N  N   . THR A 1 124 ? 0.230   -4.545  7.532   1.00 43.92  ? 323 THR A N   1 
ATOM   1031 C  CA  . THR A 1 124 ? 0.960   -5.781  7.217   1.00 43.15  ? 323 THR A CA  1 
ATOM   1032 C  C   . THR A 1 124 ? 2.442   -5.558  7.488   1.00 39.94  ? 323 THR A C   1 
ATOM   1033 O  O   . THR A 1 124 ? 3.021   -4.624  6.934   1.00 41.04  ? 323 THR A O   1 
ATOM   1034 C  CB  . THR A 1 124 ? 0.790   -6.192  5.733   1.00 42.63  ? 323 THR A CB  1 
ATOM   1035 O  OG1 . THR A 1 124 ? -0.594  -6.080  5.352   1.00 46.19  ? 323 THR A OG1 1 
ATOM   1036 C  CG2 . THR A 1 124 ? 1.278   -7.610  5.508   1.00 40.13  ? 323 THR A CG2 1 
ATOM   1037 N  N   . VAL A 1 125 ? 3.064   -6.397  8.309   1.00 33.73  ? 324 VAL A N   1 
ATOM   1038 C  CA  . VAL A 1 125 ? 4.451   -6.150  8.706   1.00 37.54  ? 324 VAL A CA  1 
ATOM   1039 C  C   . VAL A 1 125 ? 5.372   -7.312  8.365   1.00 41.37  ? 324 VAL A C   1 
ATOM   1040 O  O   . VAL A 1 125 ? 5.079   -8.468  8.693   1.00 39.71  ? 324 VAL A O   1 
ATOM   1041 C  CB  . VAL A 1 125 ? 4.554   -5.877  10.200  1.00 40.38  ? 324 VAL A CB  1 
ATOM   1042 C  CG1 . VAL A 1 125 ? 5.998   -5.597  10.586  1.00 39.21  ? 324 VAL A CG1 1 
ATOM   1043 C  CG2 . VAL A 1 125 ? 3.641   -4.712  10.581  1.00 40.61  ? 324 VAL A CG2 1 
ATOM   1044 N  N   . VAL A 1 126 ? 6.477   -7.006  7.693   1.00 41.27  ? 325 VAL A N   1 
ATOM   1045 C  CA  . VAL A 1 126 ? 7.389   -8.045  7.232   1.00 41.32  ? 325 VAL A CA  1 
ATOM   1046 C  C   . VAL A 1 126 ? 8.834   -7.646  7.484   1.00 44.29  ? 325 VAL A C   1 
ATOM   1047 O  O   . VAL A 1 126 ? 9.162   -6.462  7.530   1.00 43.18  ? 325 VAL A O   1 
ATOM   1048 C  CB  . VAL A 1 126 ? 7.210   -8.359  5.729   1.00 42.39  ? 325 VAL A CB  1 
ATOM   1049 C  CG1 . VAL A 1 126 ? 5.798   -8.861  5.429   1.00 37.05  ? 325 VAL A CG1 1 
ATOM   1050 C  CG2 . VAL A 1 126 ? 7.518   -7.148  4.899   1.00 42.70  ? 325 VAL A CG2 1 
ATOM   1051 N  N   . ASP A 1 127 ? 9.672   -8.660  7.693   1.00 52.57  ? 326 ASP A N   1 
ATOM   1052 C  CA  . ASP A 1 127 ? 11.109  -8.506  7.910   1.00 54.89  ? 326 ASP A CA  1 
ATOM   1053 C  C   . ASP A 1 127 ? 11.825  -8.887  6.628   1.00 55.20  ? 326 ASP A C   1 
ATOM   1054 O  O   . ASP A 1 127 ? 11.566  -9.948  6.052   1.00 54.24  ? 326 ASP A O   1 
ATOM   1055 C  CB  . ASP A 1 127 ? 11.615  -9.382  9.075   1.00 55.88  ? 326 ASP A CB  1 
ATOM   1056 C  CG  . ASP A 1 127 ? 11.763  -8.608  10.399  1.00 66.86  ? 326 ASP A CG  1 
ATOM   1057 O  OD1 . ASP A 1 127 ? 12.351  -7.497  10.405  1.00 66.11  ? 326 ASP A OD1 1 
ATOM   1058 O  OD2 . ASP A 1 127 ? 11.315  -9.133  11.446  1.00 71.08  ? 326 ASP A OD2 1 
ATOM   1059 N  N   . VAL A 1 128 ? 12.730  -8.023  6.187   1.00 56.97  ? 327 VAL A N   1 
ATOM   1060 C  CA  . VAL A 1 128 ? 13.419  -8.214  4.914   1.00 60.72  ? 327 VAL A CA  1 
ATOM   1061 C  C   . VAL A 1 128 ? 14.929  -8.302  5.083   1.00 57.08  ? 327 VAL A C   1 
ATOM   1062 O  O   . VAL A 1 128 ? 15.513  -7.610  5.931   1.00 55.03  ? 327 VAL A O   1 
ATOM   1063 C  CB  . VAL A 1 128 ? 13.063  -7.075  3.940   1.00 56.12  ? 327 VAL A CB  1 
ATOM   1064 C  CG1 . VAL A 1 128 ? 14.237  -6.710  3.034   1.00 56.35  ? 327 VAL A CG1 1 
ATOM   1065 C  CG2 . VAL A 1 128 ? 11.881  -7.487  3.133   1.00 50.33  ? 327 VAL A CG2 1 
ATOM   1066 N  N   . GLU A 1 129 ? 15.556  -9.155  4.279   1.00 57.06  ? 328 GLU A N   1 
ATOM   1067 C  CA  . GLU A 1 129 ? 16.996  -9.341  4.350   1.00 57.92  ? 328 GLU A CA  1 
ATOM   1068 C  C   . GLU A 1 129 ? 17.671  -8.753  3.126   1.00 60.61  ? 328 GLU A C   1 
ATOM   1069 O  O   . GLU A 1 129 ? 17.210  -8.921  1.996   1.00 67.76  ? 328 GLU A O   1 
ATOM   1070 C  CB  . GLU A 1 129 ? 17.312  -10.805 4.464   1.00 60.23  ? 328 GLU A CB  1 
ATOM   1071 C  CG  . GLU A 1 129 ? 16.591  -11.443 5.576   1.00 65.30  ? 328 GLU A CG  1 
ATOM   1072 C  CD  . GLU A 1 129 ? 16.872  -12.886 5.602   1.00 71.00  ? 328 GLU A CD  1 
ATOM   1073 O  OE1 . GLU A 1 129 ? 17.419  -13.416 4.598   1.00 74.90  ? 328 GLU A OE1 1 
ATOM   1074 O  OE2 . GLU A 1 129 ? 16.518  -13.471 6.634   1.00 74.68  ? 328 GLU A OE2 1 
ATOM   1075 N  N   . LEU A 1 130 ? 18.753  -8.032  3.337   1.00 59.76  ? 329 LEU A N   1 
ATOM   1076 C  CA  . LEU A 1 130 ? 19.374  -7.370  2.214   1.00 60.03  ? 329 LEU A CA  1 
ATOM   1077 C  C   . LEU A 1 130 ? 20.879  -7.238  2.458   1.00 59.95  ? 329 LEU A C   1 
ATOM   1078 O  O   . LEU A 1 130 ? 21.321  -7.063  3.602   1.00 57.73  ? 329 LEU A O   1 
ATOM   1079 C  CB  . LEU A 1 130 ? 18.684  -6.024  1.955   1.00 62.69  ? 329 LEU A CB  1 
ATOM   1080 C  CG  . LEU A 1 130 ? 18.711  -4.884  2.968   1.00 63.28  ? 329 LEU A CG  1 
ATOM   1081 C  CD1 . LEU A 1 130 ? 17.908  -3.708  2.450   1.00 68.39  ? 329 LEU A CD1 1 
ATOM   1082 C  CD2 . LEU A 1 130 ? 18.190  -5.313  4.316   1.00 67.29  ? 329 LEU A CD2 1 
ATOM   1083 N  N   . HIS A 1 131 ? 21.655  -7.394  1.386   1.00 58.40  ? 330 HIS A N   1 
ATOM   1084 C  CA  . HIS A 1 131 ? 23.104  -7.404  1.486   1.00 60.65  ? 330 HIS A CA  1 
ATOM   1085 C  C   . HIS A 1 131 ? 23.656  -6.119  2.059   1.00 63.32  ? 330 HIS A C   1 
ATOM   1086 O  O   . HIS A 1 131 ? 23.617  -5.071  1.417   1.00 67.34  ? 330 HIS A O   1 
ATOM   1087 C  CB  . HIS A 1 131 ? 23.739  -7.671  0.124   1.00 60.76  ? 330 HIS A CB  1 
ATOM   1088 C  CG  . HIS A 1 131 ? 23.401  -9.010  -0.453  1.00 60.46  ? 330 HIS A CG  1 
ATOM   1089 N  ND1 . HIS A 1 131 ? 22.467  -9.183  -1.452  1.00 63.95  ? 330 HIS A ND1 1 
ATOM   1090 C  CD2 . HIS A 1 131 ? 23.875  -10.245 -0.165  1.00 62.88  ? 330 HIS A CD2 1 
ATOM   1091 C  CE1 . HIS A 1 131 ? 22.386  -10.466 -1.760  1.00 66.61  ? 330 HIS A CE1 1 
ATOM   1092 N  NE2 . HIS A 1 131 ? 23.229  -11.133 -0.991  1.00 67.14  ? 330 HIS A NE2 1 
ATOM   1093 N  N   . ARG A 1 132 ? 24.139  -6.230  3.289   1.00 65.61  ? 331 ARG A N   1 
ATOM   1094 C  CA  . ARG A 1 132 ? 24.878  -5.192  3.986   1.00 68.85  ? 331 ARG A CA  1 
ATOM   1095 C  C   . ARG A 1 132 ? 26.313  -5.233  3.543   1.00 78.27  ? 331 ARG A C   1 
ATOM   1096 O  O   . ARG A 1 132 ? 26.973  -6.234  3.863   1.00 77.96  ? 331 ARG A O   1 
ATOM   1097 C  CB  . ARG A 1 132 ? 24.803  -5.438  5.496   1.00 69.78  ? 331 ARG A CB  1 
ATOM   1098 C  CG  . ARG A 1 132 ? 25.841  -4.772  6.437   1.00 76.86  ? 331 ARG A CG  1 
ATOM   1099 C  CD  . ARG A 1 132 ? 26.292  -3.388  6.035   1.00 83.04  ? 331 ARG A CD  1 
ATOM   1100 N  NE  . ARG A 1 132 ? 25.145  -2.538  5.723   1.00 84.11  ? 331 ARG A NE  1 
ATOM   1101 C  CZ  . ARG A 1 132 ? 24.497  -1.799  6.618   1.00 77.89  ? 331 ARG A CZ  1 
ATOM   1102 N  NH1 . ARG A 1 132 ? 24.869  -1.817  7.888   1.00 77.47  ? 331 ARG A NH1 1 
ATOM   1103 N  NH2 . ARG A 1 132 ? 23.478  -1.040  6.242   1.00 77.44  ? 331 ARG A NH2 1 
ATOM   1104 N  N   . HIS A 1 133 ? 26.784  -4.171  2.860   1.00 86.54  ? 332 HIS A N   1 
ATOM   1105 C  CA  . HIS A 1 133 ? 28.211  -3.971  2.538   1.00 88.78  ? 332 HIS A CA  1 
ATOM   1106 C  C   . HIS A 1 133 ? 28.433  -2.896  1.454   1.00 96.49  ? 332 HIS A C   1 
ATOM   1107 O  O   . HIS A 1 133 ? 27.800  -2.877  0.405   1.00 94.92  ? 332 HIS A O   1 
ATOM   1108 C  CB  . HIS A 1 133 ? 28.839  -5.311  2.133   1.00 88.58  ? 332 HIS A CB  1 
ATOM   1109 C  CG  . HIS A 1 133 ? 30.318  -5.268  1.920   1.00 97.68  ? 332 HIS A CG  1 
ATOM   1110 N  ND1 . HIS A 1 133 ? 31.106  -6.405  2.076   1.00 100.82 ? 332 HIS A ND1 1 
ATOM   1111 C  CD2 . HIS A 1 133 ? 31.165  -4.291  1.517   1.00 96.11  ? 332 HIS A CD2 1 
ATOM   1112 C  CE1 . HIS A 1 133 ? 32.354  -6.106  1.802   1.00 102.64 ? 332 HIS A CE1 1 
ATOM   1113 N  NE2 . HIS A 1 133 ? 32.426  -4.828  1.445   1.00 101.25 ? 332 HIS A NE2 1 
ATOM   1114 N  N   . ALA B 2 1   ? -8.140  -15.707 -10.122 1.00 38.75  ? 24  ALA B N   1 
ATOM   1115 C  CA  . ALA B 2 1   ? -9.400  -14.934 -10.098 1.00 48.39  ? 24  ALA B CA  1 
ATOM   1116 C  C   . ALA B 2 1   ? -9.332  -13.769 -9.117  1.00 42.90  ? 24  ALA B C   1 
ATOM   1117 O  O   . ALA B 2 1   ? -9.108  -13.992 -7.926  1.00 39.20  ? 24  ALA B O   1 
ATOM   1118 C  CB  . ALA B 2 1   ? -10.595 -15.839 -9.737  1.00 42.24  ? 24  ALA B CB  1 
ATOM   1119 N  N   . ALA B 2 2   ? -9.561  -12.540 -9.600  1.00 41.00  ? 25  ALA B N   1 
ATOM   1120 C  CA  . ALA B 2 2   ? -9.371  -11.343 -8.766  1.00 35.63  ? 25  ALA B CA  1 
ATOM   1121 C  C   . ALA B 2 2   ? -10.670 -10.905 -8.137  1.00 36.05  ? 25  ALA B C   1 
ATOM   1122 O  O   . ALA B 2 2   ? -11.588 -10.451 -8.823  1.00 37.77  ? 25  ALA B O   1 
ATOM   1123 C  CB  . ALA B 2 2   ? -8.767  -10.191 -9.581  1.00 28.41  ? 25  ALA B CB  1 
ATOM   1124 N  N   . ARG B 2 3   ? -10.725 -11.003 -6.816  1.00 37.82  ? 26  ARG B N   1 
ATOM   1125 C  CA  . ARG B 2 3   ? -11.958 -10.798 -6.079  1.00 34.27  ? 26  ARG B CA  1 
ATOM   1126 C  C   . ARG B 2 3   ? -11.932 -9.509  -5.285  1.00 37.21  ? 26  ARG B C   1 
ATOM   1127 O  O   . ARG B 2 3   ? -10.930 -9.197  -4.638  1.00 35.14  ? 26  ARG B O   1 
ATOM   1128 C  CB  . ARG B 2 3   ? -12.219 -11.985 -5.141  1.00 29.63  ? 26  ARG B CB  1 
ATOM   1129 C  CG  . ARG B 2 3   ? -12.788 -13.221 -5.869  1.00 39.76  ? 26  ARG B CG  1 
ATOM   1130 C  CD  . ARG B 2 3   ? -12.930 -14.474 -4.983  1.00 41.22  ? 26  ARG B CD  1 
ATOM   1131 N  NE  . ARG B 2 3   ? -12.320 -15.632 -5.642  1.00 47.58  ? 26  ARG B NE  1 
ATOM   1132 C  CZ  . ARG B 2 3   ? -12.978 -16.479 -6.429  1.00 44.73  ? 26  ARG B CZ  1 
ATOM   1133 N  NH1 . ARG B 2 3   ? -14.269 -16.304 -6.637  1.00 46.99  ? 26  ARG B NH1 1 
ATOM   1134 N  NH2 . ARG B 2 3   ? -12.343 -17.491 -7.017  1.00 43.59  ? 26  ARG B NH2 1 
HETATM 1135 O  OH  . ALY B 2 4   ? -13.116 0.100   -5.402  1.00 42.32  ? 27  ALY B OH  1 
HETATM 1136 C  CH  . ALY B 2 4   ? -12.867 -0.316  -6.550  1.00 39.91  ? 27  ALY B CH  1 
HETATM 1137 C  CH3 . ALY B 2 4   ? -12.670 0.612   -7.718  1.00 36.12  ? 27  ALY B CH3 1 
HETATM 1138 N  NZ  . ALY B 2 4   ? -12.772 -1.676  -6.770  1.00 41.18  ? 27  ALY B NZ  1 
HETATM 1139 C  CE  . ALY B 2 4   ? -12.967 -2.581  -5.682  1.00 38.21  ? 27  ALY B CE  1 
HETATM 1140 C  CD  . ALY B 2 4   ? -12.786 -4.031  -6.107  1.00 38.11  ? 27  ALY B CD  1 
HETATM 1141 C  CG  . ALY B 2 4   ? -13.156 -4.985  -4.986  1.00 35.40  ? 27  ALY B CG  1 
HETATM 1142 C  CB  . ALY B 2 4   ? -13.074 -6.351  -5.612  1.00 35.96  ? 27  ALY B CB  1 
HETATM 1143 C  CA  . ALY B 2 4   ? -13.215 -7.520  -4.637  1.00 37.01  ? 27  ALY B CA  1 
HETATM 1144 N  N   . ALY B 2 4   ? -13.054 -8.784  -5.324  1.00 37.33  ? 27  ALY B N   1 
HETATM 1145 C  C   . ALY B 2 4   ? -14.638 -7.446  -4.067  1.00 39.49  ? 27  ALY B C   1 
HETATM 1146 O  O   . ALY B 2 4   ? -15.644 -7.677  -4.748  1.00 40.38  ? 27  ALY B O   1 
ATOM   1147 N  N   . SER B 2 5   ? -14.751 -7.124  -2.780  1.00 34.03  ? 28  SER B N   1 
ATOM   1148 C  CA  . SER B 2 5   ? -16.069 -7.010  -2.179  1.00 38.09  ? 28  SER B CA  1 
ATOM   1149 C  C   . SER B 2 5   ? -16.221 -5.726  -1.329  1.00 39.84  ? 28  SER B C   1 
ATOM   1150 O  O   . SER B 2 5   ? -15.269 -5.273  -0.687  1.00 38.19  ? 28  SER B O   1 
ATOM   1151 C  CB  . SER B 2 5   ? -16.361 -8.249  -1.327  1.00 40.29  ? 28  SER B CB  1 
ATOM   1152 O  OG  . SER B 2 5   ? -15.896 -8.091  0.004   1.00 42.50  ? 28  SER B OG  1 
ATOM   1153 N  N   . ALA B 2 6   ? -17.405 -5.125  -1.338  1.00 40.21  ? 29  ALA B N   1 
ATOM   1154 C  CA  . ALA B 2 6   ? -17.626 -3.947  -0.508  1.00 43.16  ? 29  ALA B CA  1 
ATOM   1155 C  C   . ALA B 2 6   ? -17.818 -4.392  0.928   1.00 46.69  ? 29  ALA B C   1 
ATOM   1156 O  O   . ALA B 2 6   ? -18.380 -5.454  1.163   1.00 49.71  ? 29  ALA B O   1 
ATOM   1157 C  CB  . ALA B 2 6   ? -18.822 -3.169  -0.987  1.00 40.37  ? 29  ALA B CB  1 
ATOM   1158 N  N   . PRO B 2 7   ? -17.352 -3.584  1.895   1.00 49.90  ? 30  PRO B N   1 
ATOM   1159 C  CA  . PRO B 2 7   ? -17.483 -3.877  3.334   1.00 50.40  ? 30  PRO B CA  1 
ATOM   1160 C  C   . PRO B 2 7   ? -18.942 -3.969  3.778   1.00 47.60  ? 30  PRO B C   1 
ATOM   1161 O  O   . PRO B 2 7   ? -19.333 -4.802  4.597   1.00 48.27  ? 30  PRO B O   1 
ATOM   1162 C  CB  . PRO B 2 7   ? -16.813 -2.664  4.002   1.00 53.38  ? 30  PRO B CB  1 
ATOM   1163 C  CG  . PRO B 2 7   ? -15.966 -2.044  2.949   1.00 45.96  ? 30  PRO B CG  1 
ATOM   1164 C  CD  . PRO B 2 7   ? -16.700 -2.283  1.662   1.00 47.30  ? 30  PRO B CD  1 
ATOM   1165 N  N   . ALA B 2 8   ? -19.745 -3.067  3.234   1.00 51.06  ? 31  ALA B N   1 
ATOM   1166 C  CA  . ALA B 2 8   ? -21.142 -2.988  3.612   1.00 55.04  ? 31  ALA B CA  1 
ATOM   1167 C  C   . ALA B 2 8   ? -22.037 -3.569  2.519   1.00 54.61  ? 31  ALA B C   1 
ATOM   1168 O  O   . ALA B 2 8   ? -23.069 -2.983  2.176   1.00 54.15  ? 31  ALA B O   1 
ATOM   1169 C  CB  . ALA B 2 8   ? -21.518 -1.545  3.909   1.00 48.46  ? 31  ALA B CB  1 
HETATM 1170 N  N   . NH4 C 3 .   ? -8.776  14.475  2.003   1.00 42.81  ? 401 NH4 A N   1 
HETATM 1171 N  N   . NH4 D 3 .   ? 14.526  -1.954  11.791  1.00 43.06  ? 403 NH4 A N   1 
HETATM 1172 N  N   . NH4 E 3 .   ? 6.575   9.460   -7.672  1.00 24.70  ? 404 NH4 A N   1 
HETATM 1173 CL CL  . CL  F 4 .   ? -18.797 -7.781  9.863   0.25 74.61  ? 405 CL  A CL  1 
HETATM 1174 O  O   . HOH G 5 .   ? 27.300  -21.144 -0.802  1.00 62.14  ? 501 HOH A O   1 
HETATM 1175 O  O   . HOH G 5 .   ? -15.865 -0.725  -9.723  1.00 47.86  ? 502 HOH A O   1 
HETATM 1176 O  O   . HOH G 5 .   ? -11.545 -0.197  -15.341 1.00 53.15  ? 503 HOH A O   1 
HETATM 1177 O  O   . HOH G 5 .   ? -6.617  -6.086  6.404   1.00 40.16  ? 504 HOH A O   1 
HETATM 1178 O  O   . HOH G 5 .   ? -18.514 0.132   -0.478  1.00 41.51  ? 505 HOH A O   1 
HETATM 1179 O  O   . HOH G 5 .   ? -6.015  -9.823  6.309   1.00 49.69  ? 506 HOH A O   1 
HETATM 1180 O  O   . HOH G 5 .   ? -15.216 7.542   7.609   1.00 44.90  ? 507 HOH A O   1 
HETATM 1181 O  O   . HOH G 5 .   ? -9.293  -6.929  2.595   1.00 38.03  ? 508 HOH A O   1 
HETATM 1182 O  O   . HOH G 5 .   ? -24.123 4.488   -1.757  1.00 47.71  ? 509 HOH A O   1 
HETATM 1183 O  O   . HOH G 5 .   ? -17.560 13.893  -13.167 1.00 50.74  ? 510 HOH A O   1 
HETATM 1184 O  O   . HOH G 5 .   ? -23.135 2.240   -2.410  1.00 53.26  ? 511 HOH A O   1 
HETATM 1185 O  O   . HOH H 5 .   ? -15.085 -6.882  2.112   1.00 37.14  ? 101 HOH B O   1 
HETATM 1186 O  O   . HOH H 5 .   ? -11.158 0.293   -3.471  1.00 37.07  ? 102 HOH B O   1 
# 
